data_7S3U
# 
_entry.id   7S3U 
# 
_audit_conform.dict_name       mmcif_pdbx.dic 
_audit_conform.dict_version    5.380 
_audit_conform.dict_location   http://mmcif.pdb.org/dictionaries/ascii/mmcif_pdbx.dic 
# 
loop_
_database_2.database_id 
_database_2.database_code 
_database_2.pdbx_database_accession 
_database_2.pdbx_DOI 
PDB   7S3U         pdb_00007s3u 10.2210/pdb7s3u/pdb 
WWPDB D_1000259580 ?            ?                   
# 
_pdbx_database_status.status_code                     REL 
_pdbx_database_status.status_code_sf                  REL 
_pdbx_database_status.status_code_mr                  ? 
_pdbx_database_status.entry_id                        7S3U 
_pdbx_database_status.recvd_initial_deposition_date   2021-09-08 
_pdbx_database_status.SG_entry                        N 
_pdbx_database_status.deposit_site                    RCSB 
_pdbx_database_status.process_site                    RCSB 
_pdbx_database_status.status_code_cs                  ? 
_pdbx_database_status.status_code_nmr_data            ? 
_pdbx_database_status.methods_development_category    ? 
_pdbx_database_status.pdb_format_compatible           Y 
# 
loop_
_audit_author.name 
_audit_author.pdbx_ordinal 
_audit_author.identifier_ORCID 
'Griffiths, W.A.' 1 ? 
'Spencer, K.D.'   2 ? 
'Thoden, J.B.'    3 ? 
'Holden, H.M.'    4 ? 
# 
_citation.abstract                  ? 
_citation.abstract_id_CAS           ? 
_citation.book_id_ISBN              ? 
_citation.book_publisher            ? 
_citation.book_publisher_city       ? 
_citation.book_title                ? 
_citation.coordinate_linkage        ? 
_citation.country                   US 
_citation.database_id_Medline       ? 
_citation.details                   ? 
_citation.id                        primary 
_citation.journal_abbrev            'Protein Sci.' 
_citation.journal_id_ASTM           PRCIEI 
_citation.journal_id_CSD            0795 
_citation.journal_id_ISSN           1469-896X 
_citation.journal_full              ? 
_citation.journal_issue             ? 
_citation.journal_volume            30 
_citation.language                  ? 
_citation.page_first                2418 
_citation.page_last                 2432 
_citation.title                     'Biochemical investigation of an N-acetyltransferase from Helicobacter pullorum.' 
_citation.year                      2021 
_citation.database_id_CSD           ? 
_citation.pdbx_database_id_DOI      10.1002/pro.4207 
_citation.pdbx_database_id_PubMed   34651380 
_citation.pdbx_database_id_patent   ? 
_citation.unpublished_flag          ? 
# 
loop_
_citation_author.citation_id 
_citation_author.name 
_citation_author.ordinal 
_citation_author.identifier_ORCID 
primary 'Griffiths, W.A.' 1 ? 
primary 'Spencer, K.D.'   2 ? 
primary 'Thoden, J.B.'    3 ? 
primary 'Holden, H.M.'    4 ? 
# 
_cell.angle_alpha                  90.000 
_cell.angle_alpha_esd              ? 
_cell.angle_beta                   90.000 
_cell.angle_beta_esd               ? 
_cell.angle_gamma                  90.000 
_cell.angle_gamma_esd              ? 
_cell.entry_id                     7S3U 
_cell.details                      ? 
_cell.formula_units_Z              ? 
_cell.length_a                     102.970 
_cell.length_a_esd                 ? 
_cell.length_b                     102.970 
_cell.length_b_esd                 ? 
_cell.length_c                     102.970 
_cell.length_c_esd                 ? 
_cell.volume                       ? 
_cell.volume_esd                   ? 
_cell.Z_PDB                        24 
_cell.reciprocal_angle_alpha       ? 
_cell.reciprocal_angle_beta        ? 
_cell.reciprocal_angle_gamma       ? 
_cell.reciprocal_angle_alpha_esd   ? 
_cell.reciprocal_angle_beta_esd    ? 
_cell.reciprocal_angle_gamma_esd   ? 
_cell.reciprocal_length_a          ? 
_cell.reciprocal_length_b          ? 
_cell.reciprocal_length_c          ? 
_cell.reciprocal_length_a_esd      ? 
_cell.reciprocal_length_b_esd      ? 
_cell.reciprocal_length_c_esd      ? 
_cell.pdbx_unique_axis             ? 
# 
_symmetry.entry_id                         7S3U 
_symmetry.cell_setting                     ? 
_symmetry.Int_Tables_number                197 
_symmetry.space_group_name_Hall            ? 
_symmetry.space_group_name_H-M             'I 2 3' 
_symmetry.pdbx_full_space_group_name_H-M   ? 
# 
loop_
_entity.id 
_entity.type 
_entity.src_method 
_entity.pdbx_description 
_entity.formula_weight 
_entity.pdbx_number_of_molecules 
_entity.pdbx_ec 
_entity.pdbx_mutation 
_entity.pdbx_fragment 
_entity.details 
1 polymer     man N-acetyltransferase 18154.758 1   ? ? ? ? 
2 non-polymer syn 'COENZYME A' 767.534   1   ? ? ? ? 
3 non-polymer syn 
;[(3R,4S,5S,6R)-4-amino-3,5-dihydroxy-6-methyloxan-2-yl][hydroxy-[[(2R,3S,5R)-3-hydroxy-5-(5-methyl-2,4-dioxopyrimidin-1-yl)oxolan-2-yl]methoxy]phosphoryl] hydrogen phosphate
;
547.345   1   ? ? ? ? 
4 non-polymer syn 1,2-ETHANEDIOL 62.068    1   ? ? ? ? 
5 water       nat water 18.015    176 ? ? ? ? 
# 
_entity_poly.entity_id                      1 
_entity_poly.type                           'polypeptide(L)' 
_entity_poly.nstd_linkage                   no 
_entity_poly.nstd_monomer                   no 
_entity_poly.pdbx_seq_one_letter_code       
;MHSSHHHHHHSSENLYFQGGGHMIHKLADVQSKNIGSGTRIWQFCVVLPSAIIGENCNICSHCFIENDVKIGNNVTIKCG
VQIWDGIEIEDDVFIGPNVTFCNDKYPRSKQYPKEFSKTIIKKGASIGANATILPGITIGENAMIGAGAIVTKDVLPHVT
YYSKI
;
_entity_poly.pdbx_seq_one_letter_code_can   
;MHSSHHHHHHSSENLYFQGGGHMIHKLADVQSKNIGSGTRIWQFCVVLPSAIIGENCNICSHCFIENDVKIGNNVTIKCG
VQIWDGIEIEDDVFIGPNVTFCNDKYPRSKQYPKEFSKTIIKKGASIGANATILPGITIGENAMIGAGAIVTKDVLPHVT
YYSKI
;
_entity_poly.pdbx_strand_id                 A 
_entity_poly.pdbx_target_identifier         ? 
# 
loop_
_entity_poly_seq.entity_id 
_entity_poly_seq.num 
_entity_poly_seq.mon_id 
_entity_poly_seq.hetero 
1 1   MET n 
1 2   HIS n 
1 3   SER n 
1 4   SER n 
1 5   HIS n 
1 6   HIS n 
1 7   HIS n 
1 8   HIS n 
1 9   HIS n 
1 10  HIS n 
1 11  SER n 
1 12  SER n 
1 13  GLU n 
1 14  ASN n 
1 15  LEU n 
1 16  TYR n 
1 17  PHE n 
1 18  GLN n 
1 19  GLY n 
1 20  GLY n 
1 21  GLY n 
1 22  HIS n 
1 23  MET n 
1 24  ILE n 
1 25  HIS n 
1 26  LYS n 
1 27  LEU n 
1 28  ALA n 
1 29  ASP n 
1 30  VAL n 
1 31  GLN n 
1 32  SER n 
1 33  LYS n 
1 34  ASN n 
1 35  ILE n 
1 36  GLY n 
1 37  SER n 
1 38  GLY n 
1 39  THR n 
1 40  ARG n 
1 41  ILE n 
1 42  TRP n 
1 43  GLN n 
1 44  PHE n 
1 45  CYS n 
1 46  VAL n 
1 47  VAL n 
1 48  LEU n 
1 49  PRO n 
1 50  SER n 
1 51  ALA n 
1 52  ILE n 
1 53  ILE n 
1 54  GLY n 
1 55  GLU n 
1 56  ASN n 
1 57  CYS n 
1 58  ASN n 
1 59  ILE n 
1 60  CYS n 
1 61  SER n 
1 62  HIS n 
1 63  CYS n 
1 64  PHE n 
1 65  ILE n 
1 66  GLU n 
1 67  ASN n 
1 68  ASP n 
1 69  VAL n 
1 70  LYS n 
1 71  ILE n 
1 72  GLY n 
1 73  ASN n 
1 74  ASN n 
1 75  VAL n 
1 76  THR n 
1 77  ILE n 
1 78  LYS n 
1 79  CYS n 
1 80  GLY n 
1 81  VAL n 
1 82  GLN n 
1 83  ILE n 
1 84  TRP n 
1 85  ASP n 
1 86  GLY n 
1 87  ILE n 
1 88  GLU n 
1 89  ILE n 
1 90  GLU n 
1 91  ASP n 
1 92  ASP n 
1 93  VAL n 
1 94  PHE n 
1 95  ILE n 
1 96  GLY n 
1 97  PRO n 
1 98  ASN n 
1 99  VAL n 
1 100 THR n 
1 101 PHE n 
1 102 CYS n 
1 103 ASN n 
1 104 ASP n 
1 105 LYS n 
1 106 TYR n 
1 107 PRO n 
1 108 ARG n 
1 109 SER n 
1 110 LYS n 
1 111 GLN n 
1 112 TYR n 
1 113 PRO n 
1 114 LYS n 
1 115 GLU n 
1 116 PHE n 
1 117 SER n 
1 118 LYS n 
1 119 THR n 
1 120 ILE n 
1 121 ILE n 
1 122 LYS n 
1 123 LYS n 
1 124 GLY n 
1 125 ALA n 
1 126 SER n 
1 127 ILE n 
1 128 GLY n 
1 129 ALA n 
1 130 ASN n 
1 131 ALA n 
1 132 THR n 
1 133 ILE n 
1 134 LEU n 
1 135 PRO n 
1 136 GLY n 
1 137 ILE n 
1 138 THR n 
1 139 ILE n 
1 140 GLY n 
1 141 GLU n 
1 142 ASN n 
1 143 ALA n 
1 144 MET n 
1 145 ILE n 
1 146 GLY n 
1 147 ALA n 
1 148 GLY n 
1 149 ALA n 
1 150 ILE n 
1 151 VAL n 
1 152 THR n 
1 153 LYS n 
1 154 ASP n 
1 155 VAL n 
1 156 LEU n 
1 157 PRO n 
1 158 HIS n 
1 159 VAL n 
1 160 THR n 
1 161 TYR n 
1 162 TYR n 
1 163 SER n 
1 164 LYS n 
1 165 ILE n 
# 
_entity_src_gen.entity_id                          1 
_entity_src_gen.pdbx_src_id                        1 
_entity_src_gen.pdbx_alt_source_flag               sample 
_entity_src_gen.pdbx_seq_type                      'Biological sequence' 
_entity_src_gen.pdbx_beg_seq_num                   1 
_entity_src_gen.pdbx_end_seq_num                   165 
_entity_src_gen.gene_src_common_name               ? 
_entity_src_gen.gene_src_genus                     ? 
_entity_src_gen.pdbx_gene_src_gene                 BA919_rs02330 
_entity_src_gen.gene_src_species                   ? 
_entity_src_gen.gene_src_strain                    NAP8W25 
_entity_src_gen.gene_src_tissue                    ? 
_entity_src_gen.gene_src_tissue_fraction           ? 
_entity_src_gen.gene_src_details                   ? 
_entity_src_gen.pdbx_gene_src_fragment             ? 
_entity_src_gen.pdbx_gene_src_scientific_name      'Helicobacter pullorum' 
_entity_src_gen.pdbx_gene_src_ncbi_taxonomy_id     35818 
_entity_src_gen.pdbx_gene_src_variant              ? 
_entity_src_gen.pdbx_gene_src_cell_line            ? 
_entity_src_gen.pdbx_gene_src_atcc                 ? 
_entity_src_gen.pdbx_gene_src_organ                ? 
_entity_src_gen.pdbx_gene_src_organelle            ? 
_entity_src_gen.pdbx_gene_src_cell                 ? 
_entity_src_gen.pdbx_gene_src_cellular_location    ? 
_entity_src_gen.host_org_common_name               ? 
_entity_src_gen.pdbx_host_org_scientific_name      'Escherichia coli' 
_entity_src_gen.pdbx_host_org_ncbi_taxonomy_id     562 
_entity_src_gen.host_org_genus                     ? 
_entity_src_gen.pdbx_host_org_gene                 ? 
_entity_src_gen.pdbx_host_org_organ                ? 
_entity_src_gen.host_org_species                   ? 
_entity_src_gen.pdbx_host_org_tissue               ? 
_entity_src_gen.pdbx_host_org_tissue_fraction      ? 
_entity_src_gen.pdbx_host_org_strain               ? 
_entity_src_gen.pdbx_host_org_variant              ? 
_entity_src_gen.pdbx_host_org_cell_line            ? 
_entity_src_gen.pdbx_host_org_atcc                 ? 
_entity_src_gen.pdbx_host_org_culture_collection   ? 
_entity_src_gen.pdbx_host_org_cell                 ? 
_entity_src_gen.pdbx_host_org_organelle            ? 
_entity_src_gen.pdbx_host_org_cellular_location    ? 
_entity_src_gen.pdbx_host_org_vector_type          ? 
_entity_src_gen.pdbx_host_org_vector               ? 
_entity_src_gen.host_org_details                   ? 
_entity_src_gen.expression_system_id               ? 
_entity_src_gen.plasmid_name                       ? 
_entity_src_gen.plasmid_details                    ? 
_entity_src_gen.pdbx_description                   ? 
# 
_struct_ref.id                         1 
_struct_ref.db_name                    PDB 
_struct_ref.db_code                    7S3U 
_struct_ref.pdbx_db_accession          7S3U 
_struct_ref.pdbx_db_isoform            ? 
_struct_ref.entity_id                  1 
_struct_ref.pdbx_seq_one_letter_code   ? 
_struct_ref.pdbx_align_begin           1 
# 
_struct_ref_seq.align_id                      1 
_struct_ref_seq.ref_id                        1 
_struct_ref_seq.pdbx_PDB_id_code              7S3U 
_struct_ref_seq.pdbx_strand_id                A 
_struct_ref_seq.seq_align_beg                 1 
_struct_ref_seq.pdbx_seq_align_beg_ins_code   ? 
_struct_ref_seq.seq_align_end                 165 
_struct_ref_seq.pdbx_seq_align_end_ins_code   ? 
_struct_ref_seq.pdbx_db_accession             7S3U 
_struct_ref_seq.db_align_beg                  -21 
_struct_ref_seq.pdbx_db_align_beg_ins_code    ? 
_struct_ref_seq.db_align_end                  143 
_struct_ref_seq.pdbx_db_align_end_ins_code    ? 
_struct_ref_seq.pdbx_auth_seq_align_beg       -21 
_struct_ref_seq.pdbx_auth_seq_align_end       143 
# 
loop_
_chem_comp.id 
_chem_comp.type 
_chem_comp.mon_nstd_flag 
_chem_comp.name 
_chem_comp.pdbx_synonyms 
_chem_comp.formula 
_chem_comp.formula_weight 
ALA 'L-peptide linking' y ALANINE ?                                                             'C3 H7 N O2'          89.093  
ARG 'L-peptide linking' y ARGININE ?                                                             'C6 H15 N4 O2 1'      175.209 
ASN 'L-peptide linking' y ASPARAGINE ?                                                             'C4 H8 N2 O3'         132.118 
ASP 'L-peptide linking' y 'ASPARTIC ACID' ?                                                             'C4 H7 N O4'          
133.103 
COA non-polymer         . 'COENZYME A' ?                                                             'C21 H36 N7 O16 P3 S' 767.534 
CYS 'L-peptide linking' y CYSTEINE ?                                                             'C3 H7 N O2 S'        121.158 
EDO non-polymer         . 1,2-ETHANEDIOL 'ETHYLENE GLYCOL'                                             'C2 H6 O2'            
62.068  
GLN 'L-peptide linking' y GLUTAMINE ?                                                             'C5 H10 N2 O3'        146.144 
GLU 'L-peptide linking' y 'GLUTAMIC ACID' ?                                                             'C5 H9 N O4'          
147.129 
GLY 'peptide linking'   y GLYCINE ?                                                             'C2 H5 N O2'          75.067  
HIS 'L-peptide linking' y HISTIDINE ?                                                             'C6 H10 N3 O2 1'      156.162 
HOH non-polymer         . WATER ?                                                             'H2 O'                18.015  
ILE 'L-peptide linking' y ISOLEUCINE ?                                                             'C6 H13 N O2'         131.173 
LEU 'L-peptide linking' y LEUCINE ?                                                             'C6 H13 N O2'         131.173 
LYS 'L-peptide linking' y LYSINE ?                                                             'C6 H15 N2 O2 1'      147.195 
MET 'L-peptide linking' y METHIONINE ?                                                             'C5 H11 N O2 S'       149.211 
PHE 'L-peptide linking' y PHENYLALANINE ?                                                             'C9 H11 N O2'         
165.189 
PRO 'L-peptide linking' y PROLINE ?                                                             'C5 H9 N O2'          115.130 
SER 'L-peptide linking' y SERINE ?                                                             'C3 H7 N O3'          105.093 
T3Q non-polymer         . 
;[(3R,4S,5S,6R)-4-amino-3,5-dihydroxy-6-methyloxan-2-yl][hydroxy-[[(2R,3S,5R)-3-hydroxy-5-(5-methyl-2,4-dioxopyrimidin-1-yl)oxolan-2-yl]methoxy]phosphoryl] hydrogen phosphate
;
"thymidine-5'-diphosphate-alpha-D-3,6-dideoxy-3-aminoglucose" 'C16 H27 N3 O14 P2'   547.345 
THR 'L-peptide linking' y THREONINE ?                                                             'C4 H9 N O3'          119.119 
TRP 'L-peptide linking' y TRYPTOPHAN ?                                                             'C11 H12 N2 O2'       204.225 
TYR 'L-peptide linking' y TYROSINE ?                                                             'C9 H11 N O3'         181.189 
VAL 'L-peptide linking' y VALINE ?                                                             'C5 H11 N O2'         117.146 
# 
_exptl.absorpt_coefficient_mu     ? 
_exptl.absorpt_correction_T_max   ? 
_exptl.absorpt_correction_T_min   ? 
_exptl.absorpt_correction_type    ? 
_exptl.absorpt_process_details    ? 
_exptl.entry_id                   7S3U 
_exptl.crystals_number            1 
_exptl.details                    ? 
_exptl.method                     'X-RAY DIFFRACTION' 
_exptl.method_details             ? 
# 
_exptl_crystal.colour                      ? 
_exptl_crystal.density_diffrn              ? 
_exptl_crystal.density_Matthews            2.51 
_exptl_crystal.density_method              ? 
_exptl_crystal.density_percent_sol         50.91 
_exptl_crystal.description                 ? 
_exptl_crystal.F_000                       ? 
_exptl_crystal.id                          1 
_exptl_crystal.preparation                 ? 
_exptl_crystal.size_max                    ? 
_exptl_crystal.size_mid                    ? 
_exptl_crystal.size_min                    ? 
_exptl_crystal.size_rad                    ? 
_exptl_crystal.colour_lustre               ? 
_exptl_crystal.colour_modifier             ? 
_exptl_crystal.colour_primary              ? 
_exptl_crystal.density_meas                ? 
_exptl_crystal.density_meas_esd            ? 
_exptl_crystal.density_meas_gt             ? 
_exptl_crystal.density_meas_lt             ? 
_exptl_crystal.density_meas_temp           ? 
_exptl_crystal.density_meas_temp_esd       ? 
_exptl_crystal.density_meas_temp_gt        ? 
_exptl_crystal.density_meas_temp_lt        ? 
_exptl_crystal.pdbx_crystal_image_url      ? 
_exptl_crystal.pdbx_crystal_image_format   ? 
_exptl_crystal.pdbx_mosaicity              ? 
_exptl_crystal.pdbx_mosaicity_esd          ? 
# 
_exptl_crystal_grow.apparatus       ? 
_exptl_crystal_grow.atmosphere      ? 
_exptl_crystal_grow.crystal_id      1 
_exptl_crystal_grow.details         ? 
_exptl_crystal_grow.method          'VAPOR DIFFUSION, HANGING DROP' 
_exptl_crystal_grow.method_ref      ? 
_exptl_crystal_grow.pH              8 
_exptl_crystal_grow.pressure        ? 
_exptl_crystal_grow.pressure_esd    ? 
_exptl_crystal_grow.seeding         ? 
_exptl_crystal_grow.seeding_ref     ? 
_exptl_crystal_grow.temp            293 
_exptl_crystal_grow.temp_details    ? 
_exptl_crystal_grow.temp_esd        ? 
_exptl_crystal_grow.time            ? 
_exptl_crystal_grow.pdbx_details    
'16-20% PEG-3350, 200 mM KCl, 5 mM dTDP-3-amino-3,6-dideoxy-D-glucose, 5 mM Coenzyme A, 100 mM HEPPS' 
_exptl_crystal_grow.pdbx_pH_range   ? 
# 
_diffrn.ambient_environment              ? 
_diffrn.ambient_temp                     100 
_diffrn.ambient_temp_details             ? 
_diffrn.ambient_temp_esd                 ? 
_diffrn.crystal_id                       1 
_diffrn.crystal_support                  ? 
_diffrn.crystal_treatment                ? 
_diffrn.details                          ? 
_diffrn.id                               1 
_diffrn.ambient_pressure                 ? 
_diffrn.ambient_pressure_esd             ? 
_diffrn.ambient_pressure_gt              ? 
_diffrn.ambient_pressure_lt              ? 
_diffrn.ambient_temp_gt                  ? 
_diffrn.ambient_temp_lt                  ? 
_diffrn.pdbx_serial_crystal_experiment   N 
# 
_diffrn_detector.details                      ? 
_diffrn_detector.detector                     PIXEL 
_diffrn_detector.diffrn_id                    1 
_diffrn_detector.type                         'Bruker PHOTON II' 
_diffrn_detector.area_resol_mean              ? 
_diffrn_detector.dtime                        ? 
_diffrn_detector.pdbx_frames_total            ? 
_diffrn_detector.pdbx_collection_time_total   ? 
_diffrn_detector.pdbx_collection_date         2020-08-27 
_diffrn_detector.pdbx_frequency               ? 
# 
_diffrn_radiation.collimation                      ? 
_diffrn_radiation.diffrn_id                        1 
_diffrn_radiation.filter_edge                      ? 
_diffrn_radiation.inhomogeneity                    ? 
_diffrn_radiation.monochromator                    ? 
_diffrn_radiation.polarisn_norm                    ? 
_diffrn_radiation.polarisn_ratio                   ? 
_diffrn_radiation.probe                            ? 
_diffrn_radiation.type                             ? 
_diffrn_radiation.xray_symbol                      ? 
_diffrn_radiation.wavelength_id                    1 
_diffrn_radiation.pdbx_monochromatic_or_laue_m_l   M 
_diffrn_radiation.pdbx_wavelength_list             ? 
_diffrn_radiation.pdbx_wavelength                  ? 
_diffrn_radiation.pdbx_diffrn_protocol             'SINGLE WAVELENGTH' 
_diffrn_radiation.pdbx_analyzer                    ? 
_diffrn_radiation.pdbx_scattering_type             x-ray 
# 
_diffrn_radiation_wavelength.id           1 
_diffrn_radiation_wavelength.wavelength   1.5418 
_diffrn_radiation_wavelength.wt           1.0 
# 
_diffrn_source.current                     ? 
_diffrn_source.details                     ? 
_diffrn_source.diffrn_id                   1 
_diffrn_source.power                       ? 
_diffrn_source.size                        ? 
_diffrn_source.source                      'SEALED TUBE' 
_diffrn_source.target                      ? 
_diffrn_source.type                        'BRUKER D8 QUEST' 
_diffrn_source.voltage                     ? 
_diffrn_source.take-off_angle              ? 
_diffrn_source.pdbx_wavelength_list        1.5418 
_diffrn_source.pdbx_wavelength             ? 
_diffrn_source.pdbx_synchrotron_beamline   ? 
_diffrn_source.pdbx_synchrotron_site       ? 
# 
_reflns.B_iso_Wilson_estimate                          ? 
_reflns.entry_id                                       7S3U 
_reflns.data_reduction_details                         ? 
_reflns.data_reduction_method                          ? 
_reflns.d_resolution_high                              1.45 
_reflns.d_resolution_low                               50 
_reflns.details                                        ? 
_reflns.limit_h_max                                    ? 
_reflns.limit_h_min                                    ? 
_reflns.limit_k_max                                    ? 
_reflns.limit_k_min                                    ? 
_reflns.limit_l_max                                    ? 
_reflns.limit_l_min                                    ? 
_reflns.number_all                                     ? 
_reflns.number_obs                                     32307 
_reflns.observed_criterion                             ? 
_reflns.observed_criterion_F_max                       ? 
_reflns.observed_criterion_F_min                       ? 
_reflns.observed_criterion_I_max                       ? 
_reflns.observed_criterion_I_min                       ? 
_reflns.observed_criterion_sigma_F                     0 
_reflns.observed_criterion_sigma_I                     0 
_reflns.percent_possible_obs                           99.8 
_reflns.R_free_details                                 ? 
_reflns.Rmerge_F_all                                   ? 
_reflns.Rmerge_F_obs                                   ? 
_reflns.Friedel_coverage                               ? 
_reflns.number_gt                                      ? 
_reflns.threshold_expression                           ? 
_reflns.pdbx_redundancy                                14.3 
_reflns.pdbx_Rmerge_I_obs                              ? 
_reflns.pdbx_Rmerge_I_all                              ? 
_reflns.pdbx_Rsym_value                                0.044 
_reflns.pdbx_netI_over_av_sigmaI                       ? 
_reflns.pdbx_netI_over_sigmaI                          18.7 
_reflns.pdbx_res_netI_over_av_sigmaI_2                 ? 
_reflns.pdbx_res_netI_over_sigmaI_2                    ? 
_reflns.pdbx_chi_squared                               ? 
_reflns.pdbx_scaling_rejects                           ? 
_reflns.pdbx_d_res_high_opt                            ? 
_reflns.pdbx_d_res_low_opt                             ? 
_reflns.pdbx_d_res_opt_method                          ? 
_reflns.phase_calculation_details                      ? 
_reflns.pdbx_Rrim_I_all                                ? 
_reflns.pdbx_Rpim_I_all                                ? 
_reflns.pdbx_d_opt                                     ? 
_reflns.pdbx_number_measured_all                       ? 
_reflns.pdbx_diffrn_id                                 1 
_reflns.pdbx_ordinal                                   1 
_reflns.pdbx_CC_half                                   ? 
_reflns.pdbx_CC_star                                   ? 
_reflns.pdbx_R_split                                   ? 
_reflns.pdbx_aniso_diffraction_limit_axis_1_ortho[1]   ? 
_reflns.pdbx_aniso_diffraction_limit_axis_1_ortho[2]   ? 
_reflns.pdbx_aniso_diffraction_limit_axis_1_ortho[3]   ? 
_reflns.pdbx_aniso_diffraction_limit_axis_2_ortho[1]   ? 
_reflns.pdbx_aniso_diffraction_limit_axis_2_ortho[2]   ? 
_reflns.pdbx_aniso_diffraction_limit_axis_2_ortho[3]   ? 
_reflns.pdbx_aniso_diffraction_limit_axis_3_ortho[1]   ? 
_reflns.pdbx_aniso_diffraction_limit_axis_3_ortho[2]   ? 
_reflns.pdbx_aniso_diffraction_limit_axis_3_ortho[3]   ? 
_reflns.pdbx_aniso_diffraction_limit_1                 ? 
_reflns.pdbx_aniso_diffraction_limit_2                 ? 
_reflns.pdbx_aniso_diffraction_limit_3                 ? 
_reflns.pdbx_aniso_B_tensor_eigenvector_1_ortho[1]     ? 
_reflns.pdbx_aniso_B_tensor_eigenvector_1_ortho[2]     ? 
_reflns.pdbx_aniso_B_tensor_eigenvector_1_ortho[3]     ? 
_reflns.pdbx_aniso_B_tensor_eigenvector_2_ortho[1]     ? 
_reflns.pdbx_aniso_B_tensor_eigenvector_2_ortho[2]     ? 
_reflns.pdbx_aniso_B_tensor_eigenvector_2_ortho[3]     ? 
_reflns.pdbx_aniso_B_tensor_eigenvector_3_ortho[1]     ? 
_reflns.pdbx_aniso_B_tensor_eigenvector_3_ortho[2]     ? 
_reflns.pdbx_aniso_B_tensor_eigenvector_3_ortho[3]     ? 
_reflns.pdbx_aniso_B_tensor_eigenvalue_1               ? 
_reflns.pdbx_aniso_B_tensor_eigenvalue_2               ? 
_reflns.pdbx_aniso_B_tensor_eigenvalue_3               ? 
_reflns.pdbx_orthogonalization_convention              ? 
_reflns.pdbx_percent_possible_ellipsoidal              ? 
_reflns.pdbx_percent_possible_spherical                ? 
_reflns.pdbx_percent_possible_ellipsoidal_anomalous    ? 
_reflns.pdbx_percent_possible_spherical_anomalous      ? 
_reflns.pdbx_redundancy_anomalous                      ? 
_reflns.pdbx_CC_half_anomalous                         ? 
_reflns.pdbx_absDiff_over_sigma_anomalous              ? 
_reflns.pdbx_percent_possible_anomalous                ? 
_reflns.pdbx_observed_signal_threshold                 ? 
_reflns.pdbx_signal_type                               ? 
_reflns.pdbx_signal_details                            ? 
_reflns.pdbx_signal_software_id                        ? 
# 
_reflns_shell.d_res_high                                    1.456 
_reflns_shell.d_res_low                                     1.55 
_reflns_shell.meanI_over_sigI_all                           ? 
_reflns_shell.meanI_over_sigI_obs                           5.1 
_reflns_shell.number_measured_all                           ? 
_reflns_shell.number_measured_obs                           ? 
_reflns_shell.number_possible                               ? 
_reflns_shell.number_unique_all                             ? 
_reflns_shell.number_unique_obs                             5844 
_reflns_shell.percent_possible_all                          99.0 
_reflns_shell.percent_possible_obs                          ? 
_reflns_shell.Rmerge_F_all                                  ? 
_reflns_shell.Rmerge_F_obs                                  ? 
_reflns_shell.Rmerge_I_all                                  ? 
_reflns_shell.Rmerge_I_obs                                  ? 
_reflns_shell.meanI_over_sigI_gt                            ? 
_reflns_shell.meanI_over_uI_all                             ? 
_reflns_shell.meanI_over_uI_gt                              ? 
_reflns_shell.number_measured_gt                            ? 
_reflns_shell.number_unique_gt                              ? 
_reflns_shell.percent_possible_gt                           ? 
_reflns_shell.Rmerge_F_gt                                   ? 
_reflns_shell.Rmerge_I_gt                                   ? 
_reflns_shell.pdbx_redundancy                               8.8 
_reflns_shell.pdbx_Rsym_value                               0.214 
_reflns_shell.pdbx_chi_squared                              ? 
_reflns_shell.pdbx_netI_over_sigmaI_all                     ? 
_reflns_shell.pdbx_netI_over_sigmaI_obs                     ? 
_reflns_shell.pdbx_Rrim_I_all                               ? 
_reflns_shell.pdbx_Rpim_I_all                               ? 
_reflns_shell.pdbx_rejects                                  ? 
_reflns_shell.pdbx_ordinal                                  1 
_reflns_shell.pdbx_diffrn_id                                1 
_reflns_shell.pdbx_CC_half                                  ? 
_reflns_shell.pdbx_CC_star                                  ? 
_reflns_shell.pdbx_R_split                                  ? 
_reflns_shell.pdbx_percent_possible_ellipsoidal             ? 
_reflns_shell.pdbx_percent_possible_spherical               ? 
_reflns_shell.pdbx_percent_possible_ellipsoidal_anomalous   ? 
_reflns_shell.pdbx_percent_possible_spherical_anomalous     ? 
_reflns_shell.pdbx_redundancy_anomalous                     ? 
_reflns_shell.pdbx_CC_half_anomalous                        ? 
_reflns_shell.pdbx_absDiff_over_sigma_anomalous             ? 
_reflns_shell.pdbx_percent_possible_anomalous               ? 
# 
_refine.aniso_B[1][1]                            0.0000 
_refine.aniso_B[1][2]                            0.0000 
_refine.aniso_B[1][3]                            0.0000 
_refine.aniso_B[2][2]                            0.0000 
_refine.aniso_B[2][3]                            0.0000 
_refine.aniso_B[3][3]                            0.0000 
_refine.B_iso_max                                72.850 
_refine.B_iso_mean                               11.4820 
_refine.B_iso_min                                4.050 
_refine.correlation_coeff_Fo_to_Fc               0.9620 
_refine.correlation_coeff_Fo_to_Fc_free          0.9570 
_refine.details                                  
'HYDROGENS HAVE BEEN ADDED IN THE RIDING POSITIONS U VALUES      : REFINED INDIVIDUALLY' 
_refine.diff_density_max                         ? 
_refine.diff_density_max_esd                     ? 
_refine.diff_density_min                         ? 
_refine.diff_density_min_esd                     ? 
_refine.diff_density_rms                         ? 
_refine.diff_density_rms_esd                     ? 
_refine.entry_id                                 7S3U 
_refine.pdbx_refine_id                           'X-RAY DIFFRACTION' 
_refine.ls_abs_structure_details                 ? 
_refine.ls_abs_structure_Flack                   ? 
_refine.ls_abs_structure_Flack_esd               ? 
_refine.ls_abs_structure_Rogers                  ? 
_refine.ls_abs_structure_Rogers_esd              ? 
_refine.ls_d_res_high                            1.4500 
_refine.ls_d_res_low                             36.4300 
_refine.ls_extinction_coef                       ? 
_refine.ls_extinction_coef_esd                   ? 
_refine.ls_extinction_expression                 ? 
_refine.ls_extinction_method                     ? 
_refine.ls_goodness_of_fit_all                   ? 
_refine.ls_goodness_of_fit_all_esd               ? 
_refine.ls_goodness_of_fit_obs                   ? 
_refine.ls_goodness_of_fit_obs_esd               ? 
_refine.ls_hydrogen_treatment                    ? 
_refine.ls_matrix_type                           ? 
_refine.ls_number_constraints                    ? 
_refine.ls_number_parameters                     ? 
_refine.ls_number_reflns_all                     ? 
_refine.ls_number_reflns_obs                     30754 
_refine.ls_number_reflns_R_free                  1553 
_refine.ls_number_reflns_R_work                  ? 
_refine.ls_number_restraints                     ? 
_refine.ls_percent_reflns_obs                    99.7900 
_refine.ls_percent_reflns_R_free                 4.8000 
_refine.ls_R_factor_all                          ? 
_refine.ls_R_factor_obs                          0.1726 
_refine.ls_R_factor_R_free                       0.1921 
_refine.ls_R_factor_R_free_error                 ? 
_refine.ls_R_factor_R_free_error_details         ? 
_refine.ls_R_factor_R_work                       0.1717 
_refine.ls_R_Fsqd_factor_obs                     ? 
_refine.ls_R_I_factor_obs                        ? 
_refine.ls_redundancy_reflns_all                 ? 
_refine.ls_redundancy_reflns_obs                 ? 
_refine.ls_restrained_S_all                      ? 
_refine.ls_restrained_S_obs                      ? 
_refine.ls_shift_over_esd_max                    ? 
_refine.ls_shift_over_esd_mean                   ? 
_refine.ls_structure_factor_coef                 ? 
_refine.ls_weighting_details                     ? 
_refine.ls_weighting_scheme                      ? 
_refine.ls_wR_factor_all                         ? 
_refine.ls_wR_factor_obs                         ? 
_refine.ls_wR_factor_R_free                      ? 
_refine.ls_wR_factor_R_work                      ? 
_refine.occupancy_max                            ? 
_refine.occupancy_min                            ? 
_refine.solvent_model_details                    MASK 
_refine.solvent_model_param_bsol                 ? 
_refine.solvent_model_param_ksol                 ? 
_refine.pdbx_R_complete                          ? 
_refine.ls_R_factor_gt                           ? 
_refine.ls_goodness_of_fit_gt                    ? 
_refine.ls_goodness_of_fit_ref                   ? 
_refine.ls_shift_over_su_max                     ? 
_refine.ls_shift_over_su_max_lt                  ? 
_refine.ls_shift_over_su_mean                    ? 
_refine.ls_shift_over_su_mean_lt                 ? 
_refine.pdbx_ls_sigma_I                          ? 
_refine.pdbx_ls_sigma_F                          0.000 
_refine.pdbx_ls_sigma_Fsqd                       ? 
_refine.pdbx_data_cutoff_high_absF               ? 
_refine.pdbx_data_cutoff_high_rms_absF           ? 
_refine.pdbx_data_cutoff_low_absF                ? 
_refine.pdbx_isotropic_thermal_model             ? 
_refine.pdbx_ls_cross_valid_method               THROUGHOUT 
_refine.pdbx_method_to_determine_struct          'MOLECULAR REPLACEMENT' 
_refine.pdbx_starting_model                      4mzu 
_refine.pdbx_stereochemistry_target_values       'MAXIMUM LIKELIHOOD' 
_refine.pdbx_R_Free_selection_details            RANDOM 
_refine.pdbx_stereochem_target_val_spec_case     ? 
_refine.pdbx_overall_ESU_R                       0.0600 
_refine.pdbx_overall_ESU_R_Free                  0.0600 
_refine.pdbx_solvent_vdw_probe_radii             1.2000 
_refine.pdbx_solvent_ion_probe_radii             0.8000 
_refine.pdbx_solvent_shrinkage_radii             0.8000 
_refine.pdbx_real_space_R                        ? 
_refine.pdbx_density_correlation                 ? 
_refine.pdbx_pd_number_of_powder_patterns        ? 
_refine.pdbx_pd_number_of_points                 ? 
_refine.pdbx_pd_meas_number_of_points            ? 
_refine.pdbx_pd_proc_ls_prof_R_factor            ? 
_refine.pdbx_pd_proc_ls_prof_wR_factor           ? 
_refine.pdbx_pd_Marquardt_correlation_coeff      ? 
_refine.pdbx_pd_Fsqrd_R_factor                   ? 
_refine.pdbx_pd_ls_matrix_band_width             ? 
_refine.pdbx_overall_phase_error                 ? 
_refine.pdbx_overall_SU_R_free_Cruickshank_DPI   ? 
_refine.pdbx_overall_SU_R_free_Blow_DPI          ? 
_refine.pdbx_overall_SU_R_Blow_DPI               ? 
_refine.pdbx_TLS_residual_ADP_flag               ? 
_refine.pdbx_diffrn_id                           1 
_refine.overall_SU_B                             1.1550 
_refine.overall_SU_ML                            0.0420 
_refine.overall_SU_R_Cruickshank_DPI             ? 
_refine.overall_SU_R_free                        ? 
_refine.overall_FOM_free_R_set                   ? 
_refine.overall_FOM_work_R_set                   ? 
_refine.pdbx_average_fsc_overall                 ? 
_refine.pdbx_average_fsc_work                    ? 
_refine.pdbx_average_fsc_free                    ? 
# 
_refine_hist.pdbx_refine_id                   'X-RAY DIFFRACTION' 
_refine_hist.cycle_id                         final 
_refine_hist.details                          ? 
_refine_hist.d_res_high                       1.4500 
_refine_hist.d_res_low                        36.4300 
_refine_hist.number_atoms_solvent             176 
_refine_hist.number_atoms_total               1370 
_refine_hist.number_reflns_all                ? 
_refine_hist.number_reflns_obs                ? 
_refine_hist.number_reflns_R_free             ? 
_refine_hist.number_reflns_R_work             ? 
_refine_hist.R_factor_all                     ? 
_refine_hist.R_factor_obs                     ? 
_refine_hist.R_factor_R_free                  ? 
_refine_hist.R_factor_R_work                  ? 
_refine_hist.pdbx_number_residues_total       145 
_refine_hist.pdbx_B_iso_mean_ligand           12.55 
_refine_hist.pdbx_B_iso_mean_solvent          25.01 
_refine_hist.pdbx_number_atoms_protein        1107 
_refine_hist.pdbx_number_atoms_nucleic_acid   0 
_refine_hist.pdbx_number_atoms_ligand         87 
_refine_hist.pdbx_number_atoms_lipid          ? 
_refine_hist.pdbx_number_atoms_carb           ? 
_refine_hist.pdbx_pseudo_atom_details         ? 
# 
loop_
_refine_ls_restr.pdbx_refine_id 
_refine_ls_restr.criterion 
_refine_ls_restr.dev_ideal 
_refine_ls_restr.dev_ideal_target 
_refine_ls_restr.number 
_refine_ls_restr.rejects 
_refine_ls_restr.type 
_refine_ls_restr.weight 
_refine_ls_restr.pdbx_restraint_function 
'X-RAY DIFFRACTION' ? 0.010  0.013  1247 ? r_bond_refined_d       ? ? 
'X-RAY DIFFRACTION' ? 0.001  0.017  1143 ? r_bond_other_d         ? ? 
'X-RAY DIFFRACTION' ? 1.643  1.652  1709 ? r_angle_refined_deg    ? ? 
'X-RAY DIFFRACTION' ? 1.354  1.577  2675 ? r_angle_other_deg      ? ? 
'X-RAY DIFFRACTION' ? 7.501  5.000  152  ? r_dihedral_angle_1_deg ? ? 
'X-RAY DIFFRACTION' ? 24.112 24.490 49   ? r_dihedral_angle_2_deg ? ? 
'X-RAY DIFFRACTION' ? 12.972 15.000 203  ? r_dihedral_angle_3_deg ? ? 
'X-RAY DIFFRACTION' ? 25.348 15.000 2    ? r_dihedral_angle_4_deg ? ? 
'X-RAY DIFFRACTION' ? 0.079  0.200  184  ? r_chiral_restr         ? ? 
'X-RAY DIFFRACTION' ? 0.008  0.020  1340 ? r_gen_planes_refined   ? ? 
'X-RAY DIFFRACTION' ? 0.001  0.020  221  ? r_gen_planes_other     ? ? 
# 
_refine_ls_shell.pdbx_refine_id                   'X-RAY DIFFRACTION' 
_refine_ls_shell.d_res_high                       1.45 
_refine_ls_shell.d_res_low                        1.4860 
_refine_ls_shell.number_reflns_all                ? 
_refine_ls_shell.number_reflns_obs                ? 
_refine_ls_shell.number_reflns_R_free             88 
_refine_ls_shell.number_reflns_R_work             2285 
_refine_ls_shell.percent_reflns_obs               98.1800 
_refine_ls_shell.percent_reflns_R_free            ? 
_refine_ls_shell.R_factor_all                     ? 
_refine_ls_shell.R_factor_obs                     ? 
_refine_ls_shell.R_factor_R_free                  0.3520 
_refine_ls_shell.R_factor_R_free_error            0.0000 
_refine_ls_shell.R_factor_R_work                  0.3360 
_refine_ls_shell.redundancy_reflns_all            ? 
_refine_ls_shell.redundancy_reflns_obs            ? 
_refine_ls_shell.wR_factor_all                    ? 
_refine_ls_shell.wR_factor_obs                    ? 
_refine_ls_shell.wR_factor_R_free                 ? 
_refine_ls_shell.wR_factor_R_work                 ? 
_refine_ls_shell.pdbx_R_complete                  ? 
_refine_ls_shell.pdbx_total_number_of_bins_used   ? 
_refine_ls_shell.pdbx_phase_error                 ? 
_refine_ls_shell.pdbx_fsc_work                    ? 
_refine_ls_shell.pdbx_fsc_free                    ? 
# 
_struct.entry_id                     7S3U 
_struct.title                        
;Crystal structure of an N-acetyltransferase from Helicobacter pullorum in the presence of Coenzyme A and dTDP-3-amino-3,6-dideoxy-D-glucose
;
_struct.pdbx_model_details           ? 
_struct.pdbx_formula_weight          ? 
_struct.pdbx_formula_weight_method   ? 
_struct.pdbx_model_type_details      ? 
_struct.pdbx_CASP_flag               N 
# 
_struct_keywords.entry_id        7S3U 
_struct_keywords.text            TRANSFERASE 
_struct_keywords.pdbx_keywords   TRANSFERASE 
# 
loop_
_struct_asym.id 
_struct_asym.pdbx_blank_PDB_chainid_flag 
_struct_asym.pdbx_modified 
_struct_asym.entity_id 
_struct_asym.details 
A N N 1 ? 
B N N 2 ? 
C N N 3 ? 
D N N 4 ? 
E N N 5 ? 
# 
loop_
_struct_sheet.id 
_struct_sheet.type 
_struct_sheet.number_strands 
_struct_sheet.details 
AA1 ? 8 ? 
AA2 ? 4 ? 
AA3 ? 5 ? 
AA4 ? 2 ? 
# 
loop_
_struct_sheet_order.sheet_id 
_struct_sheet_order.range_id_1 
_struct_sheet_order.range_id_2 
_struct_sheet_order.offset 
_struct_sheet_order.sense 
AA1 1 2 ? parallel 
AA1 2 3 ? parallel 
AA1 3 4 ? parallel 
AA1 4 5 ? parallel 
AA1 5 6 ? parallel 
AA1 6 7 ? parallel 
AA1 7 8 ? parallel 
AA2 1 2 ? parallel 
AA2 2 3 ? parallel 
AA2 3 4 ? parallel 
AA3 1 2 ? parallel 
AA3 2 3 ? parallel 
AA3 3 4 ? parallel 
AA3 4 5 ? parallel 
AA4 1 2 ? parallel 
# 
loop_
_struct_sheet_range.sheet_id 
_struct_sheet_range.id 
_struct_sheet_range.beg_label_comp_id 
_struct_sheet_range.beg_label_asym_id 
_struct_sheet_range.beg_label_seq_id 
_struct_sheet_range.pdbx_beg_PDB_ins_code 
_struct_sheet_range.end_label_comp_id 
_struct_sheet_range.end_label_asym_id 
_struct_sheet_range.end_label_seq_id 
_struct_sheet_range.pdbx_end_PDB_ins_code 
_struct_sheet_range.beg_auth_comp_id 
_struct_sheet_range.beg_auth_asym_id 
_struct_sheet_range.beg_auth_seq_id 
_struct_sheet_range.end_auth_comp_id 
_struct_sheet_range.end_auth_asym_id 
_struct_sheet_range.end_auth_seq_id 
AA1 1 MET A 23  ? ILE A 24  ? MET A 1   ILE A 2   
AA1 2 ARG A 40  ? ILE A 41  ? ARG A 18  ILE A 19  
AA1 3 ASN A 58  ? ILE A 59  ? ASN A 36  ILE A 37  
AA1 4 THR A 76  ? ILE A 77  ? THR A 54  ILE A 55  
AA1 5 PHE A 94  ? ILE A 95  ? PHE A 72  ILE A 73  
AA1 6 SER A 126 ? ILE A 127 ? SER A 104 ILE A 105 
AA1 7 MET A 144 ? ILE A 145 ? MET A 122 ILE A 123 
AA1 8 THR A 160 ? TYR A 161 ? THR A 138 TYR A 139 
AA2 1 ASP A 29  ? VAL A 30  ? ASP A 7   VAL A 8   
AA2 2 VAL A 46  ? VAL A 47  ? VAL A 24  VAL A 25  
AA2 3 PHE A 64  ? ILE A 65  ? PHE A 42  ILE A 43  
AA2 4 GLN A 82  ? ILE A 83  ? GLN A 60  ILE A 61  
AA3 1 ILE A 52  ? ILE A 53  ? ILE A 30  ILE A 31  
AA3 2 VAL A 69  ? ILE A 71  ? VAL A 47  ILE A 49  
AA3 3 ILE A 87  ? ILE A 89  ? ILE A 65  ILE A 67  
AA3 4 THR A 119 ? ILE A 121 ? THR A 97  ILE A 99  
AA3 5 THR A 138 ? ILE A 139 ? THR A 116 ILE A 117 
AA4 1 THR A 132 ? ILE A 133 ? THR A 110 ILE A 111 
AA4 2 ILE A 150 ? VAL A 151 ? ILE A 128 VAL A 129 
# 
loop_
_pdbx_struct_sheet_hbond.sheet_id 
_pdbx_struct_sheet_hbond.range_id_1 
_pdbx_struct_sheet_hbond.range_id_2 
_pdbx_struct_sheet_hbond.range_1_label_atom_id 
_pdbx_struct_sheet_hbond.range_1_label_comp_id 
_pdbx_struct_sheet_hbond.range_1_label_asym_id 
_pdbx_struct_sheet_hbond.range_1_label_seq_id 
_pdbx_struct_sheet_hbond.range_1_PDB_ins_code 
_pdbx_struct_sheet_hbond.range_1_auth_atom_id 
_pdbx_struct_sheet_hbond.range_1_auth_comp_id 
_pdbx_struct_sheet_hbond.range_1_auth_asym_id 
_pdbx_struct_sheet_hbond.range_1_auth_seq_id 
_pdbx_struct_sheet_hbond.range_2_label_atom_id 
_pdbx_struct_sheet_hbond.range_2_label_comp_id 
_pdbx_struct_sheet_hbond.range_2_label_asym_id 
_pdbx_struct_sheet_hbond.range_2_label_seq_id 
_pdbx_struct_sheet_hbond.range_2_PDB_ins_code 
_pdbx_struct_sheet_hbond.range_2_auth_atom_id 
_pdbx_struct_sheet_hbond.range_2_auth_comp_id 
_pdbx_struct_sheet_hbond.range_2_auth_asym_id 
_pdbx_struct_sheet_hbond.range_2_auth_seq_id 
AA1 1 2 N MET A 23  ? N MET A 1   O ILE A 41  ? O ILE A 19  
AA1 2 3 N ARG A 40  ? N ARG A 18  O ILE A 59  ? O ILE A 37  
AA1 3 4 N ASN A 58  ? N ASN A 36  O ILE A 77  ? O ILE A 55  
AA1 4 5 N THR A 76  ? N THR A 54  O ILE A 95  ? O ILE A 73  
AA1 5 6 N PHE A 94  ? N PHE A 72  O ILE A 127 ? O ILE A 105 
AA1 6 7 N SER A 126 ? N SER A 104 O ILE A 145 ? O ILE A 123 
AA1 7 8 N MET A 144 ? N MET A 122 O TYR A 161 ? O TYR A 139 
AA2 1 2 N ASP A 29  ? N ASP A 7   O VAL A 47  ? O VAL A 25  
AA2 2 3 N VAL A 46  ? N VAL A 24  O ILE A 65  ? O ILE A 43  
AA2 3 4 N PHE A 64  ? N PHE A 42  O ILE A 83  ? O ILE A 61  
AA3 1 2 N ILE A 52  ? N ILE A 30  O VAL A 69  ? O VAL A 47  
AA3 2 3 N LYS A 70  ? N LYS A 48  O ILE A 89  ? O ILE A 67  
AA3 3 4 N GLU A 88  ? N GLU A 66  O THR A 119 ? O THR A 97  
AA3 4 5 N ILE A 120 ? N ILE A 98  O ILE A 139 ? O ILE A 117 
AA4 1 2 N THR A 132 ? N THR A 110 O VAL A 151 ? O VAL A 129 
# 
_atom_sites.entry_id                    7S3U 
_atom_sites.Cartn_transf_matrix[1][1]   ? 
_atom_sites.Cartn_transf_matrix[1][2]   ? 
_atom_sites.Cartn_transf_matrix[1][3]   ? 
_atom_sites.Cartn_transf_matrix[2][1]   ? 
_atom_sites.Cartn_transf_matrix[2][2]   ? 
_atom_sites.Cartn_transf_matrix[2][3]   ? 
_atom_sites.Cartn_transf_matrix[3][1]   ? 
_atom_sites.Cartn_transf_matrix[3][2]   ? 
_atom_sites.Cartn_transf_matrix[3][3]   ? 
_atom_sites.Cartn_transf_vector[1]      ? 
_atom_sites.Cartn_transf_vector[2]      ? 
_atom_sites.Cartn_transf_vector[3]      ? 
_atom_sites.fract_transf_matrix[1][1]   0.00022256 
_atom_sites.fract_transf_matrix[1][2]   -0.00161147 
_atom_sites.fract_transf_matrix[1][3]   0.00957479 
_atom_sites.fract_transf_matrix[2][1]   -0.00763432 
_atom_sites.fract_transf_matrix[2][2]   -0.00594661 
_atom_sites.fract_transf_matrix[2][3]   -0.00082338 
_atom_sites.fract_transf_matrix[3][1]   0.00599922 
_atom_sites.fract_transf_matrix[3][2]   -0.00750759 
_atom_sites.fract_transf_matrix[3][3]   -0.00140300 
_atom_sites.fract_transf_vector[1]      0.351670 
_atom_sites.fract_transf_vector[2]      -0.177665 
_atom_sites.fract_transf_vector[3]      0.210640 
_atom_sites.solution_primary            ? 
_atom_sites.solution_secondary          ? 
_atom_sites.solution_hydrogens          ? 
_atom_sites.special_details             ? 
# 
loop_
_atom_type.symbol 
C 
N 
O 
P 
S 
# 
loop_
_atom_site.group_PDB 
_atom_site.id 
_atom_site.type_symbol 
_atom_site.label_atom_id 
_atom_site.label_alt_id 
_atom_site.label_comp_id 
_atom_site.label_asym_id 
_atom_site.label_entity_id 
_atom_site.label_seq_id 
_atom_site.pdbx_PDB_ins_code 
_atom_site.Cartn_x 
_atom_site.Cartn_y 
_atom_site.Cartn_z 
_atom_site.occupancy 
_atom_site.B_iso_or_equiv 
_atom_site.pdbx_formal_charge 
_atom_site.auth_seq_id 
_atom_site.auth_comp_id 
_atom_site.auth_asym_id 
_atom_site.auth_atom_id 
_atom_site.pdbx_PDB_model_num 
ATOM   1    N N     . GLY A 1 21  ? -20.124 10.327  -0.857  1.00 37.16 ? -1  GLY A N     1 
ATOM   2    C CA    . GLY A 1 21  ? -19.257 11.517  -0.942  1.00 29.21 ? -1  GLY A CA    1 
ATOM   3    C C     . GLY A 1 21  ? -17.793 11.124  -1.105  1.00 25.93 ? -1  GLY A C     1 
ATOM   4    O O     . GLY A 1 21  ? -16.986 11.561  -0.288  1.00 24.52 ? -1  GLY A O     1 
ATOM   5    N N     . HIS A 1 22  ? -17.464 10.346  -2.140  1.00 23.76 ? 0   HIS A N     1 
ATOM   6    C CA    . HIS A 1 22  ? -16.054 10.106  -2.553  1.00 20.40 ? 0   HIS A CA    1 
ATOM   7    C C     . HIS A 1 22  ? -15.889 10.515  -4.012  1.00 20.39 ? 0   HIS A C     1 
ATOM   8    O O     . HIS A 1 22  ? -16.902 10.531  -4.738  1.00 21.46 ? 0   HIS A O     1 
ATOM   9    C CB    . HIS A 1 22  ? -15.616 8.665   -2.268  1.00 20.82 ? 0   HIS A CB    1 
ATOM   10   C CG    . HIS A 1 22  ? -16.365 7.590   -2.980  1.00 23.66 ? 0   HIS A CG    1 
ATOM   11   N ND1   . HIS A 1 22  ? -17.410 6.913   -2.385  1.00 23.31 ? 0   HIS A ND1   1 
ATOM   12   C CD2   . HIS A 1 22  ? -16.185 7.012   -4.189  1.00 27.62 ? 0   HIS A CD2   1 
ATOM   13   C CE1   . HIS A 1 22  ? -17.867 5.991   -3.214  1.00 25.04 ? 0   HIS A CE1   1 
ATOM   14   N NE2   . HIS A 1 22  ? -17.134 6.027   -4.329  1.00 27.63 ? 0   HIS A NE2   1 
ATOM   15   N N     . MET A 1 23  ? -14.659 10.867  -4.401  1.00 15.65 ? 1   MET A N     1 
ATOM   16   C CA    . MET A 1 23  ? -14.350 11.420  -5.734  1.00 14.19 ? 1   MET A CA    1 
ATOM   17   C C     . MET A 1 23  ? -13.533 10.376  -6.494  1.00 14.69 ? 1   MET A C     1 
ATOM   18   O O     . MET A 1 23  ? -12.378 10.116  -6.069  1.00 13.95 ? 1   MET A O     1 
ATOM   19   C CB    . MET A 1 23  ? -13.541 12.708  -5.587  1.00 15.14 ? 1   MET A CB    1 
ATOM   20   C CG    . MET A 1 23  ? -13.386 13.476  -6.889  1.00 16.84 ? 1   MET A CG    1 
ATOM   21   S SD    . MET A 1 23  ? -12.301 12.707  -8.139  1.00 20.46 ? 1   MET A SD    1 
ATOM   22   C CE    . MET A 1 23  ? -10.707 12.785  -7.318  1.00 16.91 ? 1   MET A CE    1 
ATOM   23   N N     . ILE A 1 24  ? -14.099 9.807   -7.555  1.00 11.47 ? 2   ILE A N     1 
ATOM   24   C CA    . ILE A 1 24  ? -13.363 8.900   -8.477  1.00 10.44 ? 2   ILE A CA    1 
ATOM   25   C C     . ILE A 1 24  ? -13.147 9.627   -9.790  1.00 9.74  ? 2   ILE A C     1 
ATOM   26   O O     . ILE A 1 24  ? -14.107 10.022  -10.463 1.00 9.79  ? 2   ILE A O     1 
ATOM   27   C CB    . ILE A 1 24  ? -14.126 7.593   -8.687  1.00 10.67 ? 2   ILE A CB    1 
ATOM   28   C CG1   . ILE A 1 24  ? -14.276 6.845   -7.358  1.00 12.37 ? 2   ILE A CG1   1 
ATOM   29   C CG2   . ILE A 1 24  ? -13.449 6.745   -9.759  1.00 11.03 ? 2   ILE A CG2   1 
ATOM   30   C CD1   . ILE A 1 24  ? -15.279 5.738   -7.436  1.00 13.11 ? 2   ILE A CD1   1 
ATOM   31   N N     . HIS A 1 25  ? -11.902 9.848   -10.155 1.00 7.84  ? 3   HIS A N     1 
ATOM   32   C CA    . HIS A 1 25  ? -11.607 10.549  -11.410 1.00 7.15  ? 3   HIS A CA    1 
ATOM   33   C C     . HIS A 1 25  ? -12.185 9.759   -12.576 1.00 6.97  ? 3   HIS A C     1 
ATOM   34   O O     . HIS A 1 25  ? -12.085 8.544   -12.588 1.00 7.06  ? 3   HIS A O     1 
ATOM   35   C CB    . HIS A 1 25  ? -10.114 10.811  -11.525 1.00 7.35  ? 3   HIS A CB    1 
ATOM   36   C CG    . HIS A 1 25  ? -9.844  11.874  -12.522 1.00 7.18  ? 3   HIS A CG    1 
ATOM   37   N ND1   . HIS A 1 25  ? -9.911  11.626  -13.877 1.00 7.95  ? 3   HIS A ND1   1 
ATOM   38   C CD2   . HIS A 1 25  ? -9.527  13.179  -12.363 1.00 6.81  ? 3   HIS A CD2   1 
ATOM   39   C CE1   . HIS A 1 25  ? -9.643  12.751  -14.501 1.00 8.67  ? 3   HIS A CE1   1 
ATOM   40   N NE2   . HIS A 1 25  ? -9.393  13.718  -13.600 1.00 7.66  ? 3   HIS A NE2   1 
ATOM   41   N N     . LYS A 1 26  ? -12.710 10.457  -13.579 1.00 8.17  ? 4   LYS A N     1 
ATOM   42   C CA    . LYS A 1 26  ? -13.255 9.797   -14.781 1.00 9.36  ? 4   LYS A CA    1 
ATOM   43   C C     . LYS A 1 26  ? -12.168 8.979   -15.490 1.00 8.13  ? 4   LYS A C     1 
ATOM   44   O O     . LYS A 1 26  ? -12.526 8.022   -16.138 1.00 8.01  ? 4   LYS A O     1 
ATOM   45   C CB    . LYS A 1 26  ? -13.937 10.817  -15.689 1.00 12.71 ? 4   LYS A CB    1 
ATOM   46   C CG    . LYS A 1 26  ? -12.991 11.751  -16.411 1.00 17.33 ? 4   LYS A CG    1 
ATOM   47   C CD    . LYS A 1 26  ? -13.703 12.560  -17.460 1.00 23.25 ? 4   LYS A CD    1 
ATOM   48   C CE    . LYS A 1 26  ? -12.780 13.451  -18.264 1.00 30.12 ? 4   LYS A CE    1 
ATOM   49   N NZ    . LYS A 1 26  ? -13.523 14.118  -19.366 1.00 34.68 ? 4   LYS A NZ    1 
ATOM   50   N N     . LEU A 1 27  ? -10.891 9.302   -15.298 1.00 6.89  ? 5   LEU A N     1 
ATOM   51   C CA    . LEU A 1 27  ? -9.803  8.542   -15.967 1.00 7.08  ? 5   LEU A CA    1 
ATOM   52   C C     . LEU A 1 27  ? -9.254  7.449   -15.073 1.00 6.68  ? 5   LEU A C     1 
ATOM   53   O O     . LEU A 1 27  ? -8.251  6.842   -15.474 1.00 6.31  ? 5   LEU A O     1 
ATOM   54   C CB    . LEU A 1 27  ? -8.680  9.494   -16.390 1.00 7.21  ? 5   LEU A CB    1 
ATOM   55   C CG    . LEU A 1 27  ? -9.109  10.597  -17.361 1.00 7.17  ? 5   LEU A CG    1 
ATOM   56   C CD1   . LEU A 1 27  ? -7.951  11.546  -17.626 1.00 7.61  ? 5   LEU A CD1   1 
ATOM   57   C CD2   . LEU A 1 27  ? -9.565  10.027  -18.682 1.00 7.27  ? 5   LEU A CD2   1 
ATOM   58   N N     . ALA A 1 28  ? -9.894  7.136   -13.950 1.00 7.13  ? 6   ALA A N     1 
ATOM   59   C CA    . ALA A 1 28  ? -9.591  5.933   -13.152 1.00 6.27  ? 6   ALA A CA    1 
ATOM   60   C C     . ALA A 1 28  ? -10.549 4.803   -13.504 1.00 6.62  ? 6   ALA A C     1 
ATOM   61   O O     . ALA A 1 28  ? -11.624 5.089   -14.038 1.00 8.06  ? 6   ALA A O     1 
ATOM   62   C CB    . ALA A 1 28  ? -9.662  6.241   -11.675 1.00 6.27  ? 6   ALA A CB    1 
ATOM   63   N N     . ASP A 1 29  ? -10.117 3.567   -13.280 1.00 6.09  ? 7   ASP A N     1 
ATOM   64   C CA    . ASP A 1 29  ? -10.939 2.344   -13.404 1.00 6.61  ? 7   ASP A CA    1 
ATOM   65   C C     . ASP A 1 29  ? -11.116 1.802   -11.988 1.00 6.78  ? 7   ASP A C     1 
ATOM   66   O O     . ASP A 1 29  ? -10.289 1.021   -11.555 1.00 7.39  ? 7   ASP A O     1 
ATOM   67   C CB    . ASP A 1 29  ? -10.270 1.329   -14.323 1.00 7.37  ? 7   ASP A CB    1 
ATOM   68   C CG    . ASP A 1 29  ? -11.071 0.057   -14.504 1.00 8.76  ? 7   ASP A CG    1 
ATOM   69   O OD1   . ASP A 1 29  ? -10.516 -0.895  -15.075 1.00 9.39  ? 7   ASP A OD1   1 
ATOM   70   O OD2   . ASP A 1 29  ? -12.235 0.012   -14.020 1.00 12.46 ? 7   ASP A OD2   1 
ATOM   71   N N     . VAL A 1 30  ? -12.185 2.243   -11.324 1.00 6.72  ? 8   VAL A N     1 
ATOM   72   C CA    . VAL A 1 30  ? -12.463 1.849   -9.917  1.00 7.27  ? 8   VAL A CA    1 
ATOM   73   C C     . VAL A 1 30  ? -13.666 0.917   -9.946  1.00 7.80  ? 8   VAL A C     1 
ATOM   74   O O     . VAL A 1 30  ? -14.750 1.360   -10.334 1.00 8.49  ? 8   VAL A O     1 
ATOM   75   C CB    . VAL A 1 30  ? -12.700 3.055   -8.985  1.00 7.67  ? 8   VAL A CB    1 
ATOM   76   C CG1   . VAL A 1 30  ? -13.096 2.612   -7.572  1.00 7.98  ? 8   VAL A CG1   1 
ATOM   77   C CG2   . VAL A 1 30  ? -11.485 3.936   -8.912  1.00 7.72  ? 8   VAL A CG2   1 
ATOM   78   N N     . GLN A 1 31  ? -13.458 -0.333  -9.559  1.00 8.60  ? 9   GLN A N     1 
ATOM   79   C CA    . GLN A 1 31  ? -14.488 -1.398  -9.629  1.00 8.56  ? 9   GLN A CA    1 
ATOM   80   C C     . GLN A 1 31  ? -15.040 -1.710  -8.237  1.00 9.33  ? 9   GLN A C     1 
ATOM   81   O O     . GLN A 1 31  ? -15.983 -2.520  -8.156  1.00 9.85  ? 9   GLN A O     1 
ATOM   82   C CB    . GLN A 1 31  ? -13.870 -2.624  -10.290 1.00 9.49  ? 9   GLN A CB    1 
ATOM   83   C CG    . GLN A 1 31  ? -13.322 -2.342  -11.671 1.00 10.23 ? 9   GLN A CG    1 
ATOM   84   C CD    . GLN A 1 31  ? -12.577 -3.521  -12.232 1.00 11.05 ? 9   GLN A CD    1 
ATOM   85   O OE1   . GLN A 1 31  ? -12.889 -4.648  -11.858 1.00 11.18 ? 9   GLN A OE1   1 
ATOM   86   N NE2   . GLN A 1 31  ? -11.667 -3.272  -13.181 1.00 10.64 ? 9   GLN A NE2   1 
ATOM   87   N N     . SER A 1 32  ? -14.438 -1.161  -7.185  1.00 9.71  ? 10  SER A N     1 
ATOM   88   C CA    . SER A 1 32  ? -14.847 -1.377  -5.780  1.00 10.15 ? 10  SER A CA    1 
ATOM   89   C C     . SER A 1 32  ? -15.940 -0.383  -5.413  1.00 11.04 ? 10  SER A C     1 
ATOM   90   O O     . SER A 1 32  ? -15.787 0.809   -5.715  1.00 11.10 ? 10  SER A O     1 
ATOM   91   C CB    . SER A 1 32  ? -13.706 -1.236  -4.821  1.00 10.31 ? 10  SER A CB    1 
ATOM   92   O OG    . SER A 1 32  ? -14.207 -1.328  -3.502  1.00 9.74  ? 10  SER A OG    1 
ATOM   93   N N     . LYS A 1 33  ? -16.977 -0.852  -4.731  1.00 14.08 ? 11  LYS A N     1 
ATOM   94   C CA    . LYS A 1 33  ? -17.983 0.056   -4.135  1.00 16.90 ? 11  LYS A CA    1 
ATOM   95   C C     . LYS A 1 33  ? -17.607 0.348   -2.683  1.00 16.50 ? 11  LYS A C     1 
ATOM   96   O O     . LYS A 1 33  ? -18.272 1.186   -2.058  1.00 18.55 ? 11  LYS A O     1 
ATOM   97   C CB    . LYS A 1 33  ? -19.383 -0.548  -4.297  1.00 20.89 ? 11  LYS A CB    1 
ATOM   98   C CG    . LYS A 1 33  ? -19.765 -0.788  -5.750  1.00 27.31 ? 11  LYS A CG    1 
ATOM   99   C CD    . LYS A 1 33  ? -21.009 -1.604  -5.961  1.00 35.16 ? 11  LYS A CD    1 
ATOM   100  C CE    . LYS A 1 33  ? -21.490 -1.494  -7.395  1.00 40.37 ? 11  LYS A CE    1 
ATOM   101  N NZ    . LYS A 1 33  ? -22.718 -2.289  -7.624  1.00 45.17 ? 11  LYS A NZ    1 
ATOM   102  N N     . ASN A 1 34  ? -16.573 -0.297  -2.166  1.00 12.81 ? 12  ASN A N     1 
ATOM   103  C CA    . ASN A 1 34  ? -16.235 -0.254  -0.721  1.00 13.65 ? 12  ASN A CA    1 
ATOM   104  C C     . ASN A 1 34  ? -15.258 0.902   -0.467  1.00 13.59 ? 12  ASN A C     1 
ATOM   105  O O     . ASN A 1 34  ? -14.123 0.639   -0.024  1.00 12.82 ? 12  ASN A O     1 
ATOM   106  C CB    . ASN A 1 34  ? -15.639 -1.572  -0.239  1.00 15.16 ? 12  ASN A CB    1 
ATOM   107  C CG    . ASN A 1 34  ? -16.282 -2.803  -0.833  1.00 16.88 ? 12  ASN A CG    1 
ATOM   108  O OD1   . ASN A 1 34  ? -17.476 -3.007  -0.625  1.00 22.21 ? 12  ASN A OD1   1 
ATOM   109  N ND2   . ASN A 1 34  ? -15.506 -3.643  -1.521  1.00 17.84 ? 12  ASN A ND2   1 
ATOM   110  N N     . ILE A 1 35  ? -15.694 2.134   -0.709  1.00 13.03 ? 13  ILE A N     1 
ATOM   111  C CA    . ILE A 1 35  ? -14.817 3.340   -0.680  1.00 13.51 ? 13  ILE A CA    1 
ATOM   112  C C     . ILE A 1 35  ? -15.455 4.374   0.242   1.00 15.12 ? 13  ILE A C     1 
ATOM   113  O O     . ILE A 1 35  ? -16.617 4.759   0.012   1.00 15.09 ? 13  ILE A O     1 
ATOM   114  C CB    . ILE A 1 35  ? -14.548 3.864   -2.101  1.00 15.81 ? 13  ILE A CB    1 
ATOM   115  C CG1   . ILE A 1 35  ? -13.853 2.771   -2.924  1.00 17.41 ? 13  ILE A CG1   1 
ATOM   116  C CG2   . ILE A 1 35  ? -13.722 5.150   -2.083  1.00 14.88 ? 13  ILE A CG2   1 
ATOM   117  C CD1   . ILE A 1 35  ? -13.641 3.133   -4.339  1.00 19.72 ? 13  ILE A CD1   1 
ATOM   118  N N     . GLY A 1 36  ? -14.718 4.796   1.268   1.00 13.06 ? 14  GLY A N     1 
ATOM   119  C CA    . GLY A 1 36  ? -15.220 5.698   2.307   1.00 12.81 ? 14  GLY A CA    1 
ATOM   120  C C     . GLY A 1 36  ? -15.422 7.117   1.819   1.00 13.73 ? 14  GLY A C     1 
ATOM   121  O O     . GLY A 1 36  ? -14.754 7.562   0.854   1.00 12.19 ? 14  GLY A O     1 
ATOM   122  N N     . SER A 1 37  ? -16.315 7.838   2.494   1.00 12.70 ? 15  SER A N     1 
ATOM   123  C CA    . SER A 1 37  ? -16.558 9.286   2.326   1.00 13.76 ? 15  SER A CA    1 
ATOM   124  C C     . SER A 1 37  ? -15.240 10.057  2.354   1.00 12.57 ? 15  SER A C     1 
ATOM   125  O O     . SER A 1 37  ? -14.405 9.765   3.218   1.00 13.03 ? 15  SER A O     1 
ATOM   126  C CB    . SER A 1 37  ? -17.498 9.771   3.420   1.00 17.97 ? 15  SER A CB    1 
ATOM   127  O OG    . SER A 1 37  ? -17.749 11.165  3.291   1.00 24.61 ? 15  SER A OG    1 
ATOM   128  N N     . GLY A 1 38  ? -15.083 11.032  1.463   1.00 11.23 ? 16  GLY A N     1 
ATOM   129  C CA    . GLY A 1 38  ? -13.963 11.973  1.457   1.00 10.53 ? 16  GLY A CA    1 
ATOM   130  C C     . GLY A 1 38  ? -12.770 11.431  0.687   1.00 9.77  ? 16  GLY A C     1 
ATOM   131  O O     . GLY A 1 38  ? -11.822 12.157  0.535   1.00 10.21 ? 16  GLY A O     1 
ATOM   132  N N     . THR A 1 39  ? -12.802 10.171  0.293   1.00 10.40 ? 17  THR A N     1 
ATOM   133  C CA    . THR A 1 39  ? -11.641 9.556   -0.396  1.00 8.84  ? 17  THR A CA    1 
ATOM   134  C C     . THR A 1 39  ? -11.576 10.121  -1.813  1.00 9.53  ? 17  THR A C     1 
ATOM   135  O O     . THR A 1 39  ? -12.648 10.356  -2.443  1.00 9.51  ? 17  THR A O     1 
ATOM   136  C CB    . THR A 1 39  ? -11.715 8.037   -0.299  1.00 8.43  ? 17  THR A CB    1 
ATOM   137  O OG1   . THR A 1 39  ? -11.271 7.660   1.011   1.00 8.30  ? 17  THR A OG1   1 
ATOM   138  C CG2   . THR A 1 39  ? -10.904 7.304   -1.347  1.00 8.53  ? 17  THR A CG2   1 
ATOM   139  N N     . ARG A 1 40  ? -10.349 10.360  -2.284  1.00 7.42  ? 18  ARG A N     1 
ATOM   140  C CA    . ARG A 1 40  ? -10.096 10.795  -3.668  1.00 7.51  ? 18  ARG A CA    1 
ATOM   141  C C     . ARG A 1 40  ? -9.296  9.692   -4.348  1.00 7.45  ? 18  ARG A C     1 
ATOM   142  O O     . ARG A 1 40  ? -8.325  9.201   -3.725  1.00 7.57  ? 18  ARG A O     1 
ATOM   143  C CB    . ARG A 1 40  ? -9.318  12.107  -3.718  1.00 9.10  ? 18  ARG A CB    1 
ATOM   144  C CG    . ARG A 1 40  ? -10.054 13.292  -3.111  1.00 11.23 ? 18  ARG A CG    1 
ATOM   145  C CD    . ARG A 1 40  ? -9.209  14.560  -3.045  1.00 14.69 ? 18  ARG A CD    1 
ATOM   146  N NE    . ARG A 1 40  ? -8.288  14.482  -1.904  1.00 19.89 ? 18  ARG A NE    1 
ATOM   147  C CZ    . ARG A 1 40  ? -7.047  14.993  -1.818  1.00 23.61 ? 18  ARG A CZ    1 
ATOM   148  N NH1   . ARG A 1 40  ? -6.354  14.774  -0.701  1.00 21.58 ? 18  ARG A NH1   1 
ATOM   149  N NH2   . ARG A 1 40  ? -6.511  15.700  -2.815  1.00 22.14 ? 18  ARG A NH2   1 
ATOM   150  N N     . ILE A 1 41  ? -9.696  9.317   -5.557  1.00 6.50  ? 19  ILE A N     1 
ATOM   151  C CA    . ILE A 1 41  ? -8.942  8.318   -6.364  1.00 5.85  ? 19  ILE A CA    1 
ATOM   152  C C     . ILE A 1 41  ? -8.681  8.980   -7.707  1.00 5.77  ? 19  ILE A C     1 
ATOM   153  O O     . ILE A 1 41  ? -9.644  9.392   -8.383  1.00 6.26  ? 19  ILE A O     1 
ATOM   154  C CB    . ILE A 1 41  ? -9.643  6.959   -6.514  1.00 6.14  ? 19  ILE A CB    1 
ATOM   155  C CG1   . ILE A 1 41  ? -9.873  6.339   -5.137  1.00 6.70  ? 19  ILE A CG1   1 
ATOM   156  C CG2   . ILE A 1 41  ? -8.829  6.028   -7.419  1.00 6.68  ? 19  ILE A CG2   1 
ATOM   157  C CD1   . ILE A 1 41  ? -10.766 5.161   -5.158  1.00 7.76  ? 19  ILE A CD1   1 
ATOM   158  N N     . TRP A 1 42  ? -7.398  9.186   -8.010  1.00 5.41  ? 20  TRP A N     1 
ATOM   159  C CA    . TRP A 1 42  ? -6.991  10.068  -9.126  1.00 5.09  ? 20  TRP A CA    1 
ATOM   160  C C     . TRP A 1 42  ? -6.791  9.321   -10.445 1.00 4.93  ? 20  TRP A C     1 
ATOM   161  O O     . TRP A 1 42  ? -7.124  8.144   -10.556 1.00 4.67  ? 20  TRP A O     1 
ATOM   162  C CB    . TRP A 1 42  ? -5.752  10.858  -8.700  1.00 4.96  ? 20  TRP A CB    1 
ATOM   163  C CG    . TRP A 1 42  ? -6.096  11.893  -7.663  1.00 5.30  ? 20  TRP A CG    1 
ATOM   164  C CD1   . TRP A 1 42  ? -5.856  11.859  -6.313  1.00 5.74  ? 20  TRP A CD1   1 
ATOM   165  C CD2   . TRP A 1 42  ? -6.829  13.099  -7.913  1.00 6.02  ? 20  TRP A CD2   1 
ATOM   166  N NE1   . TRP A 1 42  ? -6.397  12.974  -5.718  1.00 6.53  ? 20  TRP A NE1   1 
ATOM   167  C CE2   . TRP A 1 42  ? -6.986  13.754  -6.679  1.00 6.01  ? 20  TRP A CE2   1 
ATOM   168  C CE3   . TRP A 1 42  ? -7.347  13.681  -9.079  1.00 5.87  ? 20  TRP A CE3   1 
ATOM   169  C CZ2   . TRP A 1 42  ? -7.647  14.977  -6.588  1.00 6.62  ? 20  TRP A CZ2   1 
ATOM   170  C CZ3   . TRP A 1 42  ? -8.006  14.878  -8.991  1.00 6.25  ? 20  TRP A CZ3   1 
ATOM   171  C CH2   . TRP A 1 42  ? -8.152  15.515  -7.755  1.00 6.62  ? 20  TRP A CH2   1 
ATOM   172  N N     . GLN A 1 43  ? -6.318  10.052  -11.450 1.00 4.59  ? 21  GLN A N     1 
ATOM   173  C CA    . GLN A 1 43  ? -6.248  9.568   -12.848 1.00 4.65  ? 21  GLN A CA    1 
ATOM   174  C C     . GLN A 1 43  ? -5.438  8.282   -12.928 1.00 4.92  ? 21  GLN A C     1 
ATOM   175  O O     . GLN A 1 43  ? -4.391  8.167   -12.266 1.00 4.81  ? 21  GLN A O     1 
ATOM   176  C CB    . GLN A 1 43  ? -5.538  10.559  -13.757 1.00 4.64  ? 21  GLN A CB    1 
ATOM   177  C CG    . GLN A 1 43  ? -6.202  11.924  -13.780 1.00 4.82  ? 21  GLN A CG    1 
ATOM   178  C CD    . GLN A 1 43  ? -5.579  12.924  -12.849 1.00 5.36  ? 21  GLN A CD    1 
ATOM   179  O OE1   . GLN A 1 43  ? -5.108  12.590  -11.757 1.00 5.16  ? 21  GLN A OE1   1 
ATOM   180  N NE2   . GLN A 1 43  ? -5.683  14.200  -13.209 1.00 4.94  ? 21  GLN A NE2   1 
ATOM   181  N N     . PHE A 1 44  ? -5.869  7.383   -13.792 1.00 4.40  ? 22  PHE A N     1 
ATOM   182  C CA    . PHE A 1 44  ? -5.071  6.189   -14.192 1.00 4.84  ? 22  PHE A CA    1 
ATOM   183  C C     . PHE A 1 44  ? -4.811  5.284   -12.984 1.00 5.41  ? 22  PHE A C     1 
ATOM   184  O O     . PHE A 1 44  ? -3.812  4.559   -12.996 1.00 6.76  ? 22  PHE A O     1 
ATOM   185  C CB    . PHE A 1 44  ? -3.775  6.641   -14.876 1.00 4.86  ? 22  PHE A CB    1 
ATOM   186  C CG    . PHE A 1 44  ? -3.995  7.755   -15.869 1.00 4.32  ? 22  PHE A CG    1 
ATOM   187  C CD1   . PHE A 1 44  ? -4.951  7.654   -16.868 1.00 4.85  ? 22  PHE A CD1   1 
ATOM   188  C CD2   . PHE A 1 44  ? -3.220  8.893   -15.800 1.00 5.01  ? 22  PHE A CD2   1 
ATOM   189  C CE1   . PHE A 1 44  ? -5.124  8.675   -17.789 1.00 4.72  ? 22  PHE A CE1   1 
ATOM   190  C CE2   . PHE A 1 44  ? -3.424  9.935   -16.690 1.00 5.43  ? 22  PHE A CE2   1 
ATOM   191  C CZ    . PHE A 1 44  ? -4.354  9.821   -17.682 1.00 4.89  ? 22  PHE A CZ    1 
ATOM   192  N N     . CYS A 1 45  ? -5.675  5.299   -11.988 1.00 5.17  ? 23  CYS A N     1 
ATOM   193  C CA    . CYS A 1 45  ? -5.720  4.254   -10.944 1.00 5.22  ? 23  CYS A CA    1 
ATOM   194  C C     . CYS A 1 45  ? -6.590  3.083   -11.408 1.00 5.38  ? 23  CYS A C     1 
ATOM   195  O O     . CYS A 1 45  ? -7.525  3.300   -12.188 1.00 6.33  ? 23  CYS A O     1 
ATOM   196  C CB    . CYS A 1 45  ? -6.239  4.780   -9.617  1.00 5.56  ? 23  CYS A CB    1 
ATOM   197  S SG    . CYS A 1 45  ? -5.054  5.901   -8.861  1.00 5.79  ? 23  CYS A SG    1 
ATOM   198  N N     . VAL A 1 46  ? -6.226  1.886   -10.956 1.00 4.84  ? 24  VAL A N     1 
ATOM   199  C CA    . VAL A 1 46  ? -7.019  0.630   -11.086 1.00 4.50  ? 24  VAL A CA    1 
ATOM   200  C C     . VAL A 1 46  ? -7.308  0.188   -9.656  1.00 4.76  ? 24  VAL A C     1 
ATOM   201  O O     . VAL A 1 46  ? -6.351  0.051   -8.895  1.00 5.15  ? 24  VAL A O     1 
ATOM   202  C CB    . VAL A 1 46  ? -6.257  -0.463  -11.859 1.00 4.28  ? 24  VAL A CB    1 
ATOM   203  C CG1   . VAL A 1 46  ? -7.081  -1.743  -11.908 1.00 4.55  ? 24  VAL A CG1   1 
ATOM   204  C CG2   . VAL A 1 46  ? -5.928  0.019   -13.257 1.00 4.41  ? 24  VAL A CG2   1 
ATOM   205  N N     . VAL A 1 47  ? -8.572  -0.062  -9.346  1.00 5.47  ? 25  VAL A N     1 
ATOM   206  C CA    . VAL A 1 47  ? -8.995  -0.571  -8.021  1.00 5.44  ? 25  VAL A CA    1 
ATOM   207  C C     . VAL A 1 47  ? -9.980  -1.713  -8.261  1.00 6.27  ? 25  VAL A C     1 
ATOM   208  O O     . VAL A 1 47  ? -11.024 -1.486  -8.890  1.00 7.25  ? 25  VAL A O     1 
ATOM   209  C CB    . VAL A 1 47  ? -9.630  0.540   -7.182  1.00 5.45  ? 25  VAL A CB    1 
ATOM   210  C CG1   . VAL A 1 47  ? -10.051 -0.032  -5.831  1.00 5.52  ? 25  VAL A CG1   1 
ATOM   211  C CG2   . VAL A 1 47  ? -8.700  1.713   -7.008  1.00 5.20  ? 25  VAL A CG2   1 
ATOM   212  N N     . LEU A 1 48  ? -9.598  -2.918  -7.900  1.00 6.05  ? 26  LEU A N     1 
ATOM   213  C CA    . LEU A 1 48  ? -10.410 -4.115  -8.208  1.00 6.34  ? 26  LEU A CA    1 
ATOM   214  C C     . LEU A 1 48  ? -11.546 -4.279  -7.196  1.00 6.39  ? 26  LEU A C     1 
ATOM   215  O O     . LEU A 1 48  ? -11.574 -3.662  -6.132  1.00 6.58  ? 26  LEU A O     1 
ATOM   216  C CB    . LEU A 1 48  ? -9.452  -5.300  -8.306  1.00 6.60  ? 26  LEU A CB    1 
ATOM   217  C CG    . LEU A 1 48  ? -8.367  -5.186  -9.378  1.00 6.56  ? 26  LEU A CG    1 
ATOM   218  C CD1   . LEU A 1 48  ? -7.610  -6.491  -9.517  1.00 7.70  ? 26  LEU A CD1   1 
ATOM   219  C CD2   . LEU A 1 48  ? -8.910  -4.742  -10.725 1.00 6.70  ? 26  LEU A CD2   1 
ATOM   220  N N     . PRO A 1 49  ? -12.561 -5.105  -7.522  1.00 7.37  ? 27  PRO A N     1 
ATOM   221  C CA    . PRO A 1 49  ? -13.836 -5.034  -6.816  1.00 7.69  ? 27  PRO A CA    1 
ATOM   222  C C     . PRO A 1 49  ? -13.815 -5.215  -5.294  1.00 7.31  ? 27  PRO A C     1 
ATOM   223  O O     . PRO A 1 49  ? -14.631 -4.602  -4.653  1.00 8.95  ? 27  PRO A O     1 
ATOM   224  C CB    . PRO A 1 49  ? -14.647 -6.163  -7.457  1.00 7.70  ? 27  PRO A CB    1 
ATOM   225  C CG    . PRO A 1 49  ? -14.092 -6.244  -8.861  1.00 7.49  ? 27  PRO A CG    1 
ATOM   226  C CD    . PRO A 1 49  ? -12.604 -5.973  -8.713  1.00 7.49  ? 27  PRO A CD    1 
ATOM   227  N N     . SER A 1 50  ? -12.959 -6.073  -4.755  1.00 6.86  ? 28  SER A N     1 
ATOM   228  C CA    . SER A 1 50  ? -13.021 -6.442  -3.314  1.00 7.45  ? 28  SER A CA    1 
ATOM   229  C C     . SER A 1 50  ? -12.184 -5.483  -2.474  1.00 7.76  ? 28  SER A C     1 
ATOM   230  O O     . SER A 1 50  ? -12.227 -5.591  -1.253  1.00 7.55  ? 28  SER A O     1 
ATOM   231  C CB    . SER A 1 50  ? -12.624 -7.860  -3.124  1.00 7.25  ? 28  SER A CB    1 
ATOM   232  O OG    . SER A 1 50  ? -13.701 -8.695  -3.540  1.00 8.83  ? 28  SER A OG    1 
ATOM   233  N N     . ALA A 1 51  ? -11.425 -4.589  -3.096  1.00 7.68  ? 29  ALA A N     1 
ATOM   234  C CA    . ALA A 1 51  ? -10.617 -3.629  -2.329  1.00 7.81  ? 29  ALA A CA    1 
ATOM   235  C C     . ALA A 1 51  ? -11.517 -2.900  -1.322  1.00 8.19  ? 29  ALA A C     1 
ATOM   236  O O     . ALA A 1 51  ? -12.638 -2.442  -1.694  1.00 8.04  ? 29  ALA A O     1 
ATOM   237  C CB    . ALA A 1 51  ? -9.947  -2.636  -3.244  1.00 6.75  ? 29  ALA A CB    1 
ATOM   238  N N     . ILE A 1 52  ? -11.034 -2.735  -0.090  1.00 8.62  ? 30  ILE A N     1 
ATOM   239  C CA    . ILE A 1 52  ? -11.697 -1.860  0.910   1.00 9.15  ? 30  ILE A CA    1 
ATOM   240  C C     . ILE A 1 52  ? -10.818 -0.652  1.172   1.00 9.03  ? 30  ILE A C     1 
ATOM   241  O O     . ILE A 1 52  ? -9.645  -0.862  1.510   1.00 9.27  ? 30  ILE A O     1 
ATOM   242  C CB    . ILE A 1 52  ? -12.014 -2.629  2.200   1.00 10.70 ? 30  ILE A CB    1 
ATOM   243  C CG1   . ILE A 1 52  ? -12.882 -3.852  1.882   1.00 11.49 ? 30  ILE A CG1   1 
ATOM   244  C CG2   . ILE A 1 52  ? -12.675 -1.691  3.202   1.00 10.63 ? 30  ILE A CG2   1 
ATOM   245  C CD1   . ILE A 1 52  ? -13.103 -4.804  3.047   1.00 13.84 ? 30  ILE A CD1   1 
ATOM   246  N N     . ILE A 1 53  ? -11.373 0.546   1.009   1.00 8.75  ? 31  ILE A N     1 
ATOM   247  C CA    . ILE A 1 53  ? -10.671 1.842   1.219   1.00 8.72  ? 31  ILE A CA    1 
ATOM   248  C C     . ILE A 1 53  ? -11.521 2.674   2.164   1.00 9.47  ? 31  ILE A C     1 
ATOM   249  O O     . ILE A 1 53  ? -12.716 2.823   1.914   1.00 10.45 ? 31  ILE A O     1 
ATOM   250  C CB    . ILE A 1 53  ? -10.370 2.578   -0.100  1.00 8.70  ? 31  ILE A CB    1 
ATOM   251  C CG1   . ILE A 1 53  ? -9.576  1.643   -1.025  1.00 8.88  ? 31  ILE A CG1   1 
ATOM   252  C CG2   . ILE A 1 53  ? -9.663  3.903   0.173   1.00 8.90  ? 31  ILE A CG2   1 
ATOM   253  C CD1   . ILE A 1 53  ? -9.424  2.114   -2.441  1.00 9.22  ? 31  ILE A CD1   1 
ATOM   254  N N     . GLY A 1 54  ? -10.895 3.182   3.217   1.00 9.64  ? 32  GLY A N     1 
ATOM   255  C CA    . GLY A 1 54  ? -11.568 3.966   4.256   1.00 10.10 ? 32  GLY A CA    1 
ATOM   256  C C     . GLY A 1 54  ? -11.914 5.375   3.818   1.00 9.56  ? 32  GLY A C     1 
ATOM   257  O O     . GLY A 1 54  ? -11.947 5.689   2.611   1.00 9.99  ? 32  GLY A O     1 
ATOM   258  N N     . GLU A 1 55  ? -12.182 6.240   4.797   1.00 10.00 ? 33  GLU A N     1 
ATOM   259  C CA    . GLU A 1 55  ? -12.589 7.649   4.602   1.00 11.04 ? 33  GLU A CA    1 
ATOM   260  C C     . GLU A 1 55  ? -11.373 8.557   4.473   1.00 9.96  ? 33  GLU A C     1 
ATOM   261  O O     . GLU A 1 55  ? -10.339 8.258   5.083   1.00 9.62  ? 33  GLU A O     1 
ATOM   262  C CB    . GLU A 1 55  ? -13.391 8.111   5.814   1.00 12.52 ? 33  GLU A CB    1 
ATOM   263  C CG    . GLU A 1 55  ? -14.722 7.417   5.878   1.00 15.17 ? 33  GLU A CG    1 
ATOM   264  C CD    . GLU A 1 55  ? -15.567 7.784   7.081   1.00 19.37 ? 33  GLU A CD    1 
ATOM   265  O OE1   . GLU A 1 55  ? -15.022 8.345   8.037   1.00 18.89 ? 33  GLU A OE1   1 
ATOM   266  O OE2   . GLU A 1 55  ? -16.760 7.443   7.048   1.00 23.40 ? 33  GLU A OE2   1 
ATOM   267  N N     . ASN A 1 56  ? -11.501 9.594   3.656   1.00 9.15  ? 34  ASN A N     1 
ATOM   268  C CA    . ASN A 1 56  ? -10.511 10.695  3.574   1.00 10.81 ? 34  ASN A CA    1 
ATOM   269  C C     . ASN A 1 56  ? -9.142  10.141  3.169   1.00 9.44  ? 34  ASN A C     1 
ATOM   270  O O     . ASN A 1 56  ? -8.123  10.747  3.518   1.00 9.12  ? 34  ASN A O     1 
ATOM   271  C CB    . ASN A 1 56  ? -10.433 11.462  4.886   1.00 13.22 ? 34  ASN A CB    1 
ATOM   272  C CG    . ASN A 1 56  ? -11.765 12.127  5.144   1.00 19.02 ? 34  ASN A CG    1 
ATOM   273  O OD1   . ASN A 1 56  ? -12.254 12.867  4.284   1.00 22.66 ? 34  ASN A OD1   1 
ATOM   274  N ND2   . ASN A 1 56  ? -12.379 11.826  6.278   1.00 21.57 ? 34  ASN A ND2   1 
ATOM   275  N N     . CYS A 1 57  ? -9.129  9.131   2.324   1.00 8.57  ? 35  CYS A N     1 
ATOM   276  C CA    . CYS A 1 57  ? -7.867  8.682   1.692   1.00 7.45  ? 35  CYS A CA    1 
ATOM   277  C C     . CYS A 1 57  ? -7.593  9.524   0.453   1.00 7.67  ? 35  CYS A C     1 
ATOM   278  O O     . CYS A 1 57  ? -8.499  10.147  -0.135  1.00 8.64  ? 35  CYS A O     1 
ATOM   279  C CB    . CYS A 1 57  ? -7.891  7.202   1.367   1.00 7.30  ? 35  CYS A CB    1 
ATOM   280  S SG    . CYS A 1 57  ? -8.019  6.147   2.836   1.00 7.77  ? 35  CYS A SG    1 
ATOM   281  N N     . ASN A 1 58  ? -6.322  9.571   0.079   1.00 7.08  ? 36  ASN A N     1 
ATOM   282  C CA    . ASN A 1 58  ? -5.898  10.160  -1.203  1.00 6.60  ? 36  ASN A CA    1 
ATOM   283  C C     . ASN A 1 58  ? -5.090  9.118   -1.959  1.00 6.37  ? 36  ASN A C     1 
ATOM   284  O O     . ASN A 1 58  ? -3.951  8.819   -1.543  1.00 7.54  ? 36  ASN A O     1 
ATOM   285  C CB    . ASN A 1 58  ? -5.083  11.421  -1.003  1.00 6.27  ? 36  ASN A CB    1 
ATOM   286  C CG    . ASN A 1 58  ? -5.047  12.303  -2.229  1.00 7.41  ? 36  ASN A CG    1 
ATOM   287  O OD1   . ASN A 1 58  ? -6.016  12.360  -2.990  1.00 10.39 ? 36  ASN A OD1   1 
ATOM   288  N ND2   . ASN A 1 58  ? -3.934  12.985  -2.424  1.00 7.38  ? 36  ASN A ND2   1 
ATOM   289  N N     . ILE A 1 59  ? -5.683  8.584   -3.031  1.00 6.59  ? 37  ILE A N     1 
ATOM   290  C CA    . ILE A 1 59  ? -5.031  7.531   -3.841  1.00 6.52  ? 37  ILE A CA    1 
ATOM   291  C C     . ILE A 1 59  ? -4.610  8.271   -5.107  1.00 6.37  ? 37  ILE A C     1 
ATOM   292  O O     . ILE A 1 59  ? -5.459  8.619   -5.929  1.00 6.83  ? 37  ILE A O     1 
ATOM   293  C CB    . ILE A 1 59  ? -5.968  6.339   -4.121  1.00 7.45  ? 37  ILE A CB    1 
ATOM   294  C CG1   . ILE A 1 59  ? -6.615  5.816   -2.836  1.00 9.60  ? 37  ILE A CG1   1 
ATOM   295  C CG2   . ILE A 1 59  ? -5.220  5.259   -4.902  1.00 7.69  ? 37  ILE A CG2   1 
ATOM   296  C CD1   . ILE A 1 59  ? -5.642  5.449   -1.780  1.00 11.11 ? 37  ILE A CD1   1 
ATOM   297  N N     . CYS A 1 60  ? -3.337  8.634   -5.172  1.00 5.66  ? 38  CYS A N     1 
ATOM   298  C CA    . CYS A 1 60  ? -2.794  9.505   -6.237  1.00 5.34  ? 38  CYS A CA    1 
ATOM   299  C C     . CYS A 1 60  ? -2.683  8.716   -7.547  1.00 4.96  ? 38  CYS A C     1 
ATOM   300  O O     . CYS A 1 60  ? -2.842  7.488   -7.588  1.00 4.57  ? 38  CYS A O     1 
ATOM   301  C CB    . CYS A 1 60  ? -1.460  10.095  -5.806  1.00 5.83  ? 38  CYS A CB    1 
ATOM   302  S SG    . CYS A 1 60  ? -1.609  11.085  -4.293  1.00 6.47  ? 38  CYS A SG    1 
ATOM   303  N N     . SER A 1 61  ? -2.396  9.452   -8.613  1.00 5.02  ? 39  SER A N     1 
ATOM   304  C CA    . SER A 1 61  ? -2.398  8.923   -9.986  1.00 4.87  ? 39  SER A CA    1 
ATOM   305  C C     . SER A 1 61  ? -1.496  7.699   -10.105 1.00 4.76  ? 39  SER A C     1 
ATOM   306  O O     . SER A 1 61  ? -0.452  7.613   -9.424  1.00 4.11  ? 39  SER A O     1 
ATOM   307  C CB    . SER A 1 61  ? -2.044  9.970   -10.985 1.00 5.20  ? 39  SER A CB    1 
ATOM   308  O OG    . SER A 1 61  ? -0.728  10.427  -10.850 1.00 4.82  ? 39  SER A OG    1 
ATOM   309  N N     . HIS A 1 62  ? -1.871  6.820   -11.024 1.00 4.12  ? 40  HIS A N     1 
ATOM   310  C CA    . HIS A 1 62  ? -1.032  5.694   -11.483 1.00 4.36  ? 40  HIS A CA    1 
ATOM   311  C C     . HIS A 1 62  ? -0.864  4.618   -10.413 1.00 4.41  ? 40  HIS A C     1 
ATOM   312  O O     . HIS A 1 62  ? 0.114   3.869   -10.470 1.00 4.99  ? 40  HIS A O     1 
ATOM   313  C CB    . HIS A 1 62  ? 0.356   6.205   -11.915 1.00 5.15  ? 40  HIS A CB    1 
ATOM   314  C CG    . HIS A 1 62  ? 0.321   7.281   -12.954 1.00 5.81  ? 40  HIS A CG    1 
ATOM   315  N ND1   . HIS A 1 62  ? 0.622   8.604   -12.635 1.00 6.62  ? 40  HIS A ND1   1 
ATOM   316  C CD2   . HIS A 1 62  ? 0.072   7.264   -14.289 1.00 6.68  ? 40  HIS A CD2   1 
ATOM   317  C CE1   . HIS A 1 62  ? 0.512   9.338   -13.735 1.00 7.45  ? 40  HIS A CE1   1 
ATOM   318  N NE2   . HIS A 1 62  ? 0.178   8.555   -14.743 1.00 7.56  ? 40  HIS A NE2   1 
ATOM   319  N N     . CYS A 1 63  ? -1.826  4.429   -9.526  1.00 4.60  ? 41  CYS A N     1 
ATOM   320  C CA    . CYS A 1 63  ? -1.780  3.358   -8.505  1.00 4.31  ? 41  CYS A CA    1 
ATOM   321  C C     . CYS A 1 63  ? -2.601  2.176   -8.998  1.00 4.37  ? 41  CYS A C     1 
ATOM   322  O O     . CYS A 1 63  ? -3.485  2.344   -9.826  1.00 5.04  ? 41  CYS A O     1 
ATOM   323  C CB    . CYS A 1 63  ? -2.267  3.804   -7.134  1.00 4.57  ? 41  CYS A CB    1 
ATOM   324  S SG    . CYS A 1 63  ? -1.088  4.915   -6.344  1.00 5.18  ? 41  CYS A SG    1 
ATOM   325  N N     . PHE A 1 64  ? -2.259  1.010   -8.479  1.00 4.05  ? 42  PHE A N     1 
ATOM   326  C CA    . PHE A 1 64  ? -2.977  -0.274  -8.683  1.00 4.41  ? 42  PHE A CA    1 
ATOM   327  C C     . PHE A 1 64  ? -3.293  -0.832  -7.309  1.00 4.97  ? 42  PHE A C     1 
ATOM   328  O O     . PHE A 1 64  ? -2.371  -1.007  -6.485  1.00 5.47  ? 42  PHE A O     1 
ATOM   329  C CB    . PHE A 1 64  ? -2.129  -1.301  -9.441  1.00 4.56  ? 42  PHE A CB    1 
ATOM   330  C CG    . PHE A 1 64  ? -2.808  -2.641  -9.597  1.00 4.94  ? 42  PHE A CG    1 
ATOM   331  C CD1   . PHE A 1 64  ? -3.656  -2.891  -10.661 1.00 5.36  ? 42  PHE A CD1   1 
ATOM   332  C CD2   . PHE A 1 64  ? -2.590  -3.652  -8.660  1.00 5.24  ? 42  PHE A CD2   1 
ATOM   333  C CE1   . PHE A 1 64  ? -4.322  -4.100  -10.757 1.00 5.62  ? 42  PHE A CE1   1 
ATOM   334  C CE2   . PHE A 1 64  ? -3.223  -4.884  -8.783  1.00 5.78  ? 42  PHE A CE2   1 
ATOM   335  C CZ    . PHE A 1 64  ? -4.067  -5.108  -9.846  1.00 6.09  ? 42  PHE A CZ    1 
ATOM   336  N N     A ILE A 1 65  ? -4.565  -1.183  -7.097  0.50 4.70  ? 43  ILE A N     1 
ATOM   337  N N     B ILE A 1 65  ? -4.572  -1.145  -7.085  0.50 4.94  ? 43  ILE A N     1 
ATOM   338  C CA    A ILE A 1 65  ? -5.064  -1.730  -5.809  0.50 4.93  ? 43  ILE A CA    1 
ATOM   339  C CA    B ILE A 1 65  ? -5.072  -1.715  -5.809  0.50 5.33  ? 43  ILE A CA    1 
ATOM   340  C C     A ILE A 1 65  ? -5.861  -2.985  -6.113  0.50 5.41  ? 43  ILE A C     1 
ATOM   341  C C     B ILE A 1 65  ? -5.834  -2.989  -6.153  0.50 5.66  ? 43  ILE A C     1 
ATOM   342  O O     A ILE A 1 65  ? -6.845  -2.889  -6.835  0.50 5.36  ? 43  ILE A O     1 
ATOM   343  O O     B ILE A 1 65  ? -6.765  -2.918  -6.960  0.50 5.47  ? 43  ILE A O     1 
ATOM   344  C CB    A ILE A 1 65  ? -5.914  -0.711  -5.050  0.50 4.97  ? 43  ILE A CB    1 
ATOM   345  C CB    B ILE A 1 65  ? -5.964  -0.732  -5.043  0.50 5.72  ? 43  ILE A CB    1 
ATOM   346  C CG1   A ILE A 1 65  ? -5.021  0.442   -4.593  0.50 4.77  ? 43  ILE A CG1   1 
ATOM   347  C CG1   B ILE A 1 65  ? -5.432  0.703   -5.093  0.50 5.95  ? 43  ILE A CG1   1 
ATOM   348  C CG2   A ILE A 1 65  ? -6.633  -1.414  -3.890  0.50 5.27  ? 43  ILE A CG2   1 
ATOM   349  C CG2   B ILE A 1 65  ? -6.133  -1.245  -3.617  0.50 6.01  ? 43  ILE A CG2   1 
ATOM   350  C CD1   A ILE A 1 65  ? -5.731  1.529   -3.849  0.50 4.87  ? 43  ILE A CD1   1 
ATOM   351  C CD1   B ILE A 1 65  ? -4.235  0.976   -4.230  0.50 6.29  ? 43  ILE A CD1   1 
ATOM   352  N N     . GLU A 1 66  ? -5.373  -4.116  -5.613  1.00 5.29  ? 44  GLU A N     1 
ATOM   353  C CA    . GLU A 1 66  ? -5.947  -5.434  -5.927  1.00 5.46  ? 44  GLU A CA    1 
ATOM   354  C C     . GLU A 1 66  ? -7.154  -5.708  -5.026  1.00 5.30  ? 44  GLU A C     1 
ATOM   355  O O     . GLU A 1 66  ? -7.769  -4.794  -4.519  1.00 5.75  ? 44  GLU A O     1 
ATOM   356  C CB    . GLU A 1 66  ? -4.846  -6.493  -5.845  1.00 5.49  ? 44  GLU A CB    1 
ATOM   357  C CG    . GLU A 1 66  ? -4.903  -7.536  -6.958  1.00 5.48  ? 44  GLU A CG    1 
ATOM   358  C CD    . GLU A 1 66  ? -3.660  -8.385  -7.172  1.00 6.21  ? 44  GLU A CD    1 
ATOM   359  O OE1   . GLU A 1 66  ? -2.764  -8.387  -6.304  1.00 6.12  ? 44  GLU A OE1   1 
ATOM   360  O OE2   . GLU A 1 66  ? -3.606  -9.092  -8.196  1.00 6.90  ? 44  GLU A OE2   1 
ATOM   361  N N     . ASN A 1 67  ? -7.572  -6.962  -4.986  1.00 5.91  ? 45  ASN A N     1 
ATOM   362  C CA    . ASN A 1 67  ? -8.846  -7.418  -4.355  1.00 6.02  ? 45  ASN A CA    1 
ATOM   363  C C     . ASN A 1 67  ? -8.705  -7.648  -2.849  1.00 6.51  ? 45  ASN A C     1 
ATOM   364  O O     . ASN A 1 67  ? -9.519  -7.119  -2.110  1.00 7.23  ? 45  ASN A O     1 
ATOM   365  C CB    . ASN A 1 67  ? -9.341  -8.688  -5.042  1.00 6.06  ? 45  ASN A CB    1 
ATOM   366  C CG    . ASN A 1 67  ? -9.954  -8.367  -6.383  1.00 5.27  ? 45  ASN A CG    1 
ATOM   367  O OD1   . ASN A 1 67  ? -10.872 -7.558  -6.420  1.00 6.60  ? 45  ASN A OD1   1 
ATOM   368  N ND2   . ASN A 1 67  ? -9.453  -8.951  -7.454  1.00 5.36  ? 45  ASN A ND2   1 
ATOM   369  N N     . ASP A 1 68  ? -7.757  -8.479  -2.429  1.00 7.11  ? 46  ASP A N     1 
ATOM   370  C CA    . ASP A 1 68  ? -7.623  -8.893  -1.012  1.00 7.49  ? 46  ASP A CA    1 
ATOM   371  C C     . ASP A 1 68  ? -6.797  -7.817  -0.313  1.00 7.46  ? 46  ASP A C     1 
ATOM   372  O O     . ASP A 1 68  ? -5.620  -8.064  0.082   1.00 7.88  ? 46  ASP A O     1 
ATOM   373  C CB    . ASP A 1 68  ? -6.959  -10.259 -0.919  1.00 9.34  ? 46  ASP A CB    1 
ATOM   374  C CG    . ASP A 1 68  ? -6.904  -10.816 0.488   1.00 11.13 ? 46  ASP A CG    1 
ATOM   375  O OD1   . ASP A 1 68  ? -6.082  -11.728 0.687   1.00 13.62 ? 46  ASP A OD1   1 
ATOM   376  O OD2   . ASP A 1 68  ? -7.618  -10.298 1.361   1.00 12.79 ? 46  ASP A OD2   1 
ATOM   377  N N     . VAL A 1 69  ? -7.394  -6.656  -0.200  1.00 7.23  ? 47  VAL A N     1 
ATOM   378  C CA    . VAL A 1 69  ? -6.706  -5.400  0.176   1.00 7.72  ? 47  VAL A CA    1 
ATOM   379  C C     . VAL A 1 69  ? -7.600  -4.625  1.124   1.00 8.28  ? 47  VAL A C     1 
ATOM   380  O O     . VAL A 1 69  ? -8.781  -4.391  0.818   1.00 8.45  ? 47  VAL A O     1 
ATOM   381  C CB    . VAL A 1 69  ? -6.299  -4.537  -1.035  1.00 7.66  ? 47  VAL A CB    1 
ATOM   382  C CG1   . VAL A 1 69  ? -5.790  -3.194  -0.553  1.00 8.55  ? 47  VAL A CG1   1 
ATOM   383  C CG2   . VAL A 1 69  ? -5.262  -5.243  -1.896  1.00 8.03  ? 47  VAL A CG2   1 
ATOM   384  N N     . LYS A 1 70  ? -7.050  -4.249  2.273   1.00 8.74  ? 48  LYS A N     1 
ATOM   385  C CA    . LYS A 1 70  ? -7.771  -3.347  3.182   1.00 9.29  ? 48  LYS A CA    1 
ATOM   386  C C     . LYS A 1 70  ? -6.895  -2.144  3.475   1.00 8.36  ? 48  LYS A C     1 
ATOM   387  O O     . LYS A 1 70  ? -5.749  -2.314  3.857   1.00 8.60  ? 48  LYS A O     1 
ATOM   388  C CB    . LYS A 1 70  ? -8.125  -4.082  4.468   1.00 12.11 ? 48  LYS A CB    1 
ATOM   389  C CG    . LYS A 1 70  ? -8.923  -3.250  5.456   1.00 18.89 ? 48  LYS A CG    1 
ATOM   390  C CD    . LYS A 1 70  ? -9.591  -4.103  6.541   1.00 23.26 ? 48  LYS A CD    1 
ATOM   391  C CE    . LYS A 1 70  ? -10.289 -3.260  7.590   1.00 31.91 ? 48  LYS A CE    1 
ATOM   392  N NZ    . LYS A 1 70  ? -11.069 -2.162  6.972   1.00 35.04 ? 48  LYS A NZ    1 
ATOM   393  N N     . ILE A 1 71  ? -7.468  -0.977  3.291   1.00 7.39  ? 49  ILE A N     1 
ATOM   394  C CA    . ILE A 1 71  ? -6.810  0.336   3.503   1.00 7.58  ? 49  ILE A CA    1 
ATOM   395  C C     . ILE A 1 71  ? -7.696  1.127   4.455   1.00 9.05  ? 49  ILE A C     1 
ATOM   396  O O     . ILE A 1 71  ? -8.873  1.216   4.171   1.00 9.29  ? 49  ILE A O     1 
ATOM   397  C CB    . ILE A 1 71  ? -6.625  1.033   2.151   1.00 7.20  ? 49  ILE A CB    1 
ATOM   398  C CG1   . ILE A 1 71  ? -5.604  0.276   1.295   1.00 6.97  ? 49  ILE A CG1   1 
ATOM   399  C CG2   . ILE A 1 71  ? -6.284  2.493   2.345   1.00 7.52  ? 49  ILE A CG2   1 
ATOM   400  C CD1   . ILE A 1 71  ? -5.576  0.687   -0.162  1.00 6.83  ? 49  ILE A CD1   1 
ATOM   401  N N     . GLY A 1 72  ? -7.132  1.663   5.530   1.00 8.83  ? 50  GLY A N     1 
ATOM   402  C CA    . GLY A 1 72  ? -7.897  2.374   6.563   1.00 8.66  ? 50  GLY A CA    1 
ATOM   403  C C     . GLY A 1 72  ? -8.280  3.775   6.160   1.00 9.47  ? 50  GLY A C     1 
ATOM   404  O O     . GLY A 1 72  ? -8.393  4.087   4.938   1.00 9.46  ? 50  GLY A O     1 
ATOM   405  N N     . ASN A 1 73  ? -8.515  4.624   7.156   1.00 8.84  ? 51  ASN A N     1 
ATOM   406  C CA    . ASN A 1 73  ? -8.935  6.027   6.988   1.00 9.61  ? 51  ASN A CA    1 
ATOM   407  C C     . ASN A 1 73  ? -7.705  6.936   6.960   1.00 8.94  ? 51  ASN A C     1 
ATOM   408  O O     . ASN A 1 73  ? -6.693  6.583   7.587   1.00 7.87  ? 51  ASN A O     1 
ATOM   409  C CB    . ASN A 1 73  ? -9.865  6.467   8.123   1.00 11.60 ? 51  ASN A CB    1 
ATOM   410  C CG    . ASN A 1 73  ? -11.063 5.559   8.324   1.00 12.70 ? 51  ASN A CG    1 
ATOM   411  O OD1   . ASN A 1 73  ? -11.728 5.136   7.381   1.00 11.36 ? 51  ASN A OD1   1 
ATOM   412  N ND2   . ASN A 1 73  ? -11.356 5.239   9.584   1.00 12.31 ? 51  ASN A ND2   1 
ATOM   413  N N     . ASN A 1 74  ? -7.796  8.051   6.240   1.00 8.74  ? 52  ASN A N     1 
ATOM   414  C CA    . ASN A 1 74  ? -6.779  9.132   6.251   1.00 8.82  ? 52  ASN A CA    1 
ATOM   415  C C     . ASN A 1 74  ? -5.452  8.585   5.727   1.00 8.42  ? 52  ASN A C     1 
ATOM   416  O O     . ASN A 1 74  ? -4.366  9.117   6.151   1.00 7.62  ? 52  ASN A O     1 
ATOM   417  C CB    . ASN A 1 74  ? -6.543  9.663   7.658   1.00 11.85 ? 52  ASN A CB    1 
ATOM   418  C CG    . ASN A 1 74  ? -7.836  10.004  8.362   1.00 16.44 ? 52  ASN A CG    1 
ATOM   419  O OD1   . ASN A 1 74  ? -8.647  10.726  7.807   1.00 18.27 ? 52  ASN A OD1   1 
ATOM   420  N ND2   . ASN A 1 74  ? -7.992  9.510   9.586   1.00 18.21 ? 52  ASN A ND2   1 
ATOM   421  N N     . VAL A 1 75  ? -5.520  7.636   4.797   1.00 7.47  ? 53  VAL A N     1 
ATOM   422  C CA    . VAL A 1 75  ? -4.284  7.039   4.222   1.00 6.93  ? 53  VAL A CA    1 
ATOM   423  C C     . VAL A 1 75  ? -3.922  7.849   2.969   1.00 7.05  ? 53  VAL A C     1 
ATOM   424  O O     . VAL A 1 75  ? -4.818  8.138   2.183   1.00 8.49  ? 53  VAL A O     1 
ATOM   425  C CB    . VAL A 1 75  ? -4.480  5.555   3.872   1.00 6.92  ? 53  VAL A CB    1 
ATOM   426  C CG1   . VAL A 1 75  ? -3.332  5.032   3.015   1.00 6.81  ? 53  VAL A CG1   1 
ATOM   427  C CG2   . VAL A 1 75  ? -4.664  4.709   5.128   1.00 7.28  ? 53  VAL A CG2   1 
ATOM   428  N N     . THR A 1 76  ? -2.648  8.205   2.825   1.00 6.41  ? 54  THR A N     1 
ATOM   429  C CA    . THR A 1 76  ? -2.114  8.846   1.609   1.00 5.93  ? 54  THR A CA    1 
ATOM   430  C C     . THR A 1 76  ? -1.282  7.830   0.863   1.00 6.56  ? 54  THR A C     1 
ATOM   431  O O     . THR A 1 76  ? -0.331  7.326   1.444   1.00 6.18  ? 54  THR A O     1 
ATOM   432  C CB    . THR A 1 76  ? -1.228  10.044  1.958   1.00 6.49  ? 54  THR A CB    1 
ATOM   433  O OG1   . THR A 1 76  ? -1.991  10.985  2.731   1.00 6.93  ? 54  THR A OG1   1 
ATOM   434  C CG2   . THR A 1 76  ? -0.706  10.713  0.710   1.00 6.89  ? 54  THR A CG2   1 
ATOM   435  N N     . ILE A 1 77  ? -1.639  7.560   -0.401  1.00 5.86  ? 55  ILE A N     1 
ATOM   436  C CA    . ILE A 1 77  ? -0.838  6.672   -1.295  1.00 5.97  ? 55  ILE A CA    1 
ATOM   437  C C     . ILE A 1 77  ? -0.406  7.534   -2.466  1.00 5.50  ? 55  ILE A C     1 
ATOM   438  O O     . ILE A 1 77  ? -1.261  7.948   -3.267  1.00 5.77  ? 55  ILE A O     1 
ATOM   439  C CB    . ILE A 1 77  ? -1.602  5.406   -1.731  1.00 6.56  ? 55  ILE A CB    1 
ATOM   440  C CG1   . ILE A 1 77  ? -2.187  4.690   -0.508  1.00 7.86  ? 55  ILE A CG1   1 
ATOM   441  C CG2   . ILE A 1 77  ? -0.692  4.494   -2.536  1.00 6.23  ? 55  ILE A CG2   1 
ATOM   442  C CD1   . ILE A 1 77  ? -2.698  3.304   -0.777  1.00 8.58  ? 55  ILE A CD1   1 
ATOM   443  N N     . LYS A 1 78  ? 0.864   7.908   -2.482  1.00 5.26  ? 56  LYS A N     1 
ATOM   444  C CA    . LYS A 1 78  ? 1.370   8.771   -3.565  1.00 5.05  ? 56  LYS A CA    1 
ATOM   445  C C     . LYS A 1 78  ? 1.439   7.954   -4.862  1.00 5.14  ? 56  LYS A C     1 
ATOM   446  O O     . LYS A 1 78  ? 1.230   6.742   -4.864  1.00 4.57  ? 56  LYS A O     1 
ATOM   447  C CB    . LYS A 1 78  ? 2.703   9.400   -3.182  1.00 5.57  ? 56  LYS A CB    1 
ATOM   448  C CG    . LYS A 1 78  ? 2.624   10.251  -1.919  1.00 6.39  ? 56  LYS A CG    1 
ATOM   449  C CD    . LYS A 1 78  ? 1.635   11.379  -1.977  1.00 7.36  ? 56  LYS A CD    1 
ATOM   450  C CE    . LYS A 1 78  ? 1.815   12.218  -3.226  1.00 7.81  ? 56  LYS A CE    1 
ATOM   451  N NZ    . LYS A 1 78  ? 1.150   13.545  -3.089  1.00 8.58  ? 56  LYS A NZ    1 
ATOM   452  N N     . CYS A 1 79  ? 1.802   8.635   -5.944  1.00 4.73  ? 57  CYS A N     1 
ATOM   453  C CA    . CYS A 1 79  ? 1.749   8.091   -7.326  1.00 4.65  ? 57  CYS A CA    1 
ATOM   454  C C     . CYS A 1 79  ? 2.574   6.820   -7.470  1.00 4.78  ? 57  CYS A C     1 
ATOM   455  O O     . CYS A 1 79  ? 3.687   6.728   -6.884  1.00 5.02  ? 57  CYS A O     1 
ATOM   456  C CB    . CYS A 1 79  ? 2.276   9.111   -8.317  1.00 4.91  ? 57  CYS A CB    1 
ATOM   457  S SG    . CYS A 1 79  ? 1.381   10.676  -8.273  1.00 5.62  ? 57  CYS A SG    1 
ATOM   458  N N     . GLY A 1 80  ? 2.084   5.922   -8.339  1.00 4.25  ? 58  GLY A N     1 
ATOM   459  C CA    . GLY A 1 80  ? 2.934   4.858   -8.873  1.00 4.32  ? 58  GLY A CA    1 
ATOM   460  C C     . GLY A 1 80  ? 3.128   3.692   -7.920  1.00 4.48  ? 58  GLY A C     1 
ATOM   461  O O     . GLY A 1 80  ? 4.058   2.874   -8.135  1.00 4.58  ? 58  GLY A O     1 
ATOM   462  N N     . VAL A 1 81  ? 2.209   3.518   -6.978  1.00 5.14  ? 59  VAL A N     1 
ATOM   463  C CA    . VAL A 1 81  ? 2.238   2.438   -5.946  1.00 4.95  ? 59  VAL A CA    1 
ATOM   464  C C     . VAL A 1 81  ? 1.251   1.342   -6.348  1.00 4.90  ? 59  VAL A C     1 
ATOM   465  O O     . VAL A 1 81  ? 0.117   1.652   -6.782  1.00 4.61  ? 59  VAL A O     1 
ATOM   466  C CB    . VAL A 1 81  ? 1.933   3.001   -4.547  1.00 5.68  ? 59  VAL A CB    1 
ATOM   467  C CG1   . VAL A 1 81  ? 1.877   1.930   -3.476  1.00 6.22  ? 59  VAL A CG1   1 
ATOM   468  C CG2   . VAL A 1 81  ? 2.948   4.055   -4.125  1.00 5.94  ? 59  VAL A CG2   1 
ATOM   469  N N     . GLN A 1 82  ? 1.635   0.094   -6.092  1.00 4.95  ? 60  GLN A N     1 
ATOM   470  C CA    . GLN A 1 82  ? 0.709   -1.057  -6.195  1.00 5.06  ? 60  GLN A CA    1 
ATOM   471  C C     . GLN A 1 82  ? 0.539   -1.725  -4.835  1.00 6.11  ? 60  GLN A C     1 
ATOM   472  O O     . GLN A 1 82  ? 1.533   -2.100  -4.198  1.00 6.65  ? 60  GLN A O     1 
ATOM   473  C CB    . GLN A 1 82  ? 1.191   -2.058  -7.233  1.00 6.11  ? 60  GLN A CB    1 
ATOM   474  C CG    . GLN A 1 82  ? 1.531   -1.408  -8.561  1.00 6.35  ? 60  GLN A CG    1 
ATOM   475  C CD    . GLN A 1 82  ? 3.006   -1.085  -8.703  1.00 6.81  ? 60  GLN A CD    1 
ATOM   476  O OE1   . GLN A 1 82  ? 3.840   -1.648  -7.978  1.00 7.28  ? 60  GLN A OE1   1 
ATOM   477  N NE2   . GLN A 1 82  ? 3.326   -0.180  -9.619  1.00 5.89  ? 60  GLN A NE2   1 
ATOM   478  N N     . ILE A 1 83  ? -0.713  -1.953  -4.473  1.00 5.68  ? 61  ILE A N     1 
ATOM   479  C CA    . ILE A 1 83  ? -1.104  -2.633  -3.218  1.00 6.07  ? 61  ILE A CA    1 
ATOM   480  C C     . ILE A 1 83  ? -1.695  -3.985  -3.620  1.00 6.30  ? 61  ILE A C     1 
ATOM   481  O O     . ILE A 1 83  ? -2.807  -4.028  -4.179  1.00 7.27  ? 61  ILE A O     1 
ATOM   482  C CB    . ILE A 1 83  ? -2.078  -1.797  -2.393  1.00 6.92  ? 61  ILE A CB    1 
ATOM   483  C CG1   . ILE A 1 83  ? -1.620  -0.342  -2.165  1.00 7.70  ? 61  ILE A CG1   1 
ATOM   484  C CG2   . ILE A 1 83  ? -2.312  -2.542  -1.098  1.00 6.73  ? 61  ILE A CG2   1 
ATOM   485  C CD1   . ILE A 1 83  ? -0.358  -0.178  -1.402  1.00 9.22  ? 61  ILE A CD1   1 
ATOM   486  N N     . TRP A 1 84  ? -0.910  -5.045  -3.432  1.00 6.33  ? 62  TRP A N     1 
ATOM   487  C CA    . TRP A 1 84  ? -1.235  -6.420  -3.888  1.00 6.47  ? 62  TRP A CA    1 
ATOM   488  C C     . TRP A 1 84  ? -2.167  -7.110  -2.910  1.00 6.42  ? 62  TRP A C     1 
ATOM   489  O O     . TRP A 1 84  ? -2.253  -6.734  -1.727  1.00 5.75  ? 62  TRP A O     1 
ATOM   490  C CB    . TRP A 1 84  ? 0.022   -7.279  -4.051  1.00 6.34  ? 62  TRP A CB    1 
ATOM   491  C CG    . TRP A 1 84  ? 1.072   -6.616  -4.877  1.00 6.57  ? 62  TRP A CG    1 
ATOM   492  C CD1   . TRP A 1 84  ? 2.236   -6.085  -4.420  1.00 7.22  ? 62  TRP A CD1   1 
ATOM   493  C CD2   . TRP A 1 84  ? 0.990   -6.308  -6.278  1.00 6.87  ? 62  TRP A CD2   1 
ATOM   494  N NE1   . TRP A 1 84  ? 2.895   -5.477  -5.448  1.00 7.51  ? 62  TRP A NE1   1 
ATOM   495  C CE2   . TRP A 1 84  ? 2.157   -5.582  -6.590  1.00 6.85  ? 62  TRP A CE2   1 
ATOM   496  C CE3   . TRP A 1 84  ? 0.028   -6.531  -7.272  1.00 7.28  ? 62  TRP A CE3   1 
ATOM   497  C CZ2   . TRP A 1 84  ? 2.393   -5.113  -7.876  1.00 7.84  ? 62  TRP A CZ2   1 
ATOM   498  C CZ3   . TRP A 1 84  ? 0.262   -6.071  -8.551  1.00 7.82  ? 62  TRP A CZ3   1 
ATOM   499  C CH2   . TRP A 1 84  ? 1.442   -5.381  -8.837  1.00 7.49  ? 62  TRP A CH2   1 
ATOM   500  N N     . ASP A 1 85  ? -2.815  -8.157  -3.418  1.00 6.53  ? 63  ASP A N     1 
ATOM   501  C CA    . ASP A 1 85  ? -3.516  -9.122  -2.552  1.00 7.27  ? 63  ASP A CA    1 
ATOM   502  C C     . ASP A 1 85  ? -2.588  -9.475  -1.382  1.00 7.73  ? 63  ASP A C     1 
ATOM   503  O O     . ASP A 1 85  ? -1.438  -9.853  -1.618  1.00 7.89  ? 63  ASP A O     1 
ATOM   504  C CB    . ASP A 1 85  ? -3.907  -10.360 -3.348  1.00 7.68  ? 63  ASP A CB    1 
ATOM   505  C CG    . ASP A 1 85  ? -5.010  -10.154 -4.372  1.00 7.46  ? 63  ASP A CG    1 
ATOM   506  O OD1   . ASP A 1 85  ? -5.763  -9.160  -4.240  1.00 6.78  ? 63  ASP A OD1   1 
ATOM   507  O OD2   . ASP A 1 85  ? -5.138  -11.032 -5.230  1.00 7.68  ? 63  ASP A OD2   1 
ATOM   508  N N     . GLY A 1 86  ? -3.146  -9.488  -0.178  1.00 8.05  ? 64  GLY A N     1 
ATOM   509  C CA    . GLY A 1 86  ? -2.486  -9.884  1.070   1.00 9.46  ? 64  GLY A CA    1 
ATOM   510  C C     . GLY A 1 86  ? -1.882  -8.709  1.802   1.00 10.25 ? 64  GLY A C     1 
ATOM   511  O O     . GLY A 1 86  ? -1.275  -8.915  2.884   1.00 9.91  ? 64  GLY A O     1 
ATOM   512  N N     . ILE A 1 87  ? -2.094  -7.485  1.326   1.00 9.85  ? 65  ILE A N     1 
ATOM   513  C CA    . ILE A 1 87  ? -1.529  -6.280  1.981   1.00 10.84 ? 65  ILE A CA    1 
ATOM   514  C C     . ILE A 1 87  ? -2.638  -5.480  2.665   1.00 10.31 ? 65  ILE A C     1 
ATOM   515  O O     . ILE A 1 87  ? -3.680  -5.208  2.038   1.00 10.29 ? 65  ILE A O     1 
ATOM   516  C CB    . ILE A 1 87  ? -0.741  -5.477  0.939   1.00 11.53 ? 65  ILE A CB    1 
ATOM   517  C CG1   . ILE A 1 87  ? 0.405   -6.338  0.391   1.00 14.29 ? 65  ILE A CG1   1 
ATOM   518  C CG2   . ILE A 1 87  ? -0.274  -4.165  1.551   1.00 12.69 ? 65  ILE A CG2   1 
ATOM   519  C CD1   . ILE A 1 87  ? 1.345   -5.632  -0.484  1.00 17.03 ? 65  ILE A CD1   1 
ATOM   520  N N     . GLU A 1 88  ? -2.375  -5.139  3.930   1.00 9.53  ? 66  GLU A N     1 
ATOM   521  C CA    . GLU A 1 88  ? -3.268  -4.290  4.733   1.00 8.98  ? 66  GLU A CA    1 
ATOM   522  C C     . GLU A 1 88  ? -2.530  -3.019  5.144   1.00 8.73  ? 66  GLU A C     1 
ATOM   523  O O     . GLU A 1 88  ? -1.418  -3.111  5.558   1.00 7.89  ? 66  GLU A O     1 
ATOM   524  C CB    . GLU A 1 88  ? -3.797  -4.993  5.989   1.00 9.99  ? 66  GLU A CB    1 
ATOM   525  C CG    . GLU A 1 88  ? -4.637  -4.071  6.845   1.00 11.89 ? 66  GLU A CG    1 
ATOM   526  C CD    . GLU A 1 88  ? -5.505  -4.730  7.905   1.00 13.70 ? 66  GLU A CD    1 
ATOM   527  O OE1   . GLU A 1 88  ? -6.217  -4.033  8.530   1.00 15.47 ? 66  GLU A OE1   1 
ATOM   528  O OE2   . GLU A 1 88  ? -5.450  -5.931  8.025   1.00 15.53 ? 66  GLU A OE2   1 
ATOM   529  N N     . ILE A 1 89  ? -3.193  -1.899  4.945   1.00 7.65  ? 67  ILE A N     1 
ATOM   530  C CA    . ILE A 1 89  ? -2.687  -0.557  5.332   1.00 8.43  ? 67  ILE A CA    1 
ATOM   531  C C     . ILE A 1 89  ? -3.660  -0.028  6.385   1.00 8.63  ? 67  ILE A C     1 
ATOM   532  O O     . ILE A 1 89  ? -4.833  0.089   6.130   1.00 8.68  ? 67  ILE A O     1 
ATOM   533  C CB    . ILE A 1 89  ? -2.591  0.382   4.113   1.00 8.58  ? 67  ILE A CB    1 
ATOM   534  C CG1   . ILE A 1 89  ? -1.864  -0.222  2.906   1.00 9.78  ? 67  ILE A CG1   1 
ATOM   535  C CG2   . ILE A 1 89  ? -2.009  1.731   4.505   1.00 8.39  ? 67  ILE A CG2   1 
ATOM   536  C CD1   . ILE A 1 89  ? -0.468  -0.622  3.181   1.00 10.88 ? 67  ILE A CD1   1 
ATOM   537  N N     . GLU A 1 90  ? -3.132  0.279   7.574   1.00 8.38  ? 68  GLU A N     1 
ATOM   538  C CA    . GLU A 1 90  ? -3.948  0.834   8.695   1.00 9.10  ? 68  GLU A CA    1 
ATOM   539  C C     . GLU A 1 90  ? -4.177  2.337   8.501   1.00 10.38 ? 68  GLU A C     1 
ATOM   540  O O     . GLU A 1 90  ? -3.657  2.912   7.608   1.00 7.39  ? 68  GLU A O     1 
ATOM   541  C CB    . GLU A 1 90  ? -3.355  0.458   10.055  1.00 10.29 ? 68  GLU A CB    1 
ATOM   542  C CG    . GLU A 1 90  ? -3.413  -1.040  10.295  1.00 9.96  ? 68  GLU A CG    1 
ATOM   543  C CD    . GLU A 1 90  ? -3.147  -1.465  11.732  1.00 9.87  ? 68  GLU A CD    1 
ATOM   544  O OE1   . GLU A 1 90  ? -2.582  -0.707  12.458  1.00 11.22 ? 68  GLU A OE1   1 
ATOM   545  O OE2   . GLU A 1 90  ? -3.571  -2.543  12.076  1.00 9.68  ? 68  GLU A OE2   1 
ATOM   546  N N     . ASP A 1 91  ? -4.949  2.925   9.422   1.00 9.67  ? 69  ASP A N     1 
ATOM   547  C CA    . ASP A 1 91  ? -5.292  4.347   9.425   1.00 9.51  ? 69  ASP A CA    1 
ATOM   548  C C     . ASP A 1 91  ? -4.036  5.215   9.474   1.00 9.01  ? 69  ASP A C     1 
ATOM   549  O O     . ASP A 1 91  ? -3.000  4.785   10.072  1.00 9.00  ? 69  ASP A O     1 
ATOM   550  C CB    . ASP A 1 91  ? -6.099  4.728   10.656  1.00 9.34  ? 69  ASP A CB    1 
ATOM   551  C CG    . ASP A 1 91  ? -7.455  4.089   10.780  1.00 12.13 ? 69  ASP A CG    1 
ATOM   552  O OD1   . ASP A 1 91  ? -7.964  3.525   9.793   1.00 11.32 ? 69  ASP A OD1   1 
ATOM   553  O OD2   . ASP A 1 91  ? -7.991  4.161   11.929  1.00 13.71 ? 69  ASP A OD2   1 
ATOM   554  N N     . ASP A 1 92  ? -4.124  6.356   8.805   1.00 7.84  ? 70  ASP A N     1 
ATOM   555  C CA    . ASP A 1 92  ? -3.170  7.470   8.952   1.00 7.99  ? 70  ASP A CA    1 
ATOM   556  C C     . ASP A 1 92  ? -1.795  7.086   8.390   1.00 6.94  ? 70  ASP A C     1 
ATOM   557  O O     . ASP A 1 92  ? -0.855  7.797   8.682   1.00 7.16  ? 70  ASP A O     1 
ATOM   558  C CB    . ASP A 1 92  ? -3.029  7.826   10.429  1.00 9.74  ? 70  ASP A CB    1 
ATOM   559  C CG    . ASP A 1 92  ? -4.333  8.246   11.102  1.00 14.52 ? 70  ASP A CG    1 
ATOM   560  O OD1   . ASP A 1 92  ? -5.126  8.949   10.470  1.00 17.79 ? 70  ASP A OD1   1 
ATOM   561  O OD2   . ASP A 1 92  ? -4.477  7.948   12.289  1.00 19.72 ? 70  ASP A OD2   1 
ATOM   562  N N     . VAL A 1 93  ? -1.703  6.061   7.556   1.00 6.63  ? 71  VAL A N     1 
ATOM   563  C CA    . VAL A 1 93  ? -0.424  5.679   6.911   1.00 6.35  ? 71  VAL A CA    1 
ATOM   564  C C     . VAL A 1 93  ? -0.133  6.596   5.722   1.00 6.21  ? 71  VAL A C     1 
ATOM   565  O O     . VAL A 1 93  ? -1.056  6.996   5.014   1.00 6.56  ? 71  VAL A O     1 
ATOM   566  C CB    . VAL A 1 93  ? -0.446  4.203   6.494   1.00 6.68  ? 71  VAL A CB    1 
ATOM   567  C CG1   . VAL A 1 93  ? 0.731   3.895   5.575   1.00 6.48  ? 71  VAL A CG1   1 
ATOM   568  C CG2   . VAL A 1 93  ? -0.419  3.318   7.731   1.00 6.91  ? 71  VAL A CG2   1 
ATOM   569  N N     . PHE A 1 94  ? 1.146   6.943   5.556   1.00 5.92  ? 72  PHE A N     1 
ATOM   570  C CA    . PHE A 1 94  ? 1.672   7.630   4.351   1.00 6.19  ? 72  PHE A CA    1 
ATOM   571  C C     . PHE A 1 94  ? 2.519   6.649   3.554   1.00 6.02  ? 72  PHE A C     1 
ATOM   572  O O     . PHE A 1 94  ? 3.426   6.046   4.120   1.00 5.74  ? 72  PHE A O     1 
ATOM   573  C CB    . PHE A 1 94  ? 2.510   8.836   4.748   1.00 6.75  ? 72  PHE A CB    1 
ATOM   574  C CG    . PHE A 1 94  ? 3.181   9.534   3.583   1.00 7.18  ? 72  PHE A CG    1 
ATOM   575  C CD1   . PHE A 1 94  ? 2.565   10.624  2.974   1.00 7.89  ? 72  PHE A CD1   1 
ATOM   576  C CD2   . PHE A 1 94  ? 4.381   9.074   3.058   1.00 6.85  ? 72  PHE A CD2   1 
ATOM   577  C CE1   . PHE A 1 94  ? 3.140   11.246  1.876   1.00 7.50  ? 72  PHE A CE1   1 
ATOM   578  C CE2   . PHE A 1 94  ? 4.967   9.719   1.975   1.00 7.72  ? 72  PHE A CE2   1 
ATOM   579  C CZ    . PHE A 1 94  ? 4.348   10.798  1.388   1.00 7.33  ? 72  PHE A CZ    1 
ATOM   580  N N     . ILE A 1 95  ? 2.228   6.493   2.253   1.00 5.18  ? 73  ILE A N     1 
ATOM   581  C CA    . ILE A 1 95  ? 3.028   5.628   1.347   1.00 5.39  ? 73  ILE A CA    1 
ATOM   582  C C     . ILE A 1 95  ? 3.555   6.549   0.264   1.00 5.34  ? 73  ILE A C     1 
ATOM   583  O O     . ILE A 1 95  ? 2.760   7.154   -0.482  1.00 4.68  ? 73  ILE A O     1 
ATOM   584  C CB    . ILE A 1 95  ? 2.224   4.462   0.759   1.00 5.54  ? 73  ILE A CB    1 
ATOM   585  C CG1   . ILE A 1 95  ? 1.510   3.638   1.832   1.00 6.61  ? 73  ILE A CG1   1 
ATOM   586  C CG2   . ILE A 1 95  ? 3.173   3.619   -0.096  1.00 5.72  ? 73  ILE A CG2   1 
ATOM   587  C CD1   . ILE A 1 95  ? 0.721   2.484   1.280   1.00 7.34  ? 73  ILE A CD1   1 
ATOM   588  N N     . GLY A 1 96  ? 4.871   6.693   0.220   1.00 5.04  ? 74  GLY A N     1 
ATOM   589  C CA    . GLY A 1 96  ? 5.545   7.566   -0.740  1.00 5.01  ? 74  GLY A CA    1 
ATOM   590  C C     . GLY A 1 96  ? 5.423   7.066   -2.168  1.00 5.63  ? 74  GLY A C     1 
ATOM   591  O O     . GLY A 1 96  ? 4.990   5.936   -2.434  1.00 5.25  ? 74  GLY A O     1 
ATOM   592  N N     . PRO A 1 97  ? 5.809   7.933   -3.113  1.00 6.24  ? 75  PRO A N     1 
ATOM   593  C CA    . PRO A 1 97  ? 5.684   7.597   -4.517  1.00 6.22  ? 75  PRO A CA    1 
ATOM   594  C C     . PRO A 1 97  ? 6.623   6.449   -4.891  1.00 6.14  ? 75  PRO A C     1 
ATOM   595  O O     . PRO A 1 97  ? 7.752   6.408   -4.421  1.00 5.42  ? 75  PRO A O     1 
ATOM   596  C CB    . PRO A 1 97  ? 6.058   8.892   -5.236  1.00 6.57  ? 75  PRO A CB    1 
ATOM   597  C CG    . PRO A 1 97  ? 6.950   9.633   -4.266  1.00 7.06  ? 75  PRO A CG    1 
ATOM   598  C CD    . PRO A 1 97  ? 6.452   9.239   -2.889  1.00 6.76  ? 75  PRO A CD    1 
ATOM   599  N N     . ASN A 1 98  ? 6.132   5.591   -5.786  1.00 5.96  ? 76  ASN A N     1 
ATOM   600  C CA    . ASN A 1 98  ? 6.893   4.480   -6.417  1.00 6.88  ? 76  ASN A CA    1 
ATOM   601  C C     . ASN A 1 98  ? 7.329   3.479   -5.351  1.00 6.00  ? 76  ASN A C     1 
ATOM   602  O O     . ASN A 1 98  ? 8.137   2.587   -5.640  1.00 6.90  ? 76  ASN A O     1 
ATOM   603  C CB    . ASN A 1 98  ? 8.041   5.035   -7.242  1.00 7.99  ? 76  ASN A CB    1 
ATOM   604  C CG    . ASN A 1 98  ? 7.577   5.793   -8.481  1.00 10.69 ? 76  ASN A CG    1 
ATOM   605  O OD1   . ASN A 1 98  ? 6.408   5.690   -8.887  1.00 10.89 ? 76  ASN A OD1   1 
ATOM   606  N ND2   . ASN A 1 98  ? 8.496   6.509   -9.121  1.00 11.00 ? 76  ASN A ND2   1 
ATOM   607  N N     . VAL A 1 99  ? 6.783   3.551   -4.147  1.00 6.38  ? 77  VAL A N     1 
ATOM   608  C CA    . VAL A 1 99  ? 6.965   2.470   -3.153  1.00 6.56  ? 77  VAL A CA    1 
ATOM   609  C C     . VAL A 1 99  ? 6.436   1.175   -3.754  1.00 6.54  ? 77  VAL A C     1 
ATOM   610  O O     . VAL A 1 99  ? 5.384   1.163   -4.432  1.00 7.53  ? 77  VAL A O     1 
ATOM   611  C CB    . VAL A 1 99  ? 6.267   2.767   -1.827  1.00 7.16  ? 77  VAL A CB    1 
ATOM   612  C CG1   . VAL A 1 99  ? 6.115   1.509   -0.986  1.00 7.55  ? 77  VAL A CG1   1 
ATOM   613  C CG2   . VAL A 1 99  ? 7.042   3.845   -1.092  1.00 6.89  ? 77  VAL A CG2   1 
ATOM   614  N N     . THR A 1 100 ? 7.185   0.108   -3.534  1.00 6.48  ? 78  THR A N     1 
ATOM   615  C CA    A THR A 1 100 ? 6.860   -1.228  -4.075  0.50 6.95  ? 78  THR A CA    1 
ATOM   616  C CA    B THR A 1 100 ? 6.806   -1.232  -4.058  0.50 7.48  ? 78  THR A CA    1 
ATOM   617  C C     . THR A 1 100 ? 6.660   -2.221  -2.913  1.00 7.23  ? 78  THR A C     1 
ATOM   618  O O     . THR A 1 100 ? 7.488   -2.232  -1.984  1.00 8.74  ? 78  THR A O     1 
ATOM   619  C CB    A THR A 1 100 ? 7.926   -1.530  -5.139  0.50 7.06  ? 78  THR A CB    1 
ATOM   620  C CB    B THR A 1 100 ? 7.784   -1.812  -5.089  0.50 8.30  ? 78  THR A CB    1 
ATOM   621  O OG1   A THR A 1 100 ? 8.150   -0.327  -5.885  0.50 6.52  ? 78  THR A OG1   1 
ATOM   622  O OG1   B THR A 1 100 ? 8.884   -2.393  -4.386  0.50 9.19  ? 78  THR A OG1   1 
ATOM   623  C CG2   A THR A 1 100 ? 7.512   -2.628  -6.083  0.50 6.56  ? 78  THR A CG2   1 
ATOM   624  C CG2   B THR A 1 100 ? 8.254   -0.774  -6.081  0.50 8.11  ? 78  THR A CG2   1 
ATOM   625  N N     . PHE A 1 101 ? 5.620   -3.033  -3.012  1.00 7.14  ? 79  PHE A N     1 
ATOM   626  C CA    . PHE A 1 101 ? 5.263   -4.111  -2.070  1.00 7.70  ? 79  PHE A CA    1 
ATOM   627  C C     . PHE A 1 101 ? 5.419   -5.440  -2.811  1.00 8.16  ? 79  PHE A C     1 
ATOM   628  O O     . PHE A 1 101 ? 5.530   -5.481  -4.036  1.00 8.31  ? 79  PHE A O     1 
ATOM   629  C CB    . PHE A 1 101 ? 3.837   -3.912  -1.565  1.00 8.51  ? 79  PHE A CB    1 
ATOM   630  C CG    . PHE A 1 101 ? 3.652   -2.675  -0.708  1.00 7.98  ? 79  PHE A CG    1 
ATOM   631  C CD1   . PHE A 1 101 ? 3.896   -2.710  0.657   1.00 8.05  ? 79  PHE A CD1   1 
ATOM   632  C CD2   . PHE A 1 101 ? 3.213   -1.478  -1.269  1.00 8.18  ? 79  PHE A CD2   1 
ATOM   633  C CE1   . PHE A 1 101 ? 3.690   -1.581  1.436   1.00 7.99  ? 79  PHE A CE1   1 
ATOM   634  C CE2   . PHE A 1 101 ? 3.007   -0.357  -0.479  1.00 8.21  ? 79  PHE A CE2   1 
ATOM   635  C CZ    . PHE A 1 101 ? 3.255   -0.413  0.872   1.00 8.25  ? 79  PHE A CZ    1 
ATOM   636  N N     A CYS A 1 102 ? 5.445   -6.539  -2.059  0.50 7.56  ? 80  CYS A N     1 
ATOM   637  N N     B CYS A 1 102 ? 5.301   -6.514  -2.061  0.50 9.19  ? 80  CYS A N     1 
ATOM   638  C CA    A CYS A 1 102 ? 5.639   -7.927  -2.552  0.50 7.04  ? 80  CYS A CA    1 
ATOM   639  C CA    B CYS A 1 102 ? 5.491   -7.868  -2.596  0.50 9.76  ? 80  CYS A CA    1 
ATOM   640  C C     A CYS A 1 102 ? 4.650   -8.852  -1.831  0.50 7.44  ? 80  CYS A C     1 
ATOM   641  C C     B CYS A 1 102 ? 4.552   -8.806  -1.845  0.50 8.98  ? 80  CYS A C     1 
ATOM   642  O O     A CYS A 1 102 ? 4.461   -8.642  -0.621  0.50 7.87  ? 80  CYS A O     1 
ATOM   643  O O     B CYS A 1 102 ? 4.241   -8.513  -0.671  0.50 10.07 ? 80  CYS A O     1 
ATOM   644  C CB    A CYS A 1 102 ? 7.041   -8.435  -2.246  0.50 6.57  ? 80  CYS A CB    1 
ATOM   645  C CB    B CYS A 1 102 ? 6.944   -8.274  -2.457  0.50 10.92 ? 80  CYS A CB    1 
ATOM   646  S SG    A CYS A 1 102 ? 8.382   -7.446  -2.947  0.50 5.43  ? 80  CYS A SG    1 
ATOM   647  S SG    B CYS A 1 102 ? 7.217   -9.908  -3.165  0.50 14.61 ? 80  CYS A SG    1 
ATOM   648  N N     . ASN A 1 103 ? 4.107   -9.874  -2.505  1.00 8.19  ? 81  ASN A N     1 
ATOM   649  C CA    . ASN A 1 103 ? 3.341   -10.937 -1.807  1.00 8.48  ? 81  ASN A CA    1 
ATOM   650  C C     . ASN A 1 103 ? 3.890   -12.327 -2.115  1.00 8.66  ? 81  ASN A C     1 
ATOM   651  O O     . ASN A 1 103 ? 3.242   -13.299 -1.721  1.00 8.68  ? 81  ASN A O     1 
ATOM   652  C CB    . ASN A 1 103 ? 1.850   -10.798 -2.077  1.00 8.28  ? 81  ASN A CB    1 
ATOM   653  C CG    . ASN A 1 103 ? 1.484   -11.035 -3.521  1.00 8.44  ? 81  ASN A CG    1 
ATOM   654  O OD1   . ASN A 1 103 ? 2.319   -11.469 -4.330  1.00 8.57  ? 81  ASN A OD1   1 
ATOM   655  N ND2   . ASN A 1 103 ? 0.221   -10.784 -3.831  1.00 7.76  ? 81  ASN A ND2   1 
ATOM   656  N N     . ASP A 1 104 ? 5.057   -12.426 -2.726  1.00 8.28  ? 82  ASP A N     1 
ATOM   657  C CA    . ASP A 1 104 ? 5.603   -13.722 -3.198  1.00 7.68  ? 82  ASP A CA    1 
ATOM   658  C C     . ASP A 1 104 ? 7.119   -13.666 -3.066  1.00 7.88  ? 82  ASP A C     1 
ATOM   659  O O     . ASP A 1 104 ? 7.778   -12.939 -3.847  1.00 8.19  ? 82  ASP A O     1 
ATOM   660  C CB    . ASP A 1 104 ? 5.171   -13.980 -4.641  1.00 8.40  ? 82  ASP A CB    1 
ATOM   661  C CG    . ASP A 1 104 ? 5.513   -15.374 -5.161  1.00 10.81 ? 82  ASP A CG    1 
ATOM   662  O OD1   . ASP A 1 104 ? 5.216   -15.650 -6.333  1.00 10.40 ? 82  ASP A OD1   1 
ATOM   663  O OD2   . ASP A 1 104 ? 6.169   -16.125 -4.426  1.00 15.40 ? 82  ASP A OD2   1 
ATOM   664  N N     . LYS A 1 105 ? 7.676   -14.428 -2.133  1.00 8.11  ? 83  LYS A N     1 
ATOM   665  C CA    . LYS A 1 105 ? 9.117   -14.299 -1.795  1.00 8.79  ? 83  LYS A CA    1 
ATOM   666  C C     . LYS A 1 105 ? 10.011  -14.927 -2.877  1.00 8.87  ? 83  LYS A C     1 
ATOM   667  O O     . LYS A 1 105 ? 11.171  -14.453 -3.046  1.00 8.43  ? 83  LYS A O     1 
ATOM   668  C CB    . LYS A 1 105 ? 9.382   -14.902 -0.421  1.00 10.74 ? 83  LYS A CB    1 
ATOM   669  C CG    . LYS A 1 105 ? 10.798  -14.631 0.058   1.00 13.21 ? 83  LYS A CG    1 
ATOM   670  C CD    . LYS A 1 105 ? 11.131  -15.178 1.429   1.00 15.14 ? 83  LYS A CD    1 
ATOM   671  C CE    . LYS A 1 105 ? 12.540  -14.805 1.810   1.00 16.18 ? 83  LYS A CE    1 
ATOM   672  N NZ    . LYS A 1 105 ? 12.889  -15.340 3.151   1.00 18.31 ? 83  LYS A NZ    1 
ATOM   673  N N     . TYR A 1 106 ? 9.536   -15.944 -3.599  1.00 9.15  ? 84  TYR A N     1 
ATOM   674  C CA    . TYR A 1 106 ? 10.341  -16.654 -4.628  1.00 9.27  ? 84  TYR A CA    1 
ATOM   675  C C     . TYR A 1 106 ? 9.568   -16.702 -5.934  1.00 9.08  ? 84  TYR A C     1 
ATOM   676  O O     . TYR A 1 106 ? 9.116   -17.769 -6.373  1.00 9.48  ? 84  TYR A O     1 
ATOM   677  C CB    . TYR A 1 106 ? 10.748  -18.052 -4.141  1.00 10.64 ? 84  TYR A CB    1 
ATOM   678  C CG    . TYR A 1 106 ? 11.443  -18.042 -2.802  1.00 10.73 ? 84  TYR A CG    1 
ATOM   679  C CD1   . TYR A 1 106 ? 12.771  -17.674 -2.666  1.00 11.63 ? 84  TYR A CD1   1 
ATOM   680  C CD2   . TYR A 1 106 ? 10.739  -18.418 -1.677  1.00 12.26 ? 84  TYR A CD2   1 
ATOM   681  C CE1   . TYR A 1 106 ? 13.381  -17.654 -1.422  1.00 12.65 ? 84  TYR A CE1   1 
ATOM   682  C CE2   . TYR A 1 106 ? 11.331  -18.403 -0.429  1.00 14.18 ? 84  TYR A CE2   1 
ATOM   683  C CZ    . TYR A 1 106 ? 12.653  -18.045 -0.313  1.00 12.60 ? 84  TYR A CZ    1 
ATOM   684  O OH    . TYR A 1 106 ? 13.156  -18.035 0.948   1.00 17.39 ? 84  TYR A OH    1 
ATOM   685  N N     . PRO A 1 107 ? 9.333   -15.529 -6.573  1.00 7.97  ? 85  PRO A N     1 
ATOM   686  C CA    . PRO A 1 107 ? 8.423   -15.492 -7.707  1.00 8.07  ? 85  PRO A CA    1 
ATOM   687  C C     . PRO A 1 107 ? 8.991   -16.238 -8.912  1.00 8.42  ? 85  PRO A C     1 
ATOM   688  O O     . PRO A 1 107 ? 10.135  -15.992 -9.277  1.00 9.53  ? 85  PRO A O     1 
ATOM   689  C CB    . PRO A 1 107 ? 8.285   -13.981 -7.968  1.00 7.63  ? 85  PRO A CB    1 
ATOM   690  C CG    . PRO A 1 107 ? 9.602   -13.413 -7.495  1.00 7.31  ? 85  PRO A CG    1 
ATOM   691  C CD    . PRO A 1 107 ? 9.928   -14.219 -6.254  1.00 7.69  ? 85  PRO A CD    1 
ATOM   692  N N     . ARG A 1 108 ? 8.171   -17.118 -9.471  1.00 8.08  ? 86  ARG A N     1 
ATOM   693  C CA    . ARG A 1 108 ? 8.400   -17.730 -10.796 1.00 8.86  ? 86  ARG A CA    1 
ATOM   694  C C     . ARG A 1 108 ? 7.124   -17.591 -11.628 1.00 9.13  ? 86  ARG A C     1 
ATOM   695  O O     . ARG A 1 108 ? 6.033   -17.899 -11.123 1.00 8.75  ? 86  ARG A O     1 
ATOM   696  C CB    . ARG A 1 108 ? 8.825   -19.198 -10.636 1.00 9.99  ? 86  ARG A CB    1 
ATOM   697  C CG    . ARG A 1 108 ? 10.141  -19.390 -9.890  1.00 11.05 ? 86  ARG A CG    1 
ATOM   698  C CD    . ARG A 1 108 ? 11.346  -18.921 -10.659 1.00 10.77 ? 86  ARG A CD    1 
ATOM   699  N NE    . ARG A 1 108 ? 12.600  -19.176 -9.961  1.00 10.14 ? 86  ARG A NE    1 
ATOM   700  C CZ    . ARG A 1 108 ? 13.773  -18.654 -10.279 1.00 10.22 ? 86  ARG A CZ    1 
ATOM   701  N NH1   . ARG A 1 108 ? 13.884  -17.811 -11.284 1.00 9.73  ? 86  ARG A NH1   1 
ATOM   702  N NH2   . ARG A 1 108 ? 14.836  -18.951 -9.556  1.00 10.45 ? 86  ARG A NH2   1 
ATOM   703  N N     . SER A 1 109 ? 7.282   -17.194 -12.890 1.00 8.57  ? 87  SER A N     1 
ATOM   704  C CA    . SER A 1 109 ? 6.143   -16.900 -13.788 1.00 9.39  ? 87  SER A CA    1 
ATOM   705  C C     . SER A 1 109 ? 5.188   -18.106 -13.814 1.00 10.03 ? 87  SER A C     1 
ATOM   706  O O     . SER A 1 109 ? 5.660   -19.225 -14.064 1.00 11.06 ? 87  SER A O     1 
ATOM   707  C CB    . SER A 1 109 ? 6.608   -16.513 -15.151 1.00 9.66  ? 87  SER A CB    1 
ATOM   708  O OG    . SER A 1 109 ? 5.532   -15.964 -15.876 1.00 9.98  ? 87  SER A OG    1 
ATOM   709  N N     . LYS A 1 110 ? 3.923   -17.873 -13.497 1.00 11.21 ? 88  LYS A N     1 
ATOM   710  C CA    . LYS A 1 110 ? 2.815   -18.868 -13.611 1.00 13.43 ? 88  LYS A CA    1 
ATOM   711  C C     . LYS A 1 110 ? 2.890   -19.925 -12.503 1.00 13.62 ? 88  LYS A C     1 
ATOM   712  O O     . LYS A 1 110 ? 2.130   -20.896 -12.589 1.00 13.64 ? 88  LYS A O     1 
ATOM   713  C CB    . LYS A 1 110 ? 2.837   -19.562 -14.977 1.00 13.70 ? 88  LYS A CB    1 
ATOM   714  C CG    . LYS A 1 110 ? 2.891   -18.622 -16.169 1.00 14.49 ? 88  LYS A CG    1 
ATOM   715  C CD    . LYS A 1 110 ? 1.754   -17.632 -16.200 1.00 14.61 ? 88  LYS A CD    1 
ATOM   716  C CE    . LYS A 1 110 ? 1.690   -16.881 -17.514 1.00 16.28 ? 88  LYS A CE    1 
ATOM   717  N NZ    . LYS A 1 110 ? 0.568   -15.910 -17.518 1.00 16.25 ? 88  LYS A NZ    1 
ATOM   718  N N     . GLN A 1 111 ? 3.746   -19.762 -11.504 1.00 11.88 ? 89  GLN A N     1 
ATOM   719  C CA    . GLN A 1 111 ? 3.785   -20.657 -10.321 1.00 14.17 ? 89  GLN A CA    1 
ATOM   720  C C     . GLN A 1 111 ? 3.070   -19.941 -9.176  1.00 13.23 ? 89  GLN A C     1 
ATOM   721  O O     . GLN A 1 111 ? 3.699   -19.194 -8.415  1.00 14.35 ? 89  GLN A O     1 
ATOM   722  C CB    . GLN A 1 111 ? 5.225   -21.074 -10.015 1.00 15.57 ? 89  GLN A CB    1 
ATOM   723  C CG    . GLN A 1 111 ? 5.955   -21.613 -11.228 1.00 17.87 ? 89  GLN A CG    1 
ATOM   724  C CD    . GLN A 1 111 ? 7.265   -22.264 -10.847 1.00 23.11 ? 89  GLN A CD    1 
ATOM   725  O OE1   . GLN A 1 111 ? 7.526   -22.536 -9.670  1.00 28.38 ? 89  GLN A OE1   1 
ATOM   726  N NE2   . GLN A 1 111 ? 8.101   -22.521 -11.845 1.00 26.11 ? 89  GLN A NE2   1 
ATOM   727  N N     . TYR A 1 112 ? 1.763   -20.167 -9.059  1.00 15.03 ? 90  TYR A N     1 
ATOM   728  C CA    . TYR A 1 112 ? 0.881   -19.490 -8.078  1.00 17.35 ? 90  TYR A CA    1 
ATOM   729  C C     . TYR A 1 112 ? 0.981   -20.224 -6.747  1.00 20.26 ? 90  TYR A C     1 
ATOM   730  O O     . TYR A 1 112 ? 0.765   -21.432 -6.684  1.00 21.32 ? 90  TYR A O     1 
ATOM   731  C CB    . TYR A 1 112 ? -0.538  -19.392 -8.642  1.00 17.56 ? 90  TYR A CB    1 
ATOM   732  C CG    . TYR A 1 112 ? -0.583  -18.585 -9.911  1.00 14.40 ? 90  TYR A CG    1 
ATOM   733  C CD1   . TYR A 1 112 ? -0.532  -17.194 -9.880  1.00 13.91 ? 90  TYR A CD1   1 
ATOM   734  C CD2   . TYR A 1 112 ? -0.639  -19.200 -11.150 1.00 14.01 ? 90  TYR A CD2   1 
ATOM   735  C CE1   . TYR A 1 112 ? -0.553  -16.450 -11.047 1.00 13.38 ? 90  TYR A CE1   1 
ATOM   736  C CE2   . TYR A 1 112 ? -0.668  -18.467 -12.320 1.00 14.86 ? 90  TYR A CE2   1 
ATOM   737  C CZ    . TYR A 1 112 ? -0.603  -17.085 -12.268 1.00 13.42 ? 90  TYR A CZ    1 
ATOM   738  O OH    . TYR A 1 112 ? -0.622  -16.417 -13.453 1.00 14.16 ? 90  TYR A OH    1 
ATOM   739  N N     . PRO A 1 113 ? 1.350   -19.529 -5.657  1.00 23.39 ? 91  PRO A N     1 
ATOM   740  C CA    . PRO A 1 113 ? 1.368   -20.159 -4.336  1.00 25.40 ? 91  PRO A CA    1 
ATOM   741  C C     . PRO A 1 113 ? -0.062  -20.421 -3.844  1.00 26.38 ? 91  PRO A C     1 
ATOM   742  O O     . PRO A 1 113 ? -0.980  -19.749 -4.280  1.00 25.45 ? 91  PRO A O     1 
ATOM   743  C CB    . PRO A 1 113 ? 2.149   -19.142 -3.492  1.00 24.20 ? 91  PRO A CB    1 
ATOM   744  C CG    . PRO A 1 113 ? 1.832   -17.817 -4.138  1.00 24.31 ? 91  PRO A CG    1 
ATOM   745  C CD    . PRO A 1 113 ? 1.823   -18.131 -5.624  1.00 23.53 ? 91  PRO A CD    1 
ATOM   746  N N     . LYS A 1 114 ? -0.221  -21.413 -2.967  1.00 29.39 ? 92  LYS A N     1 
ATOM   747  C CA    . LYS A 1 114 ? -1.515  -21.740 -2.323  1.00 31.37 ? 92  LYS A CA    1 
ATOM   748  C C     . LYS A 1 114 ? -2.030  -20.478 -1.628  1.00 29.06 ? 92  LYS A C     1 
ATOM   749  O O     . LYS A 1 114 ? -3.237  -20.202 -1.677  1.00 28.07 ? 92  LYS A O     1 
ATOM   750  C CB    . LYS A 1 114 ? -1.337  -22.885 -1.323  1.00 36.01 ? 92  LYS A CB    1 
ATOM   751  C CG    . LYS A 1 114 ? -0.963  -24.227 -1.936  1.00 44.82 ? 92  LYS A CG    1 
ATOM   752  C CD    . LYS A 1 114 ? -0.737  -25.322 -0.903  1.00 49.13 ? 92  LYS A CD    1 
ATOM   753  C CE    . LYS A 1 114 ? 0.180   -26.418 -1.405  1.00 50.73 ? 92  LYS A CE    1 
ATOM   754  N NZ    . LYS A 1 114 ? 0.507   -27.385 -0.334  1.00 57.40 ? 92  LYS A NZ    1 
ATOM   755  N N     . GLU A 1 115 ? -1.127  -19.734 -0.999  1.00 29.93 ? 93  GLU A N     1 
ATOM   756  C CA    . GLU A 1 115 ? -1.481  -18.533 -0.206  1.00 27.50 ? 93  GLU A CA    1 
ATOM   757  C C     . GLU A 1 115 ? -0.413  -17.477 -0.474  1.00 21.74 ? 93  GLU A C     1 
ATOM   758  O O     . GLU A 1 115 ? 0.777   -17.856 -0.528  1.00 19.94 ? 93  GLU A O     1 
ATOM   759  C CB    . GLU A 1 115 ? -1.533  -18.893 1.278   1.00 36.92 ? 93  GLU A CB    1 
ATOM   760  C CG    . GLU A 1 115 ? -2.569  -18.118 2.059   1.00 48.70 ? 93  GLU A CG    1 
ATOM   761  C CD    . GLU A 1 115 ? -2.397  -18.260 3.560   1.00 59.38 ? 93  GLU A CD    1 
ATOM   762  O OE1   . GLU A 1 115 ? -2.819  -17.340 4.294   1.00 72.85 ? 93  GLU A OE1   1 
ATOM   763  O OE2   . GLU A 1 115 ? -1.822  -19.289 3.988   1.00 64.66 ? 93  GLU A OE2   1 
ATOM   764  N N     . PHE A 1 116 ? -0.823  -16.222 -0.651  1.00 16.33 ? 94  PHE A N     1 
ATOM   765  C CA    . PHE A 1 116 ? 0.132   -15.092 -0.765  1.00 15.08 ? 94  PHE A CA    1 
ATOM   766  C C     . PHE A 1 116 ? 0.609   -14.730 0.640   1.00 15.20 ? 94  PHE A C     1 
ATOM   767  O O     . PHE A 1 116 ? -0.173  -14.794 1.602   1.00 16.05 ? 94  PHE A O     1 
ATOM   768  C CB    . PHE A 1 116 ? -0.508  -13.889 -1.470  1.00 15.53 ? 94  PHE A CB    1 
ATOM   769  C CG    . PHE A 1 116 ? -0.658  -14.048 -2.960  1.00 15.41 ? 94  PHE A CG    1 
ATOM   770  C CD1   . PHE A 1 116 ? 0.431   -14.374 -3.756  1.00 14.39 ? 94  PHE A CD1   1 
ATOM   771  C CD2   . PHE A 1 116 ? -1.896  -13.862 -3.567  1.00 17.00 ? 94  PHE A CD2   1 
ATOM   772  C CE1   . PHE A 1 116 ? 0.291   -14.501 -5.131  1.00 14.99 ? 94  PHE A CE1   1 
ATOM   773  C CE2   . PHE A 1 116 ? -2.043  -14.027 -4.937  1.00 15.28 ? 94  PHE A CE2   1 
ATOM   774  C CZ    . PHE A 1 116 ? -0.954  -14.357 -5.712  1.00 16.19 ? 94  PHE A CZ    1 
ATOM   775  N N     . SER A 1 117 ? 1.874   -14.334 0.753   1.00 13.80 ? 95  SER A N     1 
ATOM   776  C CA    . SER A 1 117 ? 2.432   -13.764 2.005   1.00 14.13 ? 95  SER A CA    1 
ATOM   777  C C     . SER A 1 117 ? 1.684   -12.472 2.330   1.00 12.92 ? 95  SER A C     1 
ATOM   778  O O     . SER A 1 117 ? 1.337   -11.722 1.390   1.00 14.63 ? 95  SER A O     1 
ATOM   779  C CB    . SER A 1 117 ? 3.902   -13.467 1.911   1.00 15.84 ? 95  SER A CB    1 
ATOM   780  O OG    . SER A 1 117 ? 4.651   -14.580 1.462   1.00 24.44 ? 95  SER A OG    1 
ATOM   781  N N     . LYS A 1 118 ? 1.498   -12.177 3.610   1.00 14.19 ? 96  LYS A N     1 
ATOM   782  C CA    . LYS A 1 118 ? 0.765   -10.971 4.043   1.00 13.35 ? 96  LYS A CA    1 
ATOM   783  C C     . LYS A 1 118 ? 1.750   -9.923  4.542   1.00 12.62 ? 96  LYS A C     1 
ATOM   784  O O     . LYS A 1 118 ? 2.707   -10.267 5.249   1.00 11.74 ? 96  LYS A O     1 
ATOM   785  C CB    . LYS A 1 118 ? -0.216  -11.289 5.160   1.00 15.78 ? 96  LYS A CB    1 
ATOM   786  C CG    . LYS A 1 118 ? -1.447  -12.036 4.665   1.00 18.93 ? 96  LYS A CG    1 
ATOM   787  C CD    . LYS A 1 118 ? -2.184  -12.724 5.784   1.00 26.37 ? 96  LYS A CD    1 
ATOM   788  C CE    . LYS A 1 118 ? -3.304  -11.891 6.359   1.00 31.15 ? 96  LYS A CE    1 
ATOM   789  N NZ    . LYS A 1 118 ? -4.319  -12.755 7.009   1.00 36.06 ? 96  LYS A NZ    1 
ATOM   790  N N     . THR A 1 119 ? 1.441   -8.675  4.250   1.00 9.12  ? 97  THR A N     1 
ATOM   791  C CA    . THR A 1 119 ? 2.181   -7.491  4.744   1.00 8.73  ? 97  THR A CA    1 
ATOM   792  C C     . THR A 1 119 ? 1.188   -6.608  5.468   1.00 7.83  ? 97  THR A C     1 
ATOM   793  O O     . THR A 1 119 ? 0.041   -6.539  5.017   1.00 7.76  ? 97  THR A O     1 
ATOM   794  C CB    . THR A 1 119 ? 2.802   -6.715  3.573   1.00 7.72  ? 97  THR A CB    1 
ATOM   795  O OG1   . THR A 1 119 ? 3.817   -7.536  2.988   1.00 8.51  ? 97  THR A OG1   1 
ATOM   796  C CG2   . THR A 1 119 ? 3.366   -5.386  4.007   1.00 7.99  ? 97  THR A CG2   1 
ATOM   797  N N     . ILE A 1 120 ? 1.567   -6.033  6.598   1.00 7.96  ? 98  ILE A N     1 
ATOM   798  C CA    . ILE A 1 120 ? 0.699   -5.035  7.272   1.00 8.23  ? 98  ILE A CA    1 
ATOM   799  C C     . ILE A 1 120 ? 1.533   -3.818  7.614   1.00 8.12  ? 98  ILE A C     1 
ATOM   800  O O     . ILE A 1 120 ? 2.609   -3.981  8.179   1.00 7.81  ? 98  ILE A O     1 
ATOM   801  C CB    . ILE A 1 120 ? -0.009  -5.571  8.533   1.00 10.09 ? 98  ILE A CB    1 
ATOM   802  C CG1   . ILE A 1 120 ? -0.960  -4.508  9.073   1.00 11.10 ? 98  ILE A CG1   1 
ATOM   803  C CG2   . ILE A 1 120 ? 0.985   -6.007  9.571   1.00 10.92 ? 98  ILE A CG2   1 
ATOM   804  C CD1   . ILE A 1 120 ? -2.170  -5.068  9.801   1.00 14.16 ? 98  ILE A CD1   1 
ATOM   805  N N     . ILE A 1 121 ? 1.028   -2.657  7.223   1.00 7.83  ? 99  ILE A N     1 
ATOM   806  C CA    . ILE A 1 121 ? 1.648   -1.349  7.535   1.00 7.59  ? 99  ILE A CA    1 
ATOM   807  C C     . ILE A 1 121 ? 0.755   -0.706  8.587   1.00 7.53  ? 99  ILE A C     1 
ATOM   808  O O     . ILE A 1 121 ? -0.403  -0.403  8.321   1.00 8.13  ? 99  ILE A O     1 
ATOM   809  C CB    . ILE A 1 121 ? 1.777   -0.474  6.274   1.00 7.49  ? 99  ILE A CB    1 
ATOM   810  C CG1   . ILE A 1 121 ? 2.405   -1.221  5.091   1.00 7.68  ? 99  ILE A CG1   1 
ATOM   811  C CG2   . ILE A 1 121 ? 2.566   0.774   6.602   1.00 7.00  ? 99  ILE A CG2   1 
ATOM   812  C CD1   . ILE A 1 121 ? 3.732   -1.843  5.375   1.00 7.68  ? 99  ILE A CD1   1 
ATOM   813  N N     . LYS A 1 122 ? 1.264   -0.610  9.818   1.00 8.33  ? 100 LYS A N     1 
ATOM   814  C CA    . LYS A 1 122 ? 0.439   -0.312  11.007  1.00 9.05  ? 100 LYS A CA    1 
ATOM   815  C C     . LYS A 1 122 ? 0.235   1.194   11.135  1.00 9.86  ? 100 LYS A C     1 
ATOM   816  O O     . LYS A 1 122 ? 0.964   2.008   10.506  1.00 7.59  ? 100 LYS A O     1 
ATOM   817  C CB    . LYS A 1 122 ? 1.080   -0.915  12.259  1.00 10.25 ? 100 LYS A CB    1 
ATOM   818  C CG    . LYS A 1 122 ? 1.231   -2.415  12.205  1.00 10.98 ? 100 LYS A CG    1 
ATOM   819  C CD    . LYS A 1 122 ? -0.039  -3.164  12.388  1.00 13.59 ? 100 LYS A CD    1 
ATOM   820  C CE    . LYS A 1 122 ? -0.612  -3.001  13.787  1.00 15.26 ? 100 LYS A CE    1 
ATOM   821  N NZ    . LYS A 1 122 ? -1.850  -3.803  13.927  1.00 15.27 ? 100 LYS A NZ    1 
ATOM   822  N N     . LYS A 1 123 ? -0.761  1.550   11.936  1.00 9.10  ? 101 LYS A N     1 
ATOM   823  C CA    . LYS A 1 123 ? -1.323  2.902   12.036  1.00 9.93  ? 101 LYS A CA    1 
ATOM   824  C C     . LYS A 1 123 ? -0.232  3.964   12.121  1.00 9.12  ? 101 LYS A C     1 
ATOM   825  O O     . LYS A 1 123 ? 0.670   3.846   12.969  1.00 9.30  ? 101 LYS A O     1 
ATOM   826  C CB    . LYS A 1 123 ? -2.244  2.949   13.256  1.00 12.97 ? 101 LYS A CB    1 
ATOM   827  C CG    . LYS A 1 123 ? -2.615  4.336   13.733  1.00 19.16 ? 101 LYS A CG    1 
ATOM   828  C CD    . LYS A 1 123 ? -3.683  4.305   14.809  1.00 23.93 ? 101 LYS A CD    1 
ATOM   829  C CE    . LYS A 1 123 ? -3.973  2.909   15.329  1.00 28.47 ? 101 LYS A CE    1 
ATOM   830  N NZ    . LYS A 1 123 ? -3.119  2.540   16.494  1.00 34.71 ? 101 LYS A NZ    1 
ATOM   831  N N     . GLY A 1 124 ? -0.353  5.007   11.302  1.00 7.23  ? 102 GLY A N     1 
ATOM   832  C CA    . GLY A 1 124 ? 0.498   6.211   11.339  1.00 7.03  ? 102 GLY A CA    1 
ATOM   833  C C     . GLY A 1 124 ? 1.881   6.015   10.757  1.00 7.12  ? 102 GLY A C     1 
ATOM   834  O O     . GLY A 1 124 ? 2.627   6.996   10.699  1.00 7.53  ? 102 GLY A O     1 
ATOM   835  N N     . ALA A 1 125 ? 2.244   4.811   10.333  1.00 7.40  ? 103 ALA A N     1 
ATOM   836  C CA    . ALA A 1 125 ? 3.573   4.568   9.752   1.00 6.16  ? 103 ALA A CA    1 
ATOM   837  C C     . ALA A 1 125 ? 3.695   5.350   8.449   1.00 6.15  ? 103 ALA A C     1 
ATOM   838  O O     . ALA A 1 125 ? 2.663   5.629   7.785   1.00 6.37  ? 103 ALA A O     1 
ATOM   839  C CB    . ALA A 1 125 ? 3.820   3.117   9.499   1.00 7.14  ? 103 ALA A CB    1 
ATOM   840  N N     . SER A 1 126 ? 4.925   5.657   8.092   1.00 5.42  ? 104 SER A N     1 
ATOM   841  C CA    . SER A 1 126 ? 5.255   6.352   6.829   1.00 5.49  ? 104 SER A CA    1 
ATOM   842  C C     . SER A 1 126 ? 6.348   5.612   6.095   1.00 5.64  ? 104 SER A C     1 
ATOM   843  O O     . SER A 1 126 ? 7.374   5.223   6.711   1.00 5.61  ? 104 SER A O     1 
ATOM   844  C CB    . SER A 1 126 ? 5.659   7.741   7.117   1.00 5.08  ? 104 SER A CB    1 
ATOM   845  O OG    . SER A 1 126 ? 4.521   8.426   7.589   1.00 6.26  ? 104 SER A OG    1 
ATOM   846  N N     . ILE A 1 127 ? 6.127   5.414   4.780   1.00 5.42  ? 105 ILE A N     1 
ATOM   847  C CA    . ILE A 1 127 ? 7.125   4.736   3.923   1.00 5.63  ? 105 ILE A CA    1 
ATOM   848  C C     . ILE A 1 127 ? 7.639   5.724   2.888   1.00 5.74  ? 105 ILE A C     1 
ATOM   849  O O     . ILE A 1 127 ? 6.824   6.284   2.106   1.00 5.54  ? 105 ILE A O     1 
ATOM   850  C CB    . ILE A 1 127 ? 6.539   3.502   3.234   1.00 6.29  ? 105 ILE A CB    1 
ATOM   851  C CG1   . ILE A 1 127 ? 5.904   2.555   4.262   1.00 7.23  ? 105 ILE A CG1   1 
ATOM   852  C CG2   . ILE A 1 127 ? 7.634   2.844   2.411   1.00 6.51  ? 105 ILE A CG2   1 
ATOM   853  C CD1   . ILE A 1 127 ? 5.248   1.343   3.647   1.00 8.75  ? 105 ILE A CD1   1 
ATOM   854  N N     . GLY A 1 128 ? 8.938   6.005   2.937   1.00 6.04  ? 106 GLY A N     1 
ATOM   855  C CA    . GLY A 1 128 ? 9.576   6.974   2.048   1.00 5.73  ? 106 GLY A CA    1 
ATOM   856  C C     . GLY A 1 128 ? 9.507   6.548   0.586   1.00 6.27  ? 106 GLY A C     1 
ATOM   857  O O     . GLY A 1 128 ? 9.346   5.358   0.261   1.00 5.09  ? 106 GLY A O     1 
ATOM   858  N N     . ALA A 1 129 ? 9.718   7.538   -0.272  1.00 5.67  ? 107 ALA A N     1 
ATOM   859  C CA    . ALA A 1 129 ? 9.691   7.416   -1.741  1.00 5.51  ? 107 ALA A CA    1 
ATOM   860  C C     . ALA A 1 129 ? 10.578  6.244   -2.185  1.00 5.20  ? 107 ALA A C     1 
ATOM   861  O O     . ALA A 1 129 ? 11.708  6.143   -1.725  1.00 5.03  ? 107 ALA A O     1 
ATOM   862  C CB    . ALA A 1 129 ? 10.141  8.727   -2.322  1.00 6.21  ? 107 ALA A CB    1 
ATOM   863  N N     . ASN A 1 130 ? 10.031  5.415   -3.079  1.00 4.77  ? 108 ASN A N     1 
ATOM   864  C CA    . ASN A 1 130 ? 10.820  4.409   -3.824  1.00 5.18  ? 108 ASN A CA    1 
ATOM   865  C C     . ASN A 1 130 ? 11.391  3.362   -2.872  1.00 4.69  ? 108 ASN A C     1 
ATOM   866  O O     . ASN A 1 130 ? 12.311  2.672   -3.290  1.00 5.39  ? 108 ASN A O     1 
ATOM   867  C CB    . ASN A 1 130 ? 11.914  5.085   -4.656  1.00 5.58  ? 108 ASN A CB    1 
ATOM   868  C CG    . ASN A 1 130 ? 12.227  4.360   -5.958  1.00 5.72  ? 108 ASN A CG    1 
ATOM   869  O OD1   . ASN A 1 130 ? 11.472  3.472   -6.367  1.00 6.00  ? 108 ASN A OD1   1 
ATOM   870  N ND2   . ASN A 1 130 ? 13.284  4.780   -6.642  1.00 7.37  ? 108 ASN A ND2   1 
ATOM   871  N N     . ALA A 1 131 ? 10.884  3.216   -1.644  1.00 5.16  ? 109 ALA A N     1 
ATOM   872  C CA    . ALA A 1 131 ? 11.256  2.093   -0.771  1.00 5.70  ? 109 ALA A CA    1 
ATOM   873  C C     . ALA A 1 131 ? 10.710  0.793   -1.348  1.00 6.28  ? 109 ALA A C     1 
ATOM   874  O O     . ALA A 1 131 ? 9.737   0.811   -2.165  1.00 6.46  ? 109 ALA A O     1 
ATOM   875  C CB    . ALA A 1 131 ? 10.736  2.339   0.618   1.00 5.87  ? 109 ALA A CB    1 
ATOM   876  N N     . THR A 1 132 ? 11.346  -0.317  -0.960  1.00 6.28  ? 110 THR A N     1 
ATOM   877  C CA    . THR A 1 132 ? 10.919  -1.664  -1.390  1.00 6.38  ? 110 THR A CA    1 
ATOM   878  C C     . THR A 1 132 ? 10.594  -2.491  -0.156  1.00 6.43  ? 110 THR A C     1 
ATOM   879  O O     . THR A 1 132 ? 11.473  -2.677  0.697   1.00 7.14  ? 110 THR A O     1 
ATOM   880  C CB    . THR A 1 132 ? 12.027  -2.309  -2.232  1.00 7.23  ? 110 THR A CB    1 
ATOM   881  O OG1   . THR A 1 132 ? 12.376  -1.437  -3.303  1.00 6.79  ? 110 THR A OG1   1 
ATOM   882  C CG2   . THR A 1 132 ? 11.648  -3.656  -2.797  1.00 7.73  ? 110 THR A CG2   1 
ATOM   883  N N     . ILE A 1 133 ? 9.377   -3.006  -0.084  1.00 6.16  ? 111 ILE A N     1 
ATOM   884  C CA    . ILE A 1 133 ? 8.924   -3.775  1.110   1.00 6.66  ? 111 ILE A CA    1 
ATOM   885  C C     . ILE A 1 133 ? 8.815   -5.239  0.700   1.00 6.69  ? 111 ILE A C     1 
ATOM   886  O O     . ILE A 1 133 ? 8.029   -5.591  -0.195  1.00 6.70  ? 111 ILE A O     1 
ATOM   887  C CB    . ILE A 1 133 ? 7.600   -3.239  1.660   1.00 6.40  ? 111 ILE A CB    1 
ATOM   888  C CG1   . ILE A 1 133 ? 7.584   -1.704  1.740   1.00 6.23  ? 111 ILE A CG1   1 
ATOM   889  C CG2   . ILE A 1 133 ? 7.325   -3.901  3.000   1.00 6.73  ? 111 ILE A CG2   1 
ATOM   890  C CD1   . ILE A 1 133 ? 8.710   -1.129  2.543   1.00 6.75  ? 111 ILE A CD1   1 
ATOM   891  N N     . LEU A 1 134 ? 9.620   -6.092  1.322   1.00 7.65  ? 112 LEU A N     1 
ATOM   892  C CA    . LEU A 1 134 ? 9.600   -7.526  1.011   1.00 8.42  ? 112 LEU A CA    1 
ATOM   893  C C     . LEU A 1 134 ? 8.280   -8.119  1.491   1.00 8.08  ? 112 LEU A C     1 
ATOM   894  O O     . LEU A 1 134 ? 7.512   -7.510  2.268   1.00 6.97  ? 112 LEU A O     1 
ATOM   895  C CB    . LEU A 1 134 ? 10.825  -8.175  1.668   1.00 8.65  ? 112 LEU A CB    1 
ATOM   896  C CG    . LEU A 1 134 ? 12.099  -8.229  0.830   1.00 9.83  ? 112 LEU A CG    1 
ATOM   897  C CD1   . LEU A 1 134 ? 11.973  -9.157  -0.357  1.00 12.31 ? 112 LEU A CD1   1 
ATOM   898  C CD2   . LEU A 1 134 ? 12.562  -6.858  0.338   1.00 9.75  ? 112 LEU A CD2   1 
ATOM   899  N N     . PRO A 1 135 ? 7.967   -9.347  1.050   1.00 8.04  ? 113 PRO A N     1 
ATOM   900  C CA    . PRO A 1 135 ? 6.720   -9.967  1.450   1.00 8.99  ? 113 PRO A CA    1 
ATOM   901  C C     . PRO A 1 135 ? 6.777   -10.373 2.929   1.00 9.58  ? 113 PRO A C     1 
ATOM   902  O O     . PRO A 1 135 ? 7.848   -10.639 3.485   1.00 9.74  ? 113 PRO A O     1 
ATOM   903  C CB    . PRO A 1 135 ? 6.555   -11.147 0.480   1.00 9.85  ? 113 PRO A CB    1 
ATOM   904  C CG    . PRO A 1 135 ? 7.925   -11.418 -0.072  1.00 9.23  ? 113 PRO A CG    1 
ATOM   905  C CD    . PRO A 1 135 ? 8.770   -10.178 0.141   1.00 9.01  ? 113 PRO A CD    1 
ATOM   906  N N     . GLY A 1 136 ? 5.611   -10.473 3.547   1.00 9.60  ? 114 GLY A N     1 
ATOM   907  C CA    . GLY A 1 136 ? 5.502   -11.050 4.891   1.00 9.72  ? 114 GLY A CA    1 
ATOM   908  C C     . GLY A 1 136 ? 5.884   -10.071 5.979   1.00 10.83 ? 114 GLY A C     1 
ATOM   909  O O     . GLY A 1 136 ? 6.018   -10.509 7.145   1.00 13.31 ? 114 GLY A O     1 
ATOM   910  N N     . ILE A 1 137 ? 5.996   -8.785  5.651   1.00 9.82  ? 115 ILE A N     1 
ATOM   911  C CA    . ILE A 1 137 ? 6.608   -7.762  6.536   1.00 9.45  ? 115 ILE A CA    1 
ATOM   912  C C     . ILE A 1 137 ? 5.524   -7.087  7.365   1.00 9.40  ? 115 ILE A C     1 
ATOM   913  O O     . ILE A 1 137 ? 4.394   -6.834  6.864   1.00 9.47  ? 115 ILE A O     1 
ATOM   914  C CB    . ILE A 1 137 ? 7.403   -6.750  5.695   1.00 9.77  ? 115 ILE A CB    1 
ATOM   915  C CG1   . ILE A 1 137 ? 8.720   -7.340  5.167   1.00 11.61 ? 115 ILE A CG1   1 
ATOM   916  C CG2   . ILE A 1 137 ? 7.557   -5.408  6.384   1.00 10.17 ? 115 ILE A CG2   1 
ATOM   917  C CD1   . ILE A 1 137 ? 9.779   -7.650  6.196   1.00 12.56 ? 115 ILE A CD1   1 
ATOM   918  N N     . THR A 1 138 ? 5.843   -6.837  8.627   1.00 8.47  ? 116 THR A N     1 
ATOM   919  C CA    . THR A 1 138 ? 5.096   -5.863  9.457   1.00 8.73  ? 116 THR A CA    1 
ATOM   920  C C     . THR A 1 138 ? 5.934   -4.615  9.641   1.00 8.90  ? 116 THR A C     1 
ATOM   921  O O     . THR A 1 138 ? 7.099   -4.720  10.065  1.00 10.00 ? 116 THR A O     1 
ATOM   922  C CB    . THR A 1 138 ? 4.747   -6.438  10.830  1.00 10.26 ? 116 THR A CB    1 
ATOM   923  O OG1   . THR A 1 138 ? 3.888   -7.560  10.610  1.00 12.65 ? 116 THR A OG1   1 
ATOM   924  C CG2   . THR A 1 138 ? 4.081   -5.423  11.731  1.00 11.97 ? 116 THR A CG2   1 
ATOM   925  N N     . ILE A 1 139 ? 5.331   -3.464  9.353   1.00 8.43  ? 117 ILE A N     1 
ATOM   926  C CA    . ILE A 1 139 ? 5.935   -2.163  9.704   1.00 8.11  ? 117 ILE A CA    1 
ATOM   927  C C     . ILE A 1 139 ? 5.097   -1.576  10.824  1.00 8.20  ? 117 ILE A C     1 
ATOM   928  O O     . ILE A 1 139 ? 3.894   -1.346  10.641  1.00 8.84  ? 117 ILE A O     1 
ATOM   929  C CB    . ILE A 1 139 ? 6.068   -1.250  8.479   1.00 8.28  ? 117 ILE A CB    1 
ATOM   930  C CG1   . ILE A 1 139 ? 7.107   -1.864  7.537   1.00 9.91  ? 117 ILE A CG1   1 
ATOM   931  C CG2   . ILE A 1 139 ? 6.461   0.144   8.914   1.00 8.04  ? 117 ILE A CG2   1 
ATOM   932  C CD1   . ILE A 1 139 ? 7.334   -1.132  6.272   1.00 11.58 ? 117 ILE A CD1   1 
ATOM   933  N N     . GLY A 1 140 ? 5.735   -1.344  11.963  1.00 8.95  ? 118 GLY A N     1 
ATOM   934  C CA    . GLY A 1 140 ? 5.008   -1.004  13.193  1.00 7.64  ? 118 GLY A CA    1 
ATOM   935  C C     . GLY A 1 140 ? 4.466   0.405   13.177  1.00 7.29  ? 118 GLY A C     1 
ATOM   936  O O     . GLY A 1 140 ? 4.912   1.229   12.369  1.00 7.20  ? 118 GLY A O     1 
ATOM   937  N N     . GLU A 1 141 ? 3.565   0.674   14.118  1.00 8.26  ? 119 GLU A N     1 
ATOM   938  C CA    A GLU A 1 141 ? 2.855   1.967   14.260  0.50 7.88  ? 119 GLU A CA    1 
ATOM   939  C CA    B GLU A 1 141 ? 2.856   1.962   14.281  0.50 8.25  ? 119 GLU A CA    1 
ATOM   940  C C     . GLU A 1 141 ? 3.863   3.120   14.274  1.00 8.32  ? 119 GLU A C     1 
ATOM   941  O O     . GLU A 1 141 ? 4.882   3.057   15.002  1.00 8.40  ? 119 GLU A O     1 
ATOM   942  C CB    A GLU A 1 141 ? 1.979   1.964   15.516  0.50 8.21  ? 119 GLU A CB    1 
ATOM   943  C CB    B GLU A 1 141 ? 2.036   1.927   15.575  0.50 9.11  ? 119 GLU A CB    1 
ATOM   944  C CG    A GLU A 1 141 ? 0.822   0.996   15.411  0.50 7.74  ? 119 GLU A CG    1 
ATOM   945  C CG    B GLU A 1 141 ? 1.563   3.287   16.034  0.50 9.56  ? 119 GLU A CG    1 
ATOM   946  C CD    A GLU A 1 141 ? -0.048  0.875   16.649  0.50 8.86  ? 119 GLU A CD    1 
ATOM   947  C CD    B GLU A 1 141 ? 0.412   3.244   17.030  0.50 9.56  ? 119 GLU A CD    1 
ATOM   948  O OE1   A GLU A 1 141 ? 0.237   1.564   17.646  0.50 9.42  ? 119 GLU A OE1   1 
ATOM   949  O OE1   B GLU A 1 141 ? -0.166  2.165   17.205  0.50 10.76 ? 119 GLU A OE1   1 
ATOM   950  O OE2   A GLU A 1 141 ? -0.989  0.065   16.611  0.50 9.91  ? 119 GLU A OE2   1 
ATOM   951  O OE2   B GLU A 1 141 ? 0.085   4.305   17.578  0.50 8.69  ? 119 GLU A OE2   1 
ATOM   952  N N     . ASN A 1 142 ? 3.598   4.148   13.482  1.00 6.99  ? 120 ASN A N     1 
ATOM   953  C CA    . ASN A 1 142 ? 4.380   5.401   13.504  1.00 7.17  ? 120 ASN A CA    1 
ATOM   954  C C     . ASN A 1 142 ? 5.845   5.152   13.089  1.00 6.37  ? 120 ASN A C     1 
ATOM   955  O O     . ASN A 1 142 ? 6.664   6.076   13.293  1.00 6.74  ? 120 ASN A O     1 
ATOM   956  C CB    . ASN A 1 142 ? 4.315   6.080   14.887  1.00 9.34  ? 120 ASN A CB    1 
ATOM   957  C CG    . ASN A 1 142 ? 4.659   7.554   14.840  1.00 11.91 ? 120 ASN A CG    1 
ATOM   958  O OD1   . ASN A 1 142 ? 5.389   8.089   15.688  1.00 16.22 ? 120 ASN A OD1   1 
ATOM   959  N ND2   . ASN A 1 142 ? 4.187   8.238   13.815  1.00 11.23 ? 120 ASN A ND2   1 
ATOM   960  N N     . ALA A 1 143 ? 6.228   4.009   12.522  1.00 6.74  ? 121 ALA A N     1 
ATOM   961  C CA    . ALA A 1 143 ? 7.595   3.877   11.967  1.00 6.40  ? 121 ALA A CA    1 
ATOM   962  C C     . ALA A 1 143 ? 7.806   4.887   10.821  1.00 7.20  ? 121 ALA A C     1 
ATOM   963  O O     . ALA A 1 143 ? 6.826   5.393   10.247  1.00 6.22  ? 121 ALA A O     1 
ATOM   964  C CB    . ALA A 1 143 ? 7.884   2.469   11.516  1.00 7.13  ? 121 ALA A CB    1 
ATOM   965  N N     . MET A 1 144 ? 9.069   5.161   10.508  1.00 7.22  ? 122 MET A N     1 
ATOM   966  C CA    . MET A 1 144 ? 9.462   6.006   9.360   1.00 7.82  ? 122 MET A CA    1 
ATOM   967  C C     . MET A 1 144 ? 10.499  5.229   8.552   1.00 7.54  ? 122 MET A C     1 
ATOM   968  O O     . MET A 1 144 ? 11.564  4.889   9.065   1.00 7.48  ? 122 MET A O     1 
ATOM   969  C CB    . MET A 1 144 ? 10.011  7.329   9.844   1.00 9.24  ? 122 MET A CB    1 
ATOM   970  C CG    . MET A 1 144 ? 10.600  8.191   8.730   1.00 10.35 ? 122 MET A CG    1 
ATOM   971  S SD    . MET A 1 144 ? 9.357   8.851   7.618   1.00 10.82 ? 122 MET A SD    1 
ATOM   972  C CE    . MET A 1 144 ? 8.562   10.043  8.691   1.00 12.97 ? 122 MET A CE    1 
ATOM   973  N N     . ILE A 1 145 ? 10.142  4.896   7.314   1.00 6.48  ? 123 ILE A N     1 
ATOM   974  C CA    . ILE A 1 145 ? 11.036  4.157   6.383   1.00 6.58  ? 123 ILE A CA    1 
ATOM   975  C C     . ILE A 1 145 ? 11.666  5.185   5.459   1.00 6.84  ? 123 ILE A C     1 
ATOM   976  O O     . ILE A 1 145 ? 10.894  5.942   4.808   1.00 6.16  ? 123 ILE A O     1 
ATOM   977  C CB    . ILE A 1 145 ? 10.284  3.095   5.563   1.00 7.18  ? 123 ILE A CB    1 
ATOM   978  C CG1   . ILE A 1 145 ? 9.509   2.137   6.458   1.00 7.71  ? 123 ILE A CG1   1 
ATOM   979  C CG2   . ILE A 1 145 ? 11.263  2.337   4.671   1.00 7.84  ? 123 ILE A CG2   1 
ATOM   980  C CD1   . ILE A 1 145 ? 10.319  1.484   7.550   1.00 7.83  ? 123 ILE A CD1   1 
ATOM   981  N N     . GLY A 1 146 ? 13.002  5.247   5.453   1.00 6.72  ? 124 GLY A N     1 
ATOM   982  C CA    . GLY A 1 146 ? 13.725  6.214   4.617   1.00 6.78  ? 124 GLY A CA    1 
ATOM   983  C C     . GLY A 1 146 ? 13.465  5.990   3.146   1.00 6.57  ? 124 GLY A C     1 
ATOM   984  O O     . GLY A 1 146 ? 13.200  4.815   2.730   1.00 5.53  ? 124 GLY A O     1 
ATOM   985  N N     . ALA A 1 147 ? 13.552  7.060   2.377   1.00 5.98  ? 125 ALA A N     1 
ATOM   986  C CA    . ALA A 1 147 ? 13.427  6.988   0.907   1.00 6.28  ? 125 ALA A CA    1 
ATOM   987  C C     . ALA A 1 147 ? 14.453  5.970   0.380   1.00 6.34  ? 125 ALA A C     1 
ATOM   988  O O     . ALA A 1 147 ? 15.585  5.968   0.874   1.00 6.49  ? 125 ALA A O     1 
ATOM   989  C CB    . ALA A 1 147 ? 13.589  8.356   0.306   1.00 7.37  ? 125 ALA A CB    1 
ATOM   990  N N     . GLY A 1 148 ? 14.034  5.103   -0.548  1.00 6.07  ? 126 GLY A N     1 
ATOM   991  C CA    . GLY A 1 148 ? 14.903  4.167   -1.269  1.00 6.37  ? 126 GLY A CA    1 
ATOM   992  C C     . GLY A 1 148 ? 15.265  2.959   -0.429  1.00 6.27  ? 126 GLY A C     1 
ATOM   993  O O     . GLY A 1 148 ? 16.048  2.107   -0.925  1.00 6.52  ? 126 GLY A O     1 
ATOM   994  N N     . ALA A 1 149 ? 14.799  2.844   0.815   1.00 6.96  ? 127 ALA A N     1 
ATOM   995  C CA    . ALA A 1 149 ? 15.198  1.700   1.663   1.00 7.35  ? 127 ALA A CA    1 
ATOM   996  C C     . ALA A 1 149 ? 14.677  0.375   1.110   1.00 7.45  ? 127 ALA A C     1 
ATOM   997  O O     . ALA A 1 149 ? 13.646  0.327   0.418   1.00 9.18  ? 127 ALA A O     1 
ATOM   998  C CB    . ALA A 1 149 ? 14.757  1.865   3.087   1.00 7.72  ? 127 ALA A CB    1 
ATOM   999  N N     . ILE A 1 150 ? 15.402  -0.694  1.433   1.00 6.74  ? 128 ILE A N     1 
ATOM   1000 C CA    . ILE A 1 150 ? 14.910  -2.074  1.229   1.00 7.50  ? 128 ILE A CA    1 
ATOM   1001 C C     . ILE A 1 150 ? 14.588  -2.652  2.601   1.00 7.93  ? 128 ILE A C     1 
ATOM   1002 O O     . ILE A 1 150 ? 15.498  -2.755  3.439   1.00 9.88  ? 128 ILE A O     1 
ATOM   1003 C CB    . ILE A 1 150 ? 15.914  -2.953  0.468   1.00 7.80  ? 128 ILE A CB    1 
ATOM   1004 C CG1   . ILE A 1 150 ? 16.333  -2.303  -0.850  1.00 8.53  ? 128 ILE A CG1   1 
ATOM   1005 C CG2   . ILE A 1 150 ? 15.312  -4.320  0.211   1.00 7.86  ? 128 ILE A CG2   1 
ATOM   1006 C CD1   . ILE A 1 150 ? 17.370  -3.108  -1.597  1.00 10.56 ? 128 ILE A CD1   1 
ATOM   1007 N N     . VAL A 1 151 ? 13.328  -3.017  2.808   1.00 7.35  ? 129 VAL A N     1 
ATOM   1008 C CA    . VAL A 1 151 ? 12.860  -3.508  4.128   1.00 7.93  ? 129 VAL A CA    1 
ATOM   1009 C C     . VAL A 1 151 ? 12.709  -5.022  4.057   1.00 8.17  ? 129 VAL A C     1 
ATOM   1010 O O     . VAL A 1 151 ? 11.724  -5.520  3.480   1.00 7.96  ? 129 VAL A O     1 
ATOM   1011 C CB    . VAL A 1 151 ? 11.557  -2.800  4.537   1.00 8.29  ? 129 VAL A CB    1 
ATOM   1012 C CG1   . VAL A 1 151 ? 11.079  -3.326  5.881   1.00 8.44  ? 129 VAL A CG1   1 
ATOM   1013 C CG2   . VAL A 1 151 ? 11.785  -1.294  4.545   1.00 8.92  ? 129 VAL A CG2   1 
ATOM   1014 N N     . THR A 1 152 ? 13.690  -5.748  4.598   1.00 8.90  ? 130 THR A N     1 
ATOM   1015 C CA    . THR A 1 152 ? 13.732  -7.236  4.489   1.00 10.24 ? 130 THR A CA    1 
ATOM   1016 C C     . THR A 1 152 ? 13.333  -7.888  5.814   1.00 10.68 ? 130 THR A C     1 
ATOM   1017 O O     . THR A 1 152 ? 13.119  -9.123  5.829   1.00 10.82 ? 130 THR A O     1 
ATOM   1018 C CB    . THR A 1 152 ? 15.121  -7.764  4.109   1.00 12.37 ? 130 THR A CB    1 
ATOM   1019 O OG1   . THR A 1 152 ? 15.983  -7.553  5.233   1.00 13.77 ? 130 THR A OG1   1 
ATOM   1020 C CG2   . THR A 1 152 ? 15.670  -7.104  2.864   1.00 12.15 ? 130 THR A CG2   1 
ATOM   1021 N N     . LYS A 1 153 ? 13.216  -7.085  6.866   1.00 11.01 ? 131 LYS A N     1 
ATOM   1022 C CA    . LYS A 1 153 ? 12.814  -7.541  8.207   1.00 11.98 ? 131 LYS A CA    1 
ATOM   1023 C C     . LYS A 1 153 ? 11.769  -6.564  8.749   1.00 10.30 ? 131 LYS A C     1 
ATOM   1024 O O     . LYS A 1 153 ? 11.744  -5.401  8.340   1.00 10.66 ? 131 LYS A O     1 
ATOM   1025 C CB    . LYS A 1 153 ? 14.045  -7.620  9.108   1.00 14.04 ? 131 LYS A CB    1 
ATOM   1026 C CG    . LYS A 1 153 ? 15.090  -8.652  8.697   1.00 16.31 ? 131 LYS A CG    1 
ATOM   1027 C CD    . LYS A 1 153 ? 16.298  -8.573  9.611   1.00 19.41 ? 131 LYS A CD    1 
ATOM   1028 C CE    . LYS A 1 153 ? 17.265  -9.741  9.530   1.00 24.46 ? 131 LYS A CE    1 
ATOM   1029 N NZ    . LYS A 1 153 ? 17.526  -10.159 8.142   1.00 25.62 ? 131 LYS A NZ    1 
ATOM   1030 N N     . ASP A 1 154 ? 10.957  -7.049  9.669   1.00 8.97  ? 132 ASP A N     1 
ATOM   1031 C CA    . ASP A 1 154 ? 9.935   -6.211  10.329  1.00 9.28  ? 132 ASP A CA    1 
ATOM   1032 C C     . ASP A 1 154 ? 10.621  -4.982  10.900  1.00 8.27  ? 132 ASP A C     1 
ATOM   1033 O O     . ASP A 1 154 ? 11.761  -5.061  11.346  1.00 9.73  ? 132 ASP A O     1 
ATOM   1034 C CB    . ASP A 1 154 ? 9.202   -6.968  11.432  1.00 9.39  ? 132 ASP A CB    1 
ATOM   1035 C CG    . ASP A 1 154 ? 8.273   -8.041  10.932  1.00 12.58 ? 132 ASP A CG    1 
ATOM   1036 O OD1   . ASP A 1 154 ? 8.128   -8.196  9.695   1.00 13.06 ? 132 ASP A OD1   1 
ATOM   1037 O OD2   . ASP A 1 154 ? 7.699   -8.715  11.797  1.00 16.03 ? 132 ASP A OD2   1 
ATOM   1038 N N     . VAL A 1 155 ? 9.918   -3.874  10.876  1.00 7.57  ? 133 VAL A N     1 
ATOM   1039 C CA    . VAL A 1 155 ? 10.384  -2.609  11.489  1.00 8.70  ? 133 VAL A CA    1 
ATOM   1040 C C     . VAL A 1 155 ? 9.525   -2.368  12.718  1.00 8.37  ? 133 VAL A C     1 
ATOM   1041 O O     . VAL A 1 155 ? 8.280   -2.407  12.629  1.00 8.16  ? 133 VAL A O     1 
ATOM   1042 C CB    . VAL A 1 155 ? 10.323  -1.439  10.497  1.00 8.32  ? 133 VAL A CB    1 
ATOM   1043 C CG1   . VAL A 1 155 ? 10.688  -0.127  11.146  1.00 9.37  ? 133 VAL A CG1   1 
ATOM   1044 C CG2   . VAL A 1 155 ? 11.227  -1.706  9.312   1.00 9.20  ? 133 VAL A CG2   1 
ATOM   1045 N N     . LEU A 1 156 ? 10.179  -2.134  13.842  1.00 8.67  ? 134 LEU A N     1 
ATOM   1046 C CA    . LEU A 1 156 ? 9.473   -1.940  15.121  1.00 9.25  ? 134 LEU A CA    1 
ATOM   1047 C C     . LEU A 1 156 ? 8.701   -0.627  15.123  1.00 8.62  ? 134 LEU A C     1 
ATOM   1048 O O     . LEU A 1 156 ? 9.025   0.348   14.438  1.00 8.48  ? 134 LEU A O     1 
ATOM   1049 C CB    . LEU A 1 156 ? 10.511  -1.966  16.243  1.00 9.32  ? 134 LEU A CB    1 
ATOM   1050 C CG    . LEU A 1 156 ? 11.172  -3.321  16.461  1.00 10.26 ? 134 LEU A CG    1 
ATOM   1051 C CD1   . LEU A 1 156 ? 12.363  -3.157  17.402  1.00 10.77 ? 134 LEU A CD1   1 
ATOM   1052 C CD2   . LEU A 1 156 ? 10.177  -4.346  17.003  1.00 11.25 ? 134 LEU A CD2   1 
ATOM   1053 N N     . PRO A 1 157 ? 7.627   -0.545  15.938  1.00 8.41  ? 135 PRO A N     1 
ATOM   1054 C CA    . PRO A 1 157 ? 6.915   0.707   16.116  1.00 7.82  ? 135 PRO A CA    1 
ATOM   1055 C C     . PRO A 1 157 ? 7.858   1.886   16.367  1.00 8.38  ? 135 PRO A C     1 
ATOM   1056 O O     . PRO A 1 157 ? 8.830   1.749   17.111  1.00 6.93  ? 135 PRO A O     1 
ATOM   1057 C CB    . PRO A 1 157 ? 6.060   0.425   17.357  1.00 8.44  ? 135 PRO A CB    1 
ATOM   1058 C CG    . PRO A 1 157 ? 5.758   -1.035  17.243  1.00 9.17  ? 135 PRO A CG    1 
ATOM   1059 C CD    . PRO A 1 157 ? 7.048   -1.644  16.732  1.00 8.60  ? 135 PRO A CD    1 
ATOM   1060 N N     . HIS A 1 158 ? 7.568   3.016   15.733  1.00 7.60  ? 136 HIS A N     1 
ATOM   1061 C CA    . HIS A 1 158 ? 8.195   4.341   15.957  1.00 7.49  ? 136 HIS A CA    1 
ATOM   1062 C C     . HIS A 1 158 ? 9.667   4.352   15.539  1.00 6.96  ? 136 HIS A C     1 
ATOM   1063 O O     . HIS A 1 158 ? 10.357  5.360   15.839  1.00 7.75  ? 136 HIS A O     1 
ATOM   1064 C CB    . HIS A 1 158 ? 8.044   4.743   17.432  1.00 7.37  ? 136 HIS A CB    1 
ATOM   1065 C CG    . HIS A 1 158 ? 6.623   4.963   17.844  1.00 7.29  ? 136 HIS A CG    1 
ATOM   1066 N ND1   . HIS A 1 158 ? 6.122   6.224   18.039  1.00 8.34  ? 136 HIS A ND1   1 
ATOM   1067 C CD2   . HIS A 1 158 ? 5.611   4.101   18.112  1.00 7.29  ? 136 HIS A CD2   1 
ATOM   1068 C CE1   . HIS A 1 158 ? 4.862   6.144   18.422  1.00 7.48  ? 136 HIS A CE1   1 
ATOM   1069 N NE2   . HIS A 1 158 ? 4.507   4.861   18.463  1.00 7.66  ? 136 HIS A NE2   1 
ATOM   1070 N N     . VAL A 1 159 ? 10.177  3.295   14.905  1.00 7.56  ? 137 VAL A N     1 
ATOM   1071 C CA    . VAL A 1 159 ? 11.602  3.248   14.507  1.00 7.44  ? 137 VAL A CA    1 
ATOM   1072 C C     . VAL A 1 159 ? 11.755  3.920   13.142  1.00 8.27  ? 137 VAL A C     1 
ATOM   1073 O O     . VAL A 1 159 ? 10.868  3.787   12.301  1.00 8.09  ? 137 VAL A O     1 
ATOM   1074 C CB    . VAL A 1 159 ? 12.132  1.809   14.484  1.00 7.66  ? 137 VAL A CB    1 
ATOM   1075 C CG1   . VAL A 1 159 ? 13.445  1.667   13.713  1.00 7.87  ? 137 VAL A CG1   1 
ATOM   1076 C CG2   . VAL A 1 159 ? 12.268  1.293   15.905  1.00 7.64  ? 137 VAL A CG2   1 
ATOM   1077 N N     . THR A 1 160 ? 12.854  4.647   13.009  1.00 8.22  ? 138 THR A N     1 
ATOM   1078 C CA    . THR A 1 160 ? 13.322  5.189   11.718  1.00 8.72  ? 138 THR A CA    1 
ATOM   1079 C C     . THR A 1 160 ? 14.350  4.229   11.133  1.00 9.57  ? 138 THR A C     1 
ATOM   1080 O O     . THR A 1 160 ? 15.412  3.997   11.767  1.00 10.27 ? 138 THR A O     1 
ATOM   1081 C CB    . THR A 1 160 ? 13.873  6.600   11.857  1.00 9.39  ? 138 THR A CB    1 
ATOM   1082 O OG1   . THR A 1 160 ? 12.811  7.423   12.335  1.00 9.42  ? 138 THR A OG1   1 
ATOM   1083 C CG2   . THR A 1 160 ? 14.385  7.131   10.534  1.00 8.90  ? 138 THR A CG2   1 
ATOM   1084 N N     . TYR A 1 161 ? 14.043  3.662   9.971   1.00 8.52  ? 139 TYR A N     1 
ATOM   1085 C CA    . TYR A 1 161 ? 14.920  2.661   9.333   1.00 8.57  ? 139 TYR A CA    1 
ATOM   1086 C C     . TYR A 1 161 ? 15.272  3.183   7.950   1.00 9.91  ? 139 TYR A C     1 
ATOM   1087 O O     . TYR A 1 161 ? 14.350  3.579   7.213   1.00 9.18  ? 139 TYR A O     1 
ATOM   1088 C CB    . TYR A 1 161 ? 14.262  1.283   9.189   1.00 9.37  ? 139 TYR A CB    1 
ATOM   1089 C CG    . TYR A 1 161 ? 15.072  0.365   8.300   1.00 10.48 ? 139 TYR A CG    1 
ATOM   1090 C CD1   . TYR A 1 161 ? 16.240  -0.221  8.762   1.00 12.68 ? 139 TYR A CD1   1 
ATOM   1091 C CD2   . TYR A 1 161 ? 14.760  0.219   6.955   1.00 10.76 ? 139 TYR A CD2   1 
ATOM   1092 C CE1   . TYR A 1 161 ? 17.030  -1.011  7.935   1.00 15.36 ? 139 TYR A CE1   1 
ATOM   1093 C CE2   . TYR A 1 161 ? 15.533  -0.564  6.117   1.00 12.93 ? 139 TYR A CE2   1 
ATOM   1094 C CZ    . TYR A 1 161 ? 16.680  -1.167  6.601   1.00 16.91 ? 139 TYR A CZ    1 
ATOM   1095 O OH    . TYR A 1 161 ? 17.476  -1.903  5.762   1.00 20.78 ? 139 TYR A OH    1 
ATOM   1096 N N     . TYR A 1 162 ? 16.540  3.091   7.595   1.00 10.19 ? 140 TYR A N     1 
ATOM   1097 C CA    . TYR A 1 162 ? 16.960  3.346   6.194   1.00 11.55 ? 140 TYR A CA    1 
ATOM   1098 C C     . TYR A 1 162 ? 18.174  2.489   5.876   1.00 14.77 ? 140 TYR A C     1 
ATOM   1099 O O     . TYR A 1 162 ? 18.865  2.053   6.801   1.00 14.22 ? 140 TYR A O     1 
ATOM   1100 C CB    . TYR A 1 162 ? 17.224  4.830   5.950   1.00 12.84 ? 140 TYR A CB    1 
ATOM   1101 C CG    . TYR A 1 162 ? 18.097  5.517   6.960   1.00 15.59 ? 140 TYR A CG    1 
ATOM   1102 C CD1   . TYR A 1 162 ? 19.480  5.453   6.875   1.00 18.57 ? 140 TYR A CD1   1 
ATOM   1103 C CD2   . TYR A 1 162 ? 17.534  6.267   7.978   1.00 16.48 ? 140 TYR A CD2   1 
ATOM   1104 C CE1   . TYR A 1 162 ? 20.283  6.102   7.800   1.00 19.32 ? 140 TYR A CE1   1 
ATOM   1105 C CE2   . TYR A 1 162 ? 18.322  6.936   8.893   1.00 17.89 ? 140 TYR A CE2   1 
ATOM   1106 C CZ    . TYR A 1 162 ? 19.695  6.838   8.814   1.00 19.34 ? 140 TYR A CZ    1 
ATOM   1107 O OH    . TYR A 1 162 ? 20.431  7.491   9.751   1.00 24.43 ? 140 TYR A OH    1 
ATOM   1108 N N     . SER A 1 163 ? 18.357  2.236   4.578   1.00 15.08 ? 141 SER A N     1 
ATOM   1109 C CA    . SER A 1 163 ? 19.418  1.342   4.049   1.00 19.84 ? 141 SER A CA    1 
ATOM   1110 C C     . SER A 1 163 ? 20.696  2.189   3.923   1.00 25.35 ? 141 SER A C     1 
ATOM   1111 O O     . SER A 1 163 ? 20.601  3.300   3.414   1.00 26.46 ? 141 SER A O     1 
ATOM   1112 C CB    . SER A 1 163 ? 18.954  0.702   2.736   1.00 19.37 ? 141 SER A CB    1 
ATOM   1113 O OG    . SER A 1 163 ? 17.861  -0.202  2.947   1.00 15.74 ? 141 SER A OG    1 
ATOM   1114 N N     . LYS A 1 164 ? 21.845  1.724   4.413   1.00 40.10 ? 142 LYS A N     1 
ATOM   1115 C CA    . LYS A 1 164 ? 23.106  2.529   4.394   1.00 51.41 ? 142 LYS A CA    1 
ATOM   1116 C C     . LYS A 1 164 ? 23.600  2.640   2.945   1.00 48.84 ? 142 LYS A C     1 
ATOM   1117 O O     . LYS A 1 164 ? 23.566  1.626   2.241   1.00 56.91 ? 142 LYS A O     1 
ATOM   1118 C CB    . LYS A 1 164 ? 24.190  1.945   5.314   1.00 56.14 ? 142 LYS A CB    1 
ATOM   1119 C CG    . LYS A 1 164 ? 24.124  0.444   5.585   1.00 61.69 ? 142 LYS A CG    1 
ATOM   1120 C CD    . LYS A 1 164 ? 23.574  0.080   6.958   1.00 67.10 ? 142 LYS A CD    1 
ATOM   1121 C CE    . LYS A 1 164 ? 24.144  -1.215  7.501   1.00 66.54 ? 142 LYS A CE    1 
ATOM   1122 N NZ    . LYS A 1 164 ? 23.682  -1.477  8.884   1.00 65.52 ? 142 LYS A NZ    1 
ATOM   1123 N N     . ILE A 1 165 ? 24.026  3.834   2.520   1.00 56.25 ? 143 ILE A N     1 
ATOM   1124 C CA    . ILE A 1 165 ? 24.433  4.146   1.112   1.00 63.05 ? 143 ILE A CA    1 
ATOM   1125 C C     . ILE A 1 165 ? 25.968  4.163   1.005   1.00 69.18 ? 143 ILE A C     1 
ATOM   1126 O O     . ILE A 1 165 ? 26.500  4.238   -0.108  1.00 68.04 ? 143 ILE A O     1 
ATOM   1127 C CB    . ILE A 1 165 ? 23.825  5.479   0.622   1.00 60.21 ? 143 ILE A CB    1 
ATOM   1128 C CG1   . ILE A 1 165 ? 24.115  6.634   1.584   1.00 61.75 ? 143 ILE A CG1   1 
ATOM   1129 C CG2   . ILE A 1 165 ? 22.339  5.324   0.354   1.00 62.17 ? 143 ILE A CG2   1 
ATOM   1130 C CD1   . ILE A 1 165 ? 23.353  7.900   1.281   1.00 66.19 ? 143 ILE A CD1   1 
ATOM   1131 O OXT   . ILE A 1 165 ? 26.716  4.114   1.991   1.00 70.12 ? 143 ILE A OXT   1 
HETATM 1132 N N1A   . COA B 2 .   ? 17.912  -7.173  -0.636  1.00 9.21  ? 201 COA A N1A   1 
HETATM 1133 C C2A   . COA B 2 .   ? 18.817  -7.145  0.357   1.00 10.79 ? 201 COA A C2A   1 
HETATM 1134 N N3A   . COA B 2 .   ? 19.070  -8.044  1.306   1.00 9.24  ? 201 COA A N3A   1 
HETATM 1135 C C4A   . COA B 2 .   ? 18.249  -9.095  1.182   1.00 10.35 ? 201 COA A C4A   1 
HETATM 1136 C C5A   . COA B 2 .   ? 17.280  -9.275  0.213   1.00 10.07 ? 201 COA A C5A   1 
HETATM 1137 C C6A   . COA B 2 .   ? 17.095  -8.249  -0.732  1.00 9.03  ? 201 COA A C6A   1 
HETATM 1138 N N6A   . COA B 2 .   ? 16.177  -8.310  -1.691  1.00 7.99  ? 201 COA A N6A   1 
HETATM 1139 N N7A   . COA B 2 .   ? 16.649  -10.489 0.394   1.00 12.03 ? 201 COA A N7A   1 
HETATM 1140 C C8A   . COA B 2 .   ? 17.251  -11.023 1.438   1.00 13.46 ? 201 COA A C8A   1 
HETATM 1141 N N9A   . COA B 2 .   ? 18.228  -10.233 1.948   1.00 13.04 ? 201 COA A N9A   1 
HETATM 1142 C C1B   . COA B 2 .   ? 19.079  -10.520 3.129   1.00 13.62 ? 201 COA A C1B   1 
HETATM 1143 C C2B   . COA B 2 .   ? 18.263  -10.744 4.392   1.00 15.70 ? 201 COA A C2B   1 
HETATM 1144 O O2B   . COA B 2 .   ? 18.075  -9.476  4.991   1.00 18.27 ? 201 COA A O2B   1 
HETATM 1145 C C3B   . COA B 2 .   ? 19.192  -11.689 5.169   1.00 15.01 ? 201 COA A C3B   1 
HETATM 1146 O O3B   . COA B 2 .   ? 20.177  -10.867 5.770   1.00 15.91 ? 201 COA A O3B   1 
HETATM 1147 P P3B   . COA B 2 .   ? 20.764  -11.534 7.179   1.00 19.10 ? 201 COA A P3B   1 
HETATM 1148 O O7A   . COA B 2 .   ? 19.686  -11.677 8.214   1.00 21.18 ? 201 COA A O7A   1 
HETATM 1149 O O8A   . COA B 2 .   ? 21.740  -10.463 7.450   1.00 17.95 ? 201 COA A O8A   1 
HETATM 1150 O O9A   . COA B 2 .   ? 21.401  -12.869 6.855   1.00 20.94 ? 201 COA A O9A   1 
HETATM 1151 C C4B   . COA B 2 .   ? 19.832  -12.539 4.080   1.00 15.07 ? 201 COA A C4B   1 
HETATM 1152 O O4B   . COA B 2 .   ? 19.817  -11.700 2.893   1.00 14.35 ? 201 COA A O4B   1 
HETATM 1153 C C5B   . COA B 2 .   ? 19.160  -13.853 3.780   1.00 16.79 ? 201 COA A C5B   1 
HETATM 1154 O O5B   . COA B 2 .   ? 17.731  -13.617 3.730   1.00 18.08 ? 201 COA A O5B   1 
HETATM 1155 P P1A   . COA B 2 .   ? 16.679  -14.771 3.409   1.00 23.39 ? 201 COA A P1A   1 
HETATM 1156 O O1A   . COA B 2 .   ? 15.325  -14.185 3.579   1.00 19.57 ? 201 COA A O1A   1 
HETATM 1157 O O2A   . COA B 2 .   ? 17.006  -16.019 4.179   1.00 22.93 ? 201 COA A O2A   1 
HETATM 1158 O O3A   . COA B 2 .   ? 17.048  -15.042 1.909   1.00 17.88 ? 201 COA A O3A   1 
HETATM 1159 P P2A   . COA B 2 .   ? 16.258  -16.011 0.916   1.00 20.63 ? 201 COA A P2A   1 
HETATM 1160 O O4A   . COA B 2 .   ? 15.167  -16.742 1.635   1.00 20.60 ? 201 COA A O4A   1 
HETATM 1161 O O5A   . COA B 2 .   ? 17.357  -16.599 0.102   1.00 15.33 ? 201 COA A O5A   1 
HETATM 1162 O O6A   . COA B 2 .   ? 15.439  -14.986 -0.077  1.00 15.63 ? 201 COA A O6A   1 
HETATM 1163 C CBP   . COA B 2 .   ? 15.424  -13.467 -1.962  1.00 10.25 ? 201 COA A CBP   1 
HETATM 1164 C CCP   . COA B 2 .   ? 16.244  -14.153 -0.876  1.00 13.02 ? 201 COA A CCP   1 
HETATM 1165 C CDP   . COA B 2 .   ? 16.397  -12.523 -2.684  1.00 11.44 ? 201 COA A CDP   1 
HETATM 1166 C CEP   . COA B 2 .   ? 14.894  -14.509 -2.956  1.00 10.61 ? 201 COA A CEP   1 
HETATM 1167 C CAP   . COA B 2 .   ? 14.227  -12.680 -1.408  1.00 9.12  ? 201 COA A CAP   1 
HETATM 1168 O OAP   . COA B 2 .   ? 14.501  -12.088 -0.150  1.00 9.56  ? 201 COA A OAP   1 
HETATM 1169 C C9P   . COA B 2 .   ? 13.678  -11.665 -2.402  1.00 8.33  ? 201 COA A C9P   1 
HETATM 1170 O O9P   . COA B 2 .   ? 14.177  -10.532 -2.523  1.00 7.60  ? 201 COA A O9P   1 
HETATM 1171 N N8P   . COA B 2 .   ? 12.633  -12.094 -3.091  1.00 8.88  ? 201 COA A N8P   1 
HETATM 1172 C C7P   . COA B 2 .   ? 11.989  -11.353 -4.166  1.00 8.71  ? 201 COA A C7P   1 
HETATM 1173 C C6P   . COA B 2 .   ? 10.625  -10.845 -3.763  1.00 8.64  ? 201 COA A C6P   1 
HETATM 1174 C C5P   . COA B 2 .   ? 9.959   -10.100 -4.902  1.00 9.48  ? 201 COA A C5P   1 
HETATM 1175 O O5P   . COA B 2 .   ? 10.472  -9.079  -5.353  1.00 9.26  ? 201 COA A O5P   1 
HETATM 1176 N N4P   . COA B 2 .   ? 8.825   -10.587 -5.388  1.00 9.36  ? 201 COA A N4P   1 
HETATM 1177 C C3P   . COA B 2 .   ? 8.169   -9.990  -6.541  1.00 9.63  ? 201 COA A C3P   1 
HETATM 1178 C C2P   . COA B 2 .   ? 6.996   -9.160  -6.166  1.00 10.26 ? 201 COA A C2P   1 
HETATM 1179 S S1P   . COA B 2 .   ? 5.690   -10.106 -5.332  1.00 13.38 ? 201 COA A S1P   1 
HETATM 1180 O O4    . T3Q C 3 .   ? -7.643  -5.044  -14.051 1.00 6.90  ? 202 T3Q A O4    1 
HETATM 1181 C C4    . T3Q C 3 .   ? -6.637  -5.649  -13.925 1.00 5.90  ? 202 T3Q A C4    1 
HETATM 1182 N N3    . T3Q C 3 .   ? -5.497  -5.030  -14.168 1.00 5.38  ? 202 T3Q A N3    1 
HETATM 1183 C C2    . T3Q C 3 .   ? -4.292  -5.646  -14.052 1.00 6.12  ? 202 T3Q A C2    1 
HETATM 1184 O O2    . T3Q C 3 .   ? -3.235  -5.032  -14.260 1.00 5.84  ? 202 T3Q A O2    1 
HETATM 1185 C C5    . T3Q C 3 .   ? -6.587  -6.971  -13.602 1.00 5.57  ? 202 T3Q A C5    1 
HETATM 1186 C C5M   . T3Q C 3 .   ? -7.878  -7.702  -13.333 1.00 6.33  ? 202 T3Q A C5M   1 
HETATM 1187 C C6    . T3Q C 3 .   ? -5.395  -7.604  -13.474 1.00 5.75  ? 202 T3Q A C6    1 
HETATM 1188 N N1    . T3Q C 3 .   ? -4.246  -6.940  -13.688 1.00 5.65  ? 202 T3Q A N1    1 
HETATM 1189 C "C1'" . T3Q C 3 .   ? -2.907  -7.548  -13.537 1.00 5.99  ? 202 T3Q A "C1'" 1 
HETATM 1190 O "O4'" . T3Q C 3 .   ? -3.040  -8.930  -13.529 1.00 6.22  ? 202 T3Q A "O4'" 1 
HETATM 1191 C "C2'" . T3Q C 3 .   ? -2.360  -7.190  -12.147 1.00 6.34  ? 202 T3Q A "C2'" 1 
HETATM 1192 C "C3'" . T3Q C 3 .   ? -2.733  -8.372  -11.267 1.00 6.53  ? 202 T3Q A "C3'" 1 
HETATM 1193 O "O3'" . T3Q C 3 .   ? -1.868  -8.469  -10.131 1.00 6.45  ? 202 T3Q A "O3'" 1 
HETATM 1194 C "C4'" . T3Q C 3 .   ? -2.558  -9.474  -12.288 1.00 6.53  ? 202 T3Q A "C4'" 1 
HETATM 1195 C "C5'" . T3Q C 3 .   ? -3.370  -10.739 -11.946 1.00 7.10  ? 202 T3Q A "C5'" 1 
HETATM 1196 O "O5'" . T3Q C 3 .   ? -3.085  -11.757 -12.838 1.00 7.72  ? 202 T3Q A "O5'" 1 
HETATM 1197 P PA    . T3Q C 3 .   ? -2.456  -13.167 -12.335 1.00 9.51  ? 202 T3Q A PA    1 
HETATM 1198 O O1A   . T3Q C 3 .   ? -2.150  -13.924 -13.519 1.00 9.67  ? 202 T3Q A O1A   1 
HETATM 1199 O O2A   . T3Q C 3 .   ? -3.339  -13.689 -11.291 1.00 11.32 ? 202 T3Q A O2A   1 
HETATM 1200 O O3A   . T3Q C 3 .   ? -1.113  -12.771 -11.516 1.00 10.09 ? 202 T3Q A O3A   1 
HETATM 1201 P PB    . T3Q C 3 .   ? 0.424   -12.541 -11.984 1.00 11.46 ? 202 T3Q A PB    1 
HETATM 1202 O O1B   . T3Q C 3 .   ? 0.919   -13.788 -12.613 1.00 12.43 ? 202 T3Q A O1B   1 
HETATM 1203 O O2B   . T3Q C 3 .   ? 0.565   -11.269 -12.730 1.00 10.49 ? 202 T3Q A O2B   1 
HETATM 1204 O O3B   . T3Q C 3 .   ? 1.064   -12.368 -10.529 1.00 10.40 ? 202 T3Q A O3B   1 
HETATM 1205 O O4Q   . T3Q C 3 .   ? 4.571   -13.622 -8.001  1.00 10.24 ? 202 T3Q A O4Q   1 
HETATM 1206 C C4Q   . T3Q C 3 .   ? 3.151   -13.641 -8.044  1.00 10.69 ? 202 T3Q A C4Q   1 
HETATM 1207 C C5Q   . T3Q C 3 .   ? 2.621   -14.351 -9.276  1.00 12.06 ? 202 T3Q A C5Q   1 
HETATM 1208 O O5Q   . T3Q C 3 .   ? 1.237   -14.287 -9.282  1.00 10.76 ? 202 T3Q A O5Q   1 
HETATM 1209 C C6Q   . T3Q C 3 .   ? 2.949   -15.841 -9.311  1.00 13.20 ? 202 T3Q A C6Q   1 
HETATM 1210 C C3Q   . T3Q C 3 .   ? 2.695   -12.193 -8.141  1.00 11.10 ? 202 T3Q A C3Q   1 
HETATM 1211 N N3Q   . T3Q C 3 .   ? 3.214   -11.402 -7.020  1.00 11.49 ? 202 T3Q A N3Q   1 
HETATM 1212 C C2Q   . T3Q C 3 .   ? 1.175   -12.172 -8.200  1.00 11.96 ? 202 T3Q A C2Q   1 
HETATM 1213 O O2Q   . T3Q C 3 .   ? 0.723   -10.839 -8.367  1.00 12.14 ? 202 T3Q A O2Q   1 
HETATM 1214 C C1Q   . T3Q C 3 .   ? 0.652   -12.990 -9.343  1.00 11.71 ? 202 T3Q A C1Q   1 
HETATM 1215 C C1    . EDO D 4 .   ? -6.280  -8.064  3.980   1.00 33.36 ? 203 EDO A C1    1 
HETATM 1216 O O1    . EDO D 4 .   ? -7.142  -9.190  3.945   1.00 35.08 ? 203 EDO A O1    1 
HETATM 1217 C C2    . EDO D 4 .   ? -4.957  -8.389  3.391   1.00 31.94 ? 203 EDO A C2    1 
HETATM 1218 O O2    . EDO D 4 .   ? -4.215  -9.385  4.103   1.00 33.61 ? 203 EDO A O2    1 
HETATM 1219 O O     . HOH E 5 .   ? -8.083  17.138  -3.810  1.00 21.05 ? 301 HOH A O     1 
HETATM 1220 O O     . HOH E 5 .   ? 7.648   -19.629 -6.526  1.00 31.59 ? 302 HOH A O     1 
HETATM 1221 O O     . HOH E 5 .   ? -0.743  1.189   19.880  1.00 20.35 ? 303 HOH A O     1 
HETATM 1222 O O     . HOH E 5 .   ? -9.802  1.784   9.866   1.00 24.53 ? 304 HOH A O     1 
HETATM 1223 O O     . HOH E 5 .   ? 1.874   4.449   19.372  1.00 17.41 ? 305 HOH A O     1 
HETATM 1224 O O     . HOH E 5 .   ? -18.481 7.129   -0.086  1.00 32.97 ? 306 HOH A O     1 
HETATM 1225 O O     . HOH E 5 .   ? 0.237   -21.753 -14.082 1.00 29.26 ? 307 HOH A O     1 
HETATM 1226 O O     . HOH E 5 .   ? 5.980   -15.858 -0.318  1.00 17.85 ? 308 HOH A O     1 
HETATM 1227 O O     . HOH E 5 .   ? -2.836  -0.884  15.080  1.00 16.54 ? 309 HOH A O     1 
HETATM 1228 O O     . HOH E 5 .   ? -5.609  -12.943 -10.289 1.00 11.58 ? 310 HOH A O     1 
HETATM 1229 O O     . HOH E 5 .   ? 6.517   -18.680 -4.702  1.00 29.57 ? 311 HOH A O     1 
HETATM 1230 O O     . HOH E 5 .   ? 14.495  -11.933 2.572   1.00 21.97 ? 312 HOH A O     1 
HETATM 1231 O O     . HOH E 5 .   ? -10.291 3.296   12.819  1.00 34.00 ? 313 HOH A O     1 
HETATM 1232 O O     . HOH E 5 .   ? -15.009 7.391   -16.668 1.00 31.35 ? 314 HOH A O     1 
HETATM 1233 O O     . HOH E 5 .   ? 5.852   -17.851 -7.735  1.00 11.37 ? 315 HOH A O     1 
HETATM 1234 O O     . HOH E 5 .   ? -5.609  -4.028  11.328  1.00 21.64 ? 316 HOH A O     1 
HETATM 1235 O O     . HOH E 5 .   ? -12.005 -2.499  -16.538 1.00 17.44 ? 317 HOH A O     1 
HETATM 1236 O O     . HOH E 5 .   ? 8.023   -20.215 -14.692 1.00 24.49 ? 318 HOH A O     1 
HETATM 1237 O O     . HOH E 5 .   ? -12.670 8.592   9.225   1.00 37.26 ? 319 HOH A O     1 
HETATM 1238 O O     . HOH E 5 .   ? 12.056  7.192   14.949  1.00 17.71 ? 320 HOH A O     1 
HETATM 1239 O O     . HOH E 5 .   ? -4.730  -13.161 -1.089  1.00 16.34 ? 321 HOH A O     1 
HETATM 1240 O O     . HOH E 5 .   ? -17.164 -3.809  -4.592  1.00 16.10 ? 322 HOH A O     1 
HETATM 1241 O O     . HOH E 5 .   ? -1.055  -10.534 -6.419  1.00 9.21  ? 323 HOH A O     1 
HETATM 1242 O O     . HOH E 5 .   ? 3.267   -9.772  1.666   1.00 11.62 ? 324 HOH A O     1 
HETATM 1243 O O     . HOH E 5 .   ? 3.207   -15.155 -12.713 1.00 11.66 ? 325 HOH A O     1 
HETATM 1244 O O     . HOH E 5 .   ? 1.820   9.009   12.830  1.00 30.38 ? 326 HOH A O     1 
HETATM 1245 O O     . HOH E 5 .   ? -11.203 10.887  8.615   1.00 24.64 ? 327 HOH A O     1 
HETATM 1246 O O     . HOH E 5 .   ? 14.204  0.435   -2.690  1.00 13.20 ? 328 HOH A O     1 
HETATM 1247 O O     . HOH E 5 .   ? 3.943   -2.542  -5.316  1.00 9.77  ? 329 HOH A O     1 
HETATM 1248 O O     . HOH E 5 .   ? 2.055   -22.730 -2.372  1.00 48.53 ? 330 HOH A O     1 
HETATM 1249 O O     . HOH E 5 .   ? -2.776  -14.236 2.115   1.00 35.86 ? 331 HOH A O     1 
HETATM 1250 O O     . HOH E 5 .   ? -17.771 6.464   4.730   1.00 19.66 ? 332 HOH A O     1 
HETATM 1251 O O     . HOH E 5 .   ? -7.253  -10.905 -6.924  1.00 8.99  ? 333 HOH A O     1 
HETATM 1252 O O     . HOH E 5 .   ? -6.801  5.184   14.145  1.00 23.24 ? 334 HOH A O     1 
HETATM 1253 O O     . HOH E 5 .   ? 27.348  6.623   -1.107  1.00 37.32 ? 335 HOH A O     1 
HETATM 1254 O O     . HOH E 5 .   ? 9.727   0.479   19.358  1.00 7.77  ? 336 HOH A O     1 
HETATM 1255 O O     . HOH E 5 .   ? -14.405 -1.469  -14.771 1.00 28.70 ? 337 HOH A O     1 
HETATM 1256 O O     . HOH E 5 .   ? -8.568  -4.827  9.681   1.00 31.02 ? 338 HOH A O     1 
HETATM 1257 O O     . HOH E 5 .   ? -3.713  12.812  1.642   1.00 14.21 ? 339 HOH A O     1 
HETATM 1258 O O     . HOH E 5 .   ? -3.906  -8.163  7.641   1.00 22.22 ? 340 HOH A O     1 
HETATM 1259 O O     . HOH E 5 .   ? -14.322 -6.814  0.028   1.00 18.27 ? 341 HOH A O     1 
HETATM 1260 O O     . HOH E 5 .   ? 6.489   4.934   -11.526 1.00 8.42  ? 342 HOH A O     1 
HETATM 1261 O O     . HOH E 5 .   ? 16.656  1.624   12.367  1.00 23.71 ? 343 HOH A O     1 
HETATM 1262 O O     . HOH E 5 .   ? 18.545  -6.121  -3.106  1.00 12.98 ? 344 HOH A O     1 
HETATM 1263 O O     . HOH E 5 .   ? 12.158  -10.815 3.874   1.00 24.01 ? 345 HOH A O     1 
HETATM 1264 O O     . HOH E 5 .   ? -15.615 8.458   -12.163 1.00 20.00 ? 346 HOH A O     1 
HETATM 1265 O O     . HOH E 5 .   ? 16.885  5.319   13.691  1.00 35.11 ? 347 HOH A O     1 
HETATM 1266 O O     . HOH E 5 .   ? -1.720  -16.825 -16.265 1.00 35.67 ? 348 HOH A O     1 
HETATM 1267 O O     . HOH E 5 .   ? 1.880   -7.927  12.474  1.00 26.78 ? 349 HOH A O     1 
HETATM 1268 O O     . HOH E 5 .   ? -5.730  -13.335 -3.820  1.00 15.24 ? 350 HOH A O     1 
HETATM 1269 O O     . HOH E 5 .   ? -5.872  -10.334 -9.189  1.00 9.07  ? 351 HOH A O     1 
HETATM 1270 O O     . HOH E 5 .   ? -11.102 0.558   5.681   1.00 16.33 ? 352 HOH A O     1 
HETATM 1271 O O     . HOH E 5 .   ? 13.154  -6.876  12.913  1.00 35.62 ? 353 HOH A O     1 
HETATM 1272 O O     . HOH E 5 .   ? -2.239  5.059   18.895  1.00 39.38 ? 354 HOH A O     1 
HETATM 1273 O O     . HOH E 5 .   ? -11.550 -7.001  -12.481 1.00 9.06  ? 355 HOH A O     1 
HETATM 1274 O O     . HOH E 5 .   ? -4.322  -12.234 2.779   1.00 19.43 ? 356 HOH A O     1 
HETATM 1275 O O     . HOH E 5 .   ? -10.348 -5.467  -14.542 1.00 8.39  ? 357 HOH A O     1 
HETATM 1276 O O     . HOH E 5 .   ? 10.258  -11.900 2.895   1.00 29.11 ? 358 HOH A O     1 
HETATM 1277 O O     . HOH E 5 .   ? -2.657  -4.137  16.578  1.00 23.94 ? 359 HOH A O     1 
HETATM 1278 O O     . HOH E 5 .   ? 7.153   -14.198 2.643   1.00 26.12 ? 360 HOH A O     1 
HETATM 1279 O O     . HOH E 5 .   ? 5.656   -9.779  9.818   1.00 24.53 ? 361 HOH A O     1 
HETATM 1280 O O     . HOH E 5 .   ? 12.285  10.020  11.439  1.00 15.46 ? 362 HOH A O     1 
HETATM 1281 O O     . HOH E 5 .   ? -18.065 -4.067  -7.096  1.00 54.79 ? 363 HOH A O     1 
HETATM 1282 O O     . HOH E 5 .   ? 21.394  -7.592  2.808   1.00 28.91 ? 364 HOH A O     1 
HETATM 1283 O O     . HOH E 5 .   ? 1.712   8.853   8.238   1.00 7.71  ? 365 HOH A O     1 
HETATM 1284 O O     . HOH E 5 .   ? 1.108   1.276   -10.913 1.00 10.39 ? 366 HOH A O     1 
HETATM 1285 O O     . HOH E 5 .   ? 0.539   5.743   15.202  1.00 28.65 ? 367 HOH A O     1 
HETATM 1286 O O     . HOH E 5 .   ? -14.467 1.724   -13.928 1.00 30.44 ? 368 HOH A O     1 
HETATM 1287 O O     . HOH E 5 .   ? -2.592  -14.103 -8.600  1.00 12.11 ? 369 HOH A O     1 
HETATM 1288 O O     . HOH E 5 .   ? 20.219  -7.692  5.448   1.00 25.42 ? 370 HOH A O     1 
HETATM 1289 O O     . HOH E 5 .   ? -2.112  -8.359  5.693   1.00 22.37 ? 371 HOH A O     1 
HETATM 1290 O O     . HOH E 5 .   ? -8.887  6.199   -18.156 1.00 7.93  ? 372 HOH A O     1 
HETATM 1291 O O     . HOH E 5 .   ? -18.945 -4.273  -2.689  1.00 37.46 ? 373 HOH A O     1 
HETATM 1292 O O     . HOH E 5 .   ? 8.864   -10.761 8.737   1.00 24.78 ? 374 HOH A O     1 
HETATM 1293 O O     . HOH E 5 .   ? 14.866  2.244   -4.448  1.00 21.79 ? 375 HOH A O     1 
HETATM 1294 O O     . HOH E 5 .   ? 8.262   -4.791  -2.941  1.00 26.17 ? 376 HOH A O     1 
HETATM 1295 O O     . HOH E 5 .   ? -9.814  6.351   11.694  1.00 26.95 ? 377 HOH A O     1 
HETATM 1296 O O     . HOH E 5 .   ? -0.248  -15.785 4.266   1.00 37.12 ? 378 HOH A O     1 
HETATM 1297 O O     . HOH E 5 .   ? -14.014 3.457   7.134   1.00 26.63 ? 379 HOH A O     1 
HETATM 1298 O O     . HOH E 5 .   ? 6.653   -4.262  14.055  1.00 13.26 ? 380 HOH A O     1 
HETATM 1299 O O     . HOH E 5 .   ? -8.345  12.813  0.862   1.00 19.21 ? 381 HOH A O     1 
HETATM 1300 O O     . HOH E 5 .   ? -3.259  -11.851 -7.217  1.00 11.52 ? 382 HOH A O     1 
HETATM 1301 O O     . HOH E 5 .   ? 16.913  -18.421 -2.055  1.00 28.75 ? 383 HOH A O     1 
HETATM 1302 O O     . HOH E 5 .   ? 15.670  -4.305  6.080   1.00 21.52 ? 384 HOH A O     1 
HETATM 1303 O O     . HOH E 5 .   ? 12.765  -20.656 -7.513  1.00 24.95 ? 385 HOH A O     1 
HETATM 1304 O O     . HOH E 5 .   ? -10.712 -6.636  0.945   1.00 18.16 ? 386 HOH A O     1 
HETATM 1305 O O     . HOH E 5 .   ? 11.073  -13.822 4.770   1.00 35.79 ? 387 HOH A O     1 
HETATM 1306 O O     . HOH E 5 .   ? -14.336 3.838   -12.352 1.00 10.77 ? 388 HOH A O     1 
HETATM 1307 O O     . HOH E 5 .   ? 3.753   -8.644  -7.603  1.00 15.13 ? 389 HOH A O     1 
HETATM 1308 O O     . HOH E 5 .   ? -11.568 5.973   -17.912 1.00 13.31 ? 390 HOH A O     1 
HETATM 1309 O O     . HOH E 5 .   ? 5.473   -13.254 7.807   1.00 28.98 ? 391 HOH A O     1 
HETATM 1310 O O     . HOH E 5 .   ? 17.388  2.124   -3.471  1.00 23.16 ? 392 HOH A O     1 
HETATM 1311 O O     . HOH E 5 .   ? -14.981 1.579   3.207   1.00 18.70 ? 393 HOH A O     1 
HETATM 1312 O O     . HOH E 5 .   ? -4.344  -16.320 -11.939 1.00 33.44 ? 394 HOH A O     1 
HETATM 1313 O O     . HOH E 5 .   ? -14.026 4.311   10.189  1.00 27.23 ? 395 HOH A O     1 
HETATM 1314 O O     . HOH E 5 .   ? 10.005  -20.518 -6.570  1.00 29.38 ? 396 HOH A O     1 
HETATM 1315 O O     . HOH E 5 .   ? -6.900  -1.366  7.607   1.00 13.57 ? 397 HOH A O     1 
HETATM 1316 O O     . HOH E 5 .   ? 5.316   -6.076  0.972   1.00 8.21  ? 398 HOH A O     1 
HETATM 1317 O O     . HOH E 5 .   ? 2.132   -14.174 5.623   1.00 21.59 ? 399 HOH A O     1 
HETATM 1318 O O     . HOH E 5 .   ? 15.480  -11.027 6.253   1.00 25.69 ? 400 HOH A O     1 
HETATM 1319 O O     . HOH E 5 .   ? -16.786 10.733  -8.226  1.00 27.19 ? 401 HOH A O     1 
HETATM 1320 O O     . HOH E 5 .   ? -7.584  -14.215 1.003   1.00 35.22 ? 402 HOH A O     1 
HETATM 1321 O O     . HOH E 5 .   ? 2.577   -1.601  15.706  1.00 10.55 ? 403 HOH A O     1 
HETATM 1322 O O     . HOH E 5 .   ? 11.510  -17.859 3.809   1.00 32.37 ? 404 HOH A O     1 
HETATM 1323 O O     . HOH E 5 .   ? -14.179 6.440   -13.449 1.00 11.53 ? 405 HOH A O     1 
HETATM 1324 O O     . HOH E 5 .   ? 13.140  -2.147  13.845  1.00 11.30 ? 406 HOH A O     1 
HETATM 1325 O O     . HOH E 5 .   ? 6.900   -7.079  14.149  1.00 27.25 ? 407 HOH A O     1 
HETATM 1326 O O     . HOH E 5 .   ? 14.224  -3.789  7.922   1.00 33.63 ? 408 HOH A O     1 
HETATM 1327 O O     . HOH E 5 .   ? -5.509  -2.798  14.348  1.00 36.81 ? 409 HOH A O     1 
HETATM 1328 O O     . HOH E 5 .   ? -1.232  -6.683  13.340  1.00 26.79 ? 410 HOH A O     1 
HETATM 1329 O O     . HOH E 5 .   ? 2.272   -9.959  8.225   1.00 37.32 ? 411 HOH A O     1 
HETATM 1330 O O     . HOH E 5 .   ? 9.082   -11.426 6.134   1.00 22.88 ? 412 HOH A O     1 
HETATM 1331 O O     . HOH E 5 .   ? 11.202  -10.023 10.198  1.00 22.16 ? 413 HOH A O     1 
HETATM 1332 O O     . HOH E 5 .   ? 0.568   -22.717 -10.186 1.00 24.04 ? 414 HOH A O     1 
HETATM 1333 O O     . HOH E 5 .   ? -15.855 -5.267  -12.138 1.00 19.40 ? 415 HOH A O     1 
HETATM 1334 O O     . HOH E 5 .   ? 14.606  4.965   15.485  1.00 10.97 ? 416 HOH A O     1 
HETATM 1335 O O     . HOH E 5 .   ? -6.247  1.086   11.493  1.00 19.91 ? 417 HOH A O     1 
HETATM 1336 O O     . HOH E 5 .   ? -4.553  -15.585 -14.444 1.00 37.19 ? 418 HOH A O     1 
HETATM 1337 O O     . HOH E 5 .   ? 6.650   10.882  15.762  1.00 25.70 ? 419 HOH A O     1 
HETATM 1338 O O     . HOH E 5 .   ? -12.621 3.774   -16.626 1.00 24.93 ? 420 HOH A O     1 
HETATM 1339 O O     . HOH E 5 .   ? 1.634   -20.812 -0.195  1.00 32.06 ? 421 HOH A O     1 
HETATM 1340 O O     . HOH E 5 .   ? -13.194 13.473  -13.248 1.00 12.84 ? 422 HOH A O     1 
HETATM 1341 O O     . HOH E 5 .   ? 12.940  -22.145 -9.235  1.00 38.91 ? 423 HOH A O     1 
HETATM 1342 O O     . HOH E 5 .   ? -3.824  -15.460 -0.433  1.00 23.15 ? 424 HOH A O     1 
HETATM 1343 O O     . HOH E 5 .   ? -16.446 3.956   -10.586 1.00 23.31 ? 425 HOH A O     1 
HETATM 1344 O O     . HOH E 5 .   ? -25.793 -2.713  -7.959  1.00 40.19 ? 426 HOH A O     1 
HETATM 1345 O O     . HOH E 5 .   ? 18.450  2.717   10.075  1.00 21.93 ? 427 HOH A O     1 
HETATM 1346 O O     . HOH E 5 .   ? 0.908   9.621   11.009  1.00 22.45 ? 428 HOH A O     1 
HETATM 1347 O O     . HOH E 5 .   ? -14.211 -6.118  -14.330 1.00 33.73 ? 429 HOH A O     1 
HETATM 1348 O O     . HOH E 5 .   ? 3.177   1.590   18.903  1.00 13.21 ? 430 HOH A O     1 
HETATM 1349 O O     . HOH E 5 .   ? 16.701  -20.834 -7.671  1.00 29.68 ? 431 HOH A O     1 
HETATM 1350 O O     . HOH E 5 .   ? -19.762 8.924   -4.045  1.00 35.34 ? 432 HOH A O     1 
HETATM 1351 O O     . HOH E 5 .   ? 14.516  -3.619  10.176  1.00 36.84 ? 433 HOH A O     1 
HETATM 1352 O O     . HOH E 5 .   ? -3.526  -17.638 -3.810  1.00 35.68 ? 434 HOH A O     1 
HETATM 1353 O O     . HOH E 5 .   ? -14.143 13.367  -1.783  1.00 34.20 ? 435 HOH A O     1 
HETATM 1354 O O     . HOH E 5 .   ? -9.665  16.663  -11.862 1.00 20.50 ? 436 HOH A O     1 
HETATM 1355 O O     . HOH E 5 .   ? -12.387 11.225  -20.965 1.00 42.12 ? 437 HOH A O     1 
HETATM 1356 O O     . HOH E 5 .   ? -14.174 -3.782  -15.585 1.00 28.10 ? 438 HOH A O     1 
HETATM 1357 O O     . HOH E 5 .   ? 14.472  -19.573 -6.081  1.00 34.87 ? 439 HOH A O     1 
HETATM 1358 O O     . HOH E 5 .   ? 2.517   -1.014  18.538  1.00 13.70 ? 440 HOH A O     1 
HETATM 1359 O O     . HOH E 5 .   ? -5.329  18.549  -4.621  1.00 11.60 ? 441 HOH A O     1 
HETATM 1360 O O     . HOH E 5 .   ? -6.500  -14.390 -12.817 1.00 31.61 ? 442 HOH A O     1 
HETATM 1361 O O     . HOH E 5 .   ? -6.811  1.063   13.283  1.00 43.02 ? 443 HOH A O     1 
HETATM 1362 O O     . HOH E 5 .   ? -16.864 0.153   2.251   1.00 30.38 ? 444 HOH A O     1 
HETATM 1363 O O     . HOH E 5 .   ? 3.289   2.890   -11.880 1.00 23.26 ? 445 HOH A O     1 
HETATM 1364 O O     . HOH E 5 .   ? -12.472 15.051  -15.123 1.00 35.69 ? 446 HOH A O     1 
HETATM 1365 O O     . HOH E 5 .   ? -7.990  -0.210  9.931   1.00 20.90 ? 447 HOH A O     1 
HETATM 1366 O O     . HOH E 5 .   ? 0.071   -1.685  19.802  1.00 22.14 ? 448 HOH A O     1 
HETATM 1367 O O     . HOH E 5 .   ? -13.522 9.477   -19.508 1.00 41.30 ? 449 HOH A O     1 
HETATM 1368 O O     . HOH E 5 .   ? -16.578 -0.909  -12.863 1.00 31.56 ? 450 HOH A O     1 
HETATM 1369 O O     . HOH E 5 .   ? 19.886  3.871   11.006  1.00 37.92 ? 451 HOH A O     1 
HETATM 1370 O O     . HOH E 5 .   ? -15.470 3.711   4.953   1.00 27.08 ? 452 HOH A O     1 
HETATM 1371 O O     . HOH E 5 .   ? 0.316   8.156   14.420  1.00 35.07 ? 453 HOH A O     1 
HETATM 1372 O O     . HOH E 5 .   ? -18.439 1.781   2.085   1.00 44.75 ? 454 HOH A O     1 
HETATM 1373 O O     . HOH E 5 .   ? -6.025  12.878  10.139  1.00 38.11 ? 455 HOH A O     1 
HETATM 1374 O O     . HOH E 5 .   ? -1.663  -7.217  15.922  1.00 29.77 ? 456 HOH A O     1 
HETATM 1375 O O     . HOH E 5 .   ? 23.143  -9.374  3.504   1.00 34.76 ? 457 HOH A O     1 
HETATM 1376 O O     . HOH E 5 .   ? -11.225 -10.544 -0.418  1.00 30.27 ? 458 HOH A O     1 
HETATM 1377 O O     . HOH E 5 .   ? -13.670 1.153   5.502   1.00 23.02 ? 459 HOH A O     1 
HETATM 1378 O O     . HOH E 5 .   ? -7.865  -10.127 -11.036 1.00 10.59 ? 460 HOH A O     1 
HETATM 1379 O O     . HOH E 5 .   ? -16.942 10.348  -13.842 1.00 34.87 ? 461 HOH A O     1 
HETATM 1380 O O     . HOH E 5 .   ? -4.682  -6.649  12.214  1.00 31.90 ? 462 HOH A O     1 
HETATM 1381 O O     . HOH E 5 .   ? -12.252 6.922   -20.405 1.00 19.76 ? 463 HOH A O     1 
HETATM 1382 O O     . HOH E 5 .   ? 2.016   -5.823  14.757  1.00 28.70 ? 464 HOH A O     1 
HETATM 1383 O O     . HOH E 5 .   ? 0.651   -6.063  16.920  1.00 27.48 ? 465 HOH A O     1 
HETATM 1384 O O     . HOH E 5 .   ? 4.269   -4.076  15.247  1.00 14.80 ? 466 HOH A O     1 
HETATM 1385 O O     . HOH E 5 .   ? 14.409  -1.404  11.607  1.00 31.02 ? 467 HOH A O     1 
HETATM 1386 O O     . HOH E 5 .   ? 18.388  2.427   14.794  1.00 41.50 ? 468 HOH A O     1 
HETATM 1387 O O     . HOH E 5 .   ? -17.243 6.646   -10.575 1.00 34.61 ? 469 HOH A O     1 
HETATM 1388 O O     . HOH E 5 .   ? 16.132  -0.631  12.663  1.00 26.91 ? 470 HOH A O     1 
HETATM 1389 O O     . HOH E 5 .   ? 12.153  -7.092  15.825  1.00 42.90 ? 471 HOH A O     1 
HETATM 1390 O O     . HOH E 5 .   ? -18.634 7.693   -8.730  1.00 48.04 ? 472 HOH A O     1 
HETATM 1391 O O     . HOH E 5 .   ? -7.739  6.795   -20.569 0.33 7.61  ? 473 HOH A O     1 
HETATM 1392 O O     . HOH E 5 .   ? 15.262  -1.370  15.417  1.00 29.61 ? 474 HOH A O     1 
HETATM 1393 O O     . HOH E 5 .   ? 17.963  -2.022  11.540  1.00 36.28 ? 475 HOH A O     1 
HETATM 1394 O O     . HOH E 5 .   ? -9.903  7.291   -21.974 0.33 15.84 ? 476 HOH A O     1 
# 
loop_
_pdbx_poly_seq_scheme.asym_id 
_pdbx_poly_seq_scheme.entity_id 
_pdbx_poly_seq_scheme.seq_id 
_pdbx_poly_seq_scheme.mon_id 
_pdbx_poly_seq_scheme.ndb_seq_num 
_pdbx_poly_seq_scheme.pdb_seq_num 
_pdbx_poly_seq_scheme.auth_seq_num 
_pdbx_poly_seq_scheme.pdb_mon_id 
_pdbx_poly_seq_scheme.auth_mon_id 
_pdbx_poly_seq_scheme.pdb_strand_id 
_pdbx_poly_seq_scheme.pdb_ins_code 
_pdbx_poly_seq_scheme.hetero 
A 1 1   MET 1   -21 ?   ?   ?   A . n 
A 1 2   HIS 2   -20 ?   ?   ?   A . n 
A 1 3   SER 3   -19 ?   ?   ?   A . n 
A 1 4   SER 4   -18 ?   ?   ?   A . n 
A 1 5   HIS 5   -17 ?   ?   ?   A . n 
A 1 6   HIS 6   -16 ?   ?   ?   A . n 
A 1 7   HIS 7   -15 ?   ?   ?   A . n 
A 1 8   HIS 8   -14 ?   ?   ?   A . n 
A 1 9   HIS 9   -13 ?   ?   ?   A . n 
A 1 10  HIS 10  -12 ?   ?   ?   A . n 
A 1 11  SER 11  -11 ?   ?   ?   A . n 
A 1 12  SER 12  -10 ?   ?   ?   A . n 
A 1 13  GLU 13  -9  ?   ?   ?   A . n 
A 1 14  ASN 14  -8  ?   ?   ?   A . n 
A 1 15  LEU 15  -7  ?   ?   ?   A . n 
A 1 16  TYR 16  -6  ?   ?   ?   A . n 
A 1 17  PHE 17  -5  ?   ?   ?   A . n 
A 1 18  GLN 18  -4  ?   ?   ?   A . n 
A 1 19  GLY 19  -3  ?   ?   ?   A . n 
A 1 20  GLY 20  -2  ?   ?   ?   A . n 
A 1 21  GLY 21  -1  -1  GLY GLY A . n 
A 1 22  HIS 22  0   0   HIS HIS A . n 
A 1 23  MET 23  1   1   MET MET A . n 
A 1 24  ILE 24  2   2   ILE ILE A . n 
A 1 25  HIS 25  3   3   HIS HIS A . n 
A 1 26  LYS 26  4   4   LYS LYS A . n 
A 1 27  LEU 27  5   5   LEU LEU A . n 
A 1 28  ALA 28  6   6   ALA ALA A . n 
A 1 29  ASP 29  7   7   ASP ASP A . n 
A 1 30  VAL 30  8   8   VAL VAL A . n 
A 1 31  GLN 31  9   9   GLN GLN A . n 
A 1 32  SER 32  10  10  SER SER A . n 
A 1 33  LYS 33  11  11  LYS LYS A . n 
A 1 34  ASN 34  12  12  ASN ASN A . n 
A 1 35  ILE 35  13  13  ILE ILE A . n 
A 1 36  GLY 36  14  14  GLY GLY A . n 
A 1 37  SER 37  15  15  SER SER A . n 
A 1 38  GLY 38  16  16  GLY GLY A . n 
A 1 39  THR 39  17  17  THR THR A . n 
A 1 40  ARG 40  18  18  ARG ARG A . n 
A 1 41  ILE 41  19  19  ILE ILE A . n 
A 1 42  TRP 42  20  20  TRP TRP A . n 
A 1 43  GLN 43  21  21  GLN GLN A . n 
A 1 44  PHE 44  22  22  PHE PHE A . n 
A 1 45  CYS 45  23  23  CYS CYS A . n 
A 1 46  VAL 46  24  24  VAL VAL A . n 
A 1 47  VAL 47  25  25  VAL VAL A . n 
A 1 48  LEU 48  26  26  LEU LEU A . n 
A 1 49  PRO 49  27  27  PRO PRO A . n 
A 1 50  SER 50  28  28  SER SER A . n 
A 1 51  ALA 51  29  29  ALA ALA A . n 
A 1 52  ILE 52  30  30  ILE ILE A . n 
A 1 53  ILE 53  31  31  ILE ILE A . n 
A 1 54  GLY 54  32  32  GLY GLY A . n 
A 1 55  GLU 55  33  33  GLU GLU A . n 
A 1 56  ASN 56  34  34  ASN ASN A . n 
A 1 57  CYS 57  35  35  CYS CYS A . n 
A 1 58  ASN 58  36  36  ASN ASN A . n 
A 1 59  ILE 59  37  37  ILE ILE A . n 
A 1 60  CYS 60  38  38  CYS CYS A . n 
A 1 61  SER 61  39  39  SER SER A . n 
A 1 62  HIS 62  40  40  HIS HIS A . n 
A 1 63  CYS 63  41  41  CYS CYS A . n 
A 1 64  PHE 64  42  42  PHE PHE A . n 
A 1 65  ILE 65  43  43  ILE ILE A . n 
A 1 66  GLU 66  44  44  GLU GLU A . n 
A 1 67  ASN 67  45  45  ASN ASN A . n 
A 1 68  ASP 68  46  46  ASP ASP A . n 
A 1 69  VAL 69  47  47  VAL VAL A . n 
A 1 70  LYS 70  48  48  LYS LYS A . n 
A 1 71  ILE 71  49  49  ILE ILE A . n 
A 1 72  GLY 72  50  50  GLY GLY A . n 
A 1 73  ASN 73  51  51  ASN ASN A . n 
A 1 74  ASN 74  52  52  ASN ASN A . n 
A 1 75  VAL 75  53  53  VAL VAL A . n 
A 1 76  THR 76  54  54  THR THR A . n 
A 1 77  ILE 77  55  55  ILE ILE A . n 
A 1 78  LYS 78  56  56  LYS LYS A . n 
A 1 79  CYS 79  57  57  CYS CYS A . n 
A 1 80  GLY 80  58  58  GLY GLY A . n 
A 1 81  VAL 81  59  59  VAL VAL A . n 
A 1 82  GLN 82  60  60  GLN GLN A . n 
A 1 83  ILE 83  61  61  ILE ILE A . n 
A 1 84  TRP 84  62  62  TRP TRP A . n 
A 1 85  ASP 85  63  63  ASP ASP A . n 
A 1 86  GLY 86  64  64  GLY GLY A . n 
A 1 87  ILE 87  65  65  ILE ILE A . n 
A 1 88  GLU 88  66  66  GLU GLU A . n 
A 1 89  ILE 89  67  67  ILE ILE A . n 
A 1 90  GLU 90  68  68  GLU GLU A . n 
A 1 91  ASP 91  69  69  ASP ASP A . n 
A 1 92  ASP 92  70  70  ASP ASP A . n 
A 1 93  VAL 93  71  71  VAL VAL A . n 
A 1 94  PHE 94  72  72  PHE PHE A . n 
A 1 95  ILE 95  73  73  ILE ILE A . n 
A 1 96  GLY 96  74  74  GLY GLY A . n 
A 1 97  PRO 97  75  75  PRO PRO A . n 
A 1 98  ASN 98  76  76  ASN ASN A . n 
A 1 99  VAL 99  77  77  VAL VAL A . n 
A 1 100 THR 100 78  78  THR THR A . n 
A 1 101 PHE 101 79  79  PHE PHE A . n 
A 1 102 CYS 102 80  80  CYS CYS A . n 
A 1 103 ASN 103 81  81  ASN ASN A . n 
A 1 104 ASP 104 82  82  ASP ASP A . n 
A 1 105 LYS 105 83  83  LYS LYS A . n 
A 1 106 TYR 106 84  84  TYR TYR A . n 
A 1 107 PRO 107 85  85  PRO PRO A . n 
A 1 108 ARG 108 86  86  ARG ARG A . n 
A 1 109 SER 109 87  87  SER SER A . n 
A 1 110 LYS 110 88  88  LYS LYS A . n 
A 1 111 GLN 111 89  89  GLN GLN A . n 
A 1 112 TYR 112 90  90  TYR TYR A . n 
A 1 113 PRO 113 91  91  PRO PRO A . n 
A 1 114 LYS 114 92  92  LYS LYS A . n 
A 1 115 GLU 115 93  93  GLU GLU A . n 
A 1 116 PHE 116 94  94  PHE PHE A . n 
A 1 117 SER 117 95  95  SER SER A . n 
A 1 118 LYS 118 96  96  LYS LYS A . n 
A 1 119 THR 119 97  97  THR THR A . n 
A 1 120 ILE 120 98  98  ILE ILE A . n 
A 1 121 ILE 121 99  99  ILE ILE A . n 
A 1 122 LYS 122 100 100 LYS LYS A . n 
A 1 123 LYS 123 101 101 LYS LYS A . n 
A 1 124 GLY 124 102 102 GLY GLY A . n 
A 1 125 ALA 125 103 103 ALA ALA A . n 
A 1 126 SER 126 104 104 SER SER A . n 
A 1 127 ILE 127 105 105 ILE ILE A . n 
A 1 128 GLY 128 106 106 GLY GLY A . n 
A 1 129 ALA 129 107 107 ALA ALA A . n 
A 1 130 ASN 130 108 108 ASN ASN A . n 
A 1 131 ALA 131 109 109 ALA ALA A . n 
A 1 132 THR 132 110 110 THR THR A . n 
A 1 133 ILE 133 111 111 ILE ILE A . n 
A 1 134 LEU 134 112 112 LEU LEU A . n 
A 1 135 PRO 135 113 113 PRO PRO A . n 
A 1 136 GLY 136 114 114 GLY GLY A . n 
A 1 137 ILE 137 115 115 ILE ILE A . n 
A 1 138 THR 138 116 116 THR THR A . n 
A 1 139 ILE 139 117 117 ILE ILE A . n 
A 1 140 GLY 140 118 118 GLY GLY A . n 
A 1 141 GLU 141 119 119 GLU GLU A . n 
A 1 142 ASN 142 120 120 ASN ASN A . n 
A 1 143 ALA 143 121 121 ALA ALA A . n 
A 1 144 MET 144 122 122 MET MET A . n 
A 1 145 ILE 145 123 123 ILE ILE A . n 
A 1 146 GLY 146 124 124 GLY GLY A . n 
A 1 147 ALA 147 125 125 ALA ALA A . n 
A 1 148 GLY 148 126 126 GLY GLY A . n 
A 1 149 ALA 149 127 127 ALA ALA A . n 
A 1 150 ILE 150 128 128 ILE ILE A . n 
A 1 151 VAL 151 129 129 VAL VAL A . n 
A 1 152 THR 152 130 130 THR THR A . n 
A 1 153 LYS 153 131 131 LYS LYS A . n 
A 1 154 ASP 154 132 132 ASP ASP A . n 
A 1 155 VAL 155 133 133 VAL VAL A . n 
A 1 156 LEU 156 134 134 LEU LEU A . n 
A 1 157 PRO 157 135 135 PRO PRO A . n 
A 1 158 HIS 158 136 136 HIS HIS A . n 
A 1 159 VAL 159 137 137 VAL VAL A . n 
A 1 160 THR 160 138 138 THR THR A . n 
A 1 161 TYR 161 139 139 TYR TYR A . n 
A 1 162 TYR 162 140 140 TYR TYR A . n 
A 1 163 SER 163 141 141 SER SER A . n 
A 1 164 LYS 164 142 142 LYS LYS A . n 
A 1 165 ILE 165 143 143 ILE ILE A . n 
# 
loop_
_pdbx_nonpoly_scheme.asym_id 
_pdbx_nonpoly_scheme.entity_id 
_pdbx_nonpoly_scheme.mon_id 
_pdbx_nonpoly_scheme.ndb_seq_num 
_pdbx_nonpoly_scheme.pdb_seq_num 
_pdbx_nonpoly_scheme.auth_seq_num 
_pdbx_nonpoly_scheme.pdb_mon_id 
_pdbx_nonpoly_scheme.auth_mon_id 
_pdbx_nonpoly_scheme.pdb_strand_id 
_pdbx_nonpoly_scheme.pdb_ins_code 
B 2 COA 1   201 201 COA COA A . 
C 3 T3Q 1   202 301 T3Q T3Q A . 
D 4 EDO 1   203 302 EDO EDO A . 
E 5 HOH 1   301 152 HOH HOH A . 
E 5 HOH 2   302 194 HOH HOH A . 
E 5 HOH 3   303 61  HOH HOH A . 
E 5 HOH 4   304 57  HOH HOH A . 
E 5 HOH 5   305 27  HOH HOH A . 
E 5 HOH 6   306 178 HOH HOH A . 
E 5 HOH 7   307 111 HOH HOH A . 
E 5 HOH 8   308 45  HOH HOH A . 
E 5 HOH 9   309 158 HOH HOH A . 
E 5 HOH 10  310 37  HOH HOH A . 
E 5 HOH 11  311 102 HOH HOH A . 
E 5 HOH 12  312 99  HOH HOH A . 
E 5 HOH 13  313 161 HOH HOH A . 
E 5 HOH 14  314 104 HOH HOH A . 
E 5 HOH 15  315 11  HOH HOH A . 
E 5 HOH 16  316 52  HOH HOH A . 
E 5 HOH 17  317 34  HOH HOH A . 
E 5 HOH 18  318 107 HOH HOH A . 
E 5 HOH 19  319 94  HOH HOH A . 
E 5 HOH 20  320 93  HOH HOH A . 
E 5 HOH 21  321 60  HOH HOH A . 
E 5 HOH 22  322 33  HOH HOH A . 
E 5 HOH 23  323 25  HOH HOH A . 
E 5 HOH 24  324 3   HOH HOH A . 
E 5 HOH 25  325 17  HOH HOH A . 
E 5 HOH 26  326 162 HOH HOH A . 
E 5 HOH 27  327 115 HOH HOH A . 
E 5 HOH 28  328 19  HOH HOH A . 
E 5 HOH 29  329 20  HOH HOH A . 
E 5 HOH 30  330 118 HOH HOH A . 
E 5 HOH 31  331 179 HOH HOH A . 
E 5 HOH 32  332 62  HOH HOH A . 
E 5 HOH 33  333 8   HOH HOH A . 
E 5 HOH 34  334 53  HOH HOH A . 
E 5 HOH 35  335 88  HOH HOH A . 
E 5 HOH 36  336 149 HOH HOH A . 
E 5 HOH 37  337 169 HOH HOH A . 
E 5 HOH 38  338 159 HOH HOH A . 
E 5 HOH 39  339 15  HOH HOH A . 
E 5 HOH 40  340 163 HOH HOH A . 
E 5 HOH 41  341 42  HOH HOH A . 
E 5 HOH 42  342 6   HOH HOH A . 
E 5 HOH 43  343 164 HOH HOH A . 
E 5 HOH 44  344 1   HOH HOH A . 
E 5 HOH 45  345 74  HOH HOH A . 
E 5 HOH 46  346 41  HOH HOH A . 
E 5 HOH 47  347 188 HOH HOH A . 
E 5 HOH 48  348 114 HOH HOH A . 
E 5 HOH 49  349 72  HOH HOH A . 
E 5 HOH 50  350 44  HOH HOH A . 
E 5 HOH 51  351 13  HOH HOH A . 
E 5 HOH 52  352 43  HOH HOH A . 
E 5 HOH 53  353 73  HOH HOH A . 
E 5 HOH 54  354 171 HOH HOH A . 
E 5 HOH 55  355 148 HOH HOH A . 
E 5 HOH 56  356 63  HOH HOH A . 
E 5 HOH 57  357 12  HOH HOH A . 
E 5 HOH 58  358 109 HOH HOH A . 
E 5 HOH 59  359 91  HOH HOH A . 
E 5 HOH 60  360 100 HOH HOH A . 
E 5 HOH 61  361 147 HOH HOH A . 
E 5 HOH 62  362 55  HOH HOH A . 
E 5 HOH 63  363 126 HOH HOH A . 
E 5 HOH 64  364 51  HOH HOH A . 
E 5 HOH 65  365 5   HOH HOH A . 
E 5 HOH 66  366 156 HOH HOH A . 
E 5 HOH 67  367 87  HOH HOH A . 
E 5 HOH 68  368 168 HOH HOH A . 
E 5 HOH 69  369 31  HOH HOH A . 
E 5 HOH 70  370 127 HOH HOH A . 
E 5 HOH 71  371 49  HOH HOH A . 
E 5 HOH 72  372 7   HOH HOH A . 
E 5 HOH 73  373 116 HOH HOH A . 
E 5 HOH 74  374 59  HOH HOH A . 
E 5 HOH 75  375 155 HOH HOH A . 
E 5 HOH 76  376 166 HOH HOH A . 
E 5 HOH 77  377 64  HOH HOH A . 
E 5 HOH 78  378 145 HOH HOH A . 
E 5 HOH 79  379 47  HOH HOH A . 
E 5 HOH 80  380 24  HOH HOH A . 
E 5 HOH 81  381 79  HOH HOH A . 
E 5 HOH 82  382 18  HOH HOH A . 
E 5 HOH 83  383 198 HOH HOH A . 
E 5 HOH 84  384 69  HOH HOH A . 
E 5 HOH 85  385 108 HOH HOH A . 
E 5 HOH 86  386 54  HOH HOH A . 
E 5 HOH 87  387 180 HOH HOH A . 
E 5 HOH 88  388 23  HOH HOH A . 
E 5 HOH 89  389 28  HOH HOH A . 
E 5 HOH 90  390 30  HOH HOH A . 
E 5 HOH 91  391 97  HOH HOH A . 
E 5 HOH 92  392 68  HOH HOH A . 
E 5 HOH 93  393 48  HOH HOH A . 
E 5 HOH 94  394 56  HOH HOH A . 
E 5 HOH 95  395 75  HOH HOH A . 
E 5 HOH 96  396 124 HOH HOH A . 
E 5 HOH 97  397 14  HOH HOH A . 
E 5 HOH 98  398 2   HOH HOH A . 
E 5 HOH 99  399 39  HOH HOH A . 
E 5 HOH 100 400 172 HOH HOH A . 
E 5 HOH 101 401 170 HOH HOH A . 
E 5 HOH 102 402 129 HOH HOH A . 
E 5 HOH 103 403 10  HOH HOH A . 
E 5 HOH 104 404 131 HOH HOH A . 
E 5 HOH 105 405 36  HOH HOH A . 
E 5 HOH 106 406 16  HOH HOH A . 
E 5 HOH 107 407 58  HOH HOH A . 
E 5 HOH 108 408 197 HOH HOH A . 
E 5 HOH 109 409 184 HOH HOH A . 
E 5 HOH 110 410 110 HOH HOH A . 
E 5 HOH 111 411 146 HOH HOH A . 
E 5 HOH 112 412 81  HOH HOH A . 
E 5 HOH 113 413 32  HOH HOH A . 
E 5 HOH 114 414 38  HOH HOH A . 
E 5 HOH 115 415 67  HOH HOH A . 
E 5 HOH 116 416 21  HOH HOH A . 
E 5 HOH 117 417 9   HOH HOH A . 
E 5 HOH 118 418 183 HOH HOH A . 
E 5 HOH 119 419 46  HOH HOH A . 
E 5 HOH 120 420 106 HOH HOH A . 
E 5 HOH 121 421 185 HOH HOH A . 
E 5 HOH 122 422 4   HOH HOH A . 
E 5 HOH 123 423 186 HOH HOH A . 
E 5 HOH 124 424 90  HOH HOH A . 
E 5 HOH 125 425 77  HOH HOH A . 
E 5 HOH 126 426 96  HOH HOH A . 
E 5 HOH 127 427 140 HOH HOH A . 
E 5 HOH 128 428 123 HOH HOH A . 
E 5 HOH 129 429 181 HOH HOH A . 
E 5 HOH 130 430 139 HOH HOH A . 
E 5 HOH 131 431 167 HOH HOH A . 
E 5 HOH 132 432 103 HOH HOH A . 
E 5 HOH 133 433 196 HOH HOH A . 
E 5 HOH 134 434 135 HOH HOH A . 
E 5 HOH 135 435 130 HOH HOH A . 
E 5 HOH 136 436 153 HOH HOH A . 
E 5 HOH 137 437 175 HOH HOH A . 
E 5 HOH 138 438 98  HOH HOH A . 
E 5 HOH 139 439 136 HOH HOH A . 
E 5 HOH 140 440 22  HOH HOH A . 
E 5 HOH 141 441 151 HOH HOH A . 
E 5 HOH 142 442 182 HOH HOH A . 
E 5 HOH 143 443 160 HOH HOH A . 
E 5 HOH 144 444 101 HOH HOH A . 
E 5 HOH 145 445 65  HOH HOH A . 
E 5 HOH 146 446 85  HOH HOH A . 
E 5 HOH 147 447 50  HOH HOH A . 
E 5 HOH 148 448 89  HOH HOH A . 
E 5 HOH 149 449 174 HOH HOH A . 
E 5 HOH 150 450 176 HOH HOH A . 
E 5 HOH 151 451 142 HOH HOH A . 
E 5 HOH 152 452 76  HOH HOH A . 
E 5 HOH 153 453 195 HOH HOH A . 
E 5 HOH 154 454 177 HOH HOH A . 
E 5 HOH 155 455 193 HOH HOH A . 
E 5 HOH 156 456 187 HOH HOH A . 
E 5 HOH 157 457 117 HOH HOH A . 
E 5 HOH 158 458 157 HOH HOH A . 
E 5 HOH 159 459 82  HOH HOH A . 
E 5 HOH 160 460 150 HOH HOH A . 
E 5 HOH 161 461 141 HOH HOH A . 
E 5 HOH 162 462 144 HOH HOH A . 
E 5 HOH 163 463 40  HOH HOH A . 
E 5 HOH 164 464 80  HOH HOH A . 
E 5 HOH 165 465 173 HOH HOH A . 
E 5 HOH 166 466 29  HOH HOH A . 
E 5 HOH 167 467 192 HOH HOH A . 
E 5 HOH 168 468 191 HOH HOH A . 
E 5 HOH 169 469 128 HOH HOH A . 
E 5 HOH 170 470 165 HOH HOH A . 
E 5 HOH 171 471 120 HOH HOH A . 
E 5 HOH 172 472 143 HOH HOH A . 
E 5 HOH 173 473 66  HOH HOH A . 
E 5 HOH 174 474 119 HOH HOH A . 
E 5 HOH 175 475 190 HOH HOH A . 
E 5 HOH 176 476 70  HOH HOH A . 
# 
_pdbx_struct_assembly.id                   1 
_pdbx_struct_assembly.details              author_and_software_defined_assembly 
_pdbx_struct_assembly.method_details       PISA 
_pdbx_struct_assembly.oligomeric_details   trimeric 
_pdbx_struct_assembly.oligomeric_count     3 
# 
_pdbx_struct_assembly_gen.assembly_id       1 
_pdbx_struct_assembly_gen.oper_expression   1,2,3 
_pdbx_struct_assembly_gen.asym_id_list      A,B,C,D,E 
# 
loop_
_pdbx_struct_assembly_prop.biol_id 
_pdbx_struct_assembly_prop.type 
_pdbx_struct_assembly_prop.value 
_pdbx_struct_assembly_prop.details 
1 'ABSA (A^2)' 12040 ? 
1 MORE         -11   ? 
1 'SSA (A^2)'  15290 ? 
# 
loop_
_pdbx_struct_oper_list.id 
_pdbx_struct_oper_list.type 
_pdbx_struct_oper_list.name 
_pdbx_struct_oper_list.symmetry_operation 
_pdbx_struct_oper_list.matrix[1][1] 
_pdbx_struct_oper_list.matrix[1][2] 
_pdbx_struct_oper_list.matrix[1][3] 
_pdbx_struct_oper_list.vector[1] 
_pdbx_struct_oper_list.matrix[2][1] 
_pdbx_struct_oper_list.matrix[2][2] 
_pdbx_struct_oper_list.matrix[2][3] 
_pdbx_struct_oper_list.vector[2] 
_pdbx_struct_oper_list.matrix[3][1] 
_pdbx_struct_oper_list.matrix[3][2] 
_pdbx_struct_oper_list.matrix[3][3] 
_pdbx_struct_oper_list.vector[3] 
1 'identity operation'         1_555  x,y,z   1.0000000000 0.0000000000  0.0000000000 0.0000000000  0.0000000000  1.0000000000  0.0000000000  0.0000000000  0.0000000000 0.0000000000  1.0000000000  0.0000000000   
2 'crystal symmetry operation' 6_555  z,-x,-y 0.5177335394 0.2300786128  0.8240241587 11.6535448294 -0.6961130838 -0.4466490688 0.5620775604  16.0042094928 0.4973716486 -0.8646204030 -0.0710844706 -12.3066029558 
3 'crystal symmetry operation' 12_555 -y,-z,x 0.5177335394 -0.6961130838 0.4973716486 11.2282640126 0.2300786128  -0.4466490688 -0.8646204030 -6.1735061688 0.8240241587 0.5620775604  -0.0710844706 -19.4732178578 
# 
loop_
_pdbx_struct_special_symmetry.id 
_pdbx_struct_special_symmetry.PDB_model_num 
_pdbx_struct_special_symmetry.auth_asym_id 
_pdbx_struct_special_symmetry.auth_comp_id 
_pdbx_struct_special_symmetry.auth_seq_id 
_pdbx_struct_special_symmetry.PDB_ins_code 
_pdbx_struct_special_symmetry.label_asym_id 
_pdbx_struct_special_symmetry.label_comp_id 
_pdbx_struct_special_symmetry.label_seq_id 
1 1 A HOH 473 ? E HOH . 
2 1 A HOH 476 ? E HOH . 
# 
loop_
_pdbx_audit_revision_history.ordinal 
_pdbx_audit_revision_history.data_content_type 
_pdbx_audit_revision_history.major_revision 
_pdbx_audit_revision_history.minor_revision 
_pdbx_audit_revision_history.revision_date 
1 'Structure model' 1 0 2021-09-22 
2 'Structure model' 1 1 2021-11-10 
3 'Structure model' 1 2 2021-12-08 
4 'Structure model' 1 3 2023-10-18 
# 
_pdbx_audit_revision_details.ordinal             1 
_pdbx_audit_revision_details.revision_ordinal    1 
_pdbx_audit_revision_details.data_content_type   'Structure model' 
_pdbx_audit_revision_details.provider            repository 
_pdbx_audit_revision_details.type                'Initial release' 
_pdbx_audit_revision_details.description         ? 
_pdbx_audit_revision_details.details             ? 
# 
loop_
_pdbx_audit_revision_group.ordinal 
_pdbx_audit_revision_group.revision_ordinal 
_pdbx_audit_revision_group.data_content_type 
_pdbx_audit_revision_group.group 
1 2 'Structure model' 'Database references'    
2 3 'Structure model' 'Database references'    
3 4 'Structure model' 'Data collection'        
4 4 'Structure model' 'Refinement description' 
# 
loop_
_pdbx_audit_revision_category.ordinal 
_pdbx_audit_revision_category.revision_ordinal 
_pdbx_audit_revision_category.data_content_type 
_pdbx_audit_revision_category.category 
1 2 'Structure model' citation                      
2 2 'Structure model' citation_author               
3 3 'Structure model' citation                      
4 3 'Structure model' citation_author               
5 4 'Structure model' chem_comp_atom                
6 4 'Structure model' chem_comp_bond                
7 4 'Structure model' pdbx_initial_refinement_model 
# 
loop_
_pdbx_audit_revision_item.ordinal 
_pdbx_audit_revision_item.revision_ordinal 
_pdbx_audit_revision_item.data_content_type 
_pdbx_audit_revision_item.item 
1  2 'Structure model' '_citation.country'                 
2  2 'Structure model' '_citation.journal_abbrev'          
3  2 'Structure model' '_citation.journal_id_ASTM'         
4  2 'Structure model' '_citation.journal_id_CSD'          
5  2 'Structure model' '_citation.journal_id_ISSN'         
6  2 'Structure model' '_citation.pdbx_database_id_DOI'    
7  2 'Structure model' '_citation.pdbx_database_id_PubMed' 
8  2 'Structure model' '_citation.title'                   
9  2 'Structure model' '_citation.year'                    
10 2 'Structure model' '_citation_author.identifier_ORCID' 
11 3 'Structure model' '_citation.journal_volume'          
12 3 'Structure model' '_citation.page_first'              
13 3 'Structure model' '_citation.page_last'               
14 3 'Structure model' '_citation.title'                   
15 3 'Structure model' '_citation_author.identifier_ORCID' 
# 
loop_
_software.citation_id 
_software.classification 
_software.compiler_name 
_software.compiler_version 
_software.contact_author 
_software.contact_author_email 
_software.date 
_software.description 
_software.dependencies 
_software.hardware 
_software.language 
_software.location 
_software.mods 
_software.name 
_software.os 
_software.os_version 
_software.type 
_software.version 
_software.pdbx_ordinal 
? refinement        ? ? ? ? ? ? ? ? ? ? ? REFMAC      ? ? ? 5.8.0253 1 
? 'data extraction' ? ? ? ? ? ? ? ? ? ? ? PDB_EXTRACT ? ? ? 3.27     2 
? 'data reduction'  ? ? ? ? ? ? ? ? ? ? ? SAINT       ? ? ? .        3 
? 'data scaling'    ? ? ? ? ? ? ? ? ? ? ? SADABS      ? ? ? .        4 
? phasing           ? ? ? ? ? ? ? ? ? ? ? PHASER      ? ? ? .        5 
# 
_pdbx_entry_details.entry_id                 7S3U 
_pdbx_entry_details.has_ligand_of_interest   Y 
_pdbx_entry_details.compound_details         ? 
_pdbx_entry_details.source_details           ? 
_pdbx_entry_details.nonpolymer_details       ? 
_pdbx_entry_details.sequence_details         ? 
# 
loop_
_pdbx_validate_close_contact.id 
_pdbx_validate_close_contact.PDB_model_num 
_pdbx_validate_close_contact.auth_atom_id_1 
_pdbx_validate_close_contact.auth_asym_id_1 
_pdbx_validate_close_contact.auth_comp_id_1 
_pdbx_validate_close_contact.auth_seq_id_1 
_pdbx_validate_close_contact.PDB_ins_code_1 
_pdbx_validate_close_contact.label_alt_id_1 
_pdbx_validate_close_contact.auth_atom_id_2 
_pdbx_validate_close_contact.auth_asym_id_2 
_pdbx_validate_close_contact.auth_comp_id_2 
_pdbx_validate_close_contact.auth_seq_id_2 
_pdbx_validate_close_contact.PDB_ins_code_2 
_pdbx_validate_close_contact.label_alt_id_2 
_pdbx_validate_close_contact.dist 
1 1 O A HOH 417 ? ? O A HOH 443 ? ? 1.88 
2 1 O A HOH 427 ? ? O A HOH 451 ? ? 2.06 
3 1 O A HOH 326 ? ? O A HOH 428 ? ? 2.13 
4 1 O A HOH 467 ? ? O A HOH 470 ? ? 2.16 
# 
_pdbx_validate_symm_contact.id                1 
_pdbx_validate_symm_contact.PDB_model_num     1 
_pdbx_validate_symm_contact.auth_atom_id_1    O 
_pdbx_validate_symm_contact.auth_asym_id_1    A 
_pdbx_validate_symm_contact.auth_comp_id_1    HOH 
_pdbx_validate_symm_contact.auth_seq_id_1     394 
_pdbx_validate_symm_contact.PDB_ins_code_1    ? 
_pdbx_validate_symm_contact.label_alt_id_1    ? 
_pdbx_validate_symm_contact.site_symmetry_1   1_555 
_pdbx_validate_symm_contact.auth_atom_id_2    O 
_pdbx_validate_symm_contact.auth_asym_id_2    A 
_pdbx_validate_symm_contact.auth_comp_id_2    HOH 
_pdbx_validate_symm_contact.auth_seq_id_2     465 
_pdbx_validate_symm_contact.PDB_ins_code_2    ? 
_pdbx_validate_symm_contact.label_alt_id_2    ? 
_pdbx_validate_symm_contact.site_symmetry_2   19_555 
_pdbx_validate_symm_contact.dist              2.17 
# 
_pdbx_validate_rmsd_bond.id                        1 
_pdbx_validate_rmsd_bond.PDB_model_num             1 
_pdbx_validate_rmsd_bond.auth_atom_id_1            CD 
_pdbx_validate_rmsd_bond.auth_asym_id_1            A 
_pdbx_validate_rmsd_bond.auth_comp_id_1            GLU 
_pdbx_validate_rmsd_bond.auth_seq_id_1             66 
_pdbx_validate_rmsd_bond.PDB_ins_code_1            ? 
_pdbx_validate_rmsd_bond.label_alt_id_1            ? 
_pdbx_validate_rmsd_bond.auth_atom_id_2            OE1 
_pdbx_validate_rmsd_bond.auth_asym_id_2            A 
_pdbx_validate_rmsd_bond.auth_comp_id_2            GLU 
_pdbx_validate_rmsd_bond.auth_seq_id_2             66 
_pdbx_validate_rmsd_bond.PDB_ins_code_2            ? 
_pdbx_validate_rmsd_bond.label_alt_id_2            ? 
_pdbx_validate_rmsd_bond.bond_value                1.175 
_pdbx_validate_rmsd_bond.bond_target_value         1.252 
_pdbx_validate_rmsd_bond.bond_deviation            -0.077 
_pdbx_validate_rmsd_bond.bond_standard_deviation   0.011 
_pdbx_validate_rmsd_bond.linker_flag               N 
# 
_pdbx_distant_solvent_atoms.id                                1 
_pdbx_distant_solvent_atoms.PDB_model_num                     1 
_pdbx_distant_solvent_atoms.auth_atom_id                      O 
_pdbx_distant_solvent_atoms.label_alt_id                      ? 
_pdbx_distant_solvent_atoms.auth_asym_id                      A 
_pdbx_distant_solvent_atoms.auth_comp_id                      HOH 
_pdbx_distant_solvent_atoms.auth_seq_id                       476 
_pdbx_distant_solvent_atoms.PDB_ins_code                      ? 
_pdbx_distant_solvent_atoms.neighbor_macromolecule_distance   6.44 
_pdbx_distant_solvent_atoms.neighbor_ligand_distance          . 
# 
loop_
_pdbx_unobs_or_zero_occ_residues.id 
_pdbx_unobs_or_zero_occ_residues.PDB_model_num 
_pdbx_unobs_or_zero_occ_residues.polymer_flag 
_pdbx_unobs_or_zero_occ_residues.occupancy_flag 
_pdbx_unobs_or_zero_occ_residues.auth_asym_id 
_pdbx_unobs_or_zero_occ_residues.auth_comp_id 
_pdbx_unobs_or_zero_occ_residues.auth_seq_id 
_pdbx_unobs_or_zero_occ_residues.PDB_ins_code 
_pdbx_unobs_or_zero_occ_residues.label_asym_id 
_pdbx_unobs_or_zero_occ_residues.label_comp_id 
_pdbx_unobs_or_zero_occ_residues.label_seq_id 
1  1 Y 1 A MET -21 ? A MET 1  
2  1 Y 1 A HIS -20 ? A HIS 2  
3  1 Y 1 A SER -19 ? A SER 3  
4  1 Y 1 A SER -18 ? A SER 4  
5  1 Y 1 A HIS -17 ? A HIS 5  
6  1 Y 1 A HIS -16 ? A HIS 6  
7  1 Y 1 A HIS -15 ? A HIS 7  
8  1 Y 1 A HIS -14 ? A HIS 8  
9  1 Y 1 A HIS -13 ? A HIS 9  
10 1 Y 1 A HIS -12 ? A HIS 10 
11 1 Y 1 A SER -11 ? A SER 11 
12 1 Y 1 A SER -10 ? A SER 12 
13 1 Y 1 A GLU -9  ? A GLU 13 
14 1 Y 1 A ASN -8  ? A ASN 14 
15 1 Y 1 A LEU -7  ? A LEU 15 
16 1 Y 1 A TYR -6  ? A TYR 16 
17 1 Y 1 A PHE -5  ? A PHE 17 
18 1 Y 1 A GLN -4  ? A GLN 18 
19 1 Y 1 A GLY -3  ? A GLY 19 
20 1 Y 1 A GLY -2  ? A GLY 20 
# 
loop_
_chem_comp_atom.comp_id 
_chem_comp_atom.atom_id 
_chem_comp_atom.type_symbol 
_chem_comp_atom.pdbx_aromatic_flag 
_chem_comp_atom.pdbx_stereo_config 
_chem_comp_atom.pdbx_ordinal 
ALA N      N N N 1   
ALA CA     C N S 2   
ALA C      C N N 3   
ALA O      O N N 4   
ALA CB     C N N 5   
ALA OXT    O N N 6   
ALA H      H N N 7   
ALA H2     H N N 8   
ALA HA     H N N 9   
ALA HB1    H N N 10  
ALA HB2    H N N 11  
ALA HB3    H N N 12  
ALA HXT    H N N 13  
ARG N      N N N 14  
ARG CA     C N S 15  
ARG C      C N N 16  
ARG O      O N N 17  
ARG CB     C N N 18  
ARG CG     C N N 19  
ARG CD     C N N 20  
ARG NE     N N N 21  
ARG CZ     C N N 22  
ARG NH1    N N N 23  
ARG NH2    N N N 24  
ARG OXT    O N N 25  
ARG H      H N N 26  
ARG H2     H N N 27  
ARG HA     H N N 28  
ARG HB2    H N N 29  
ARG HB3    H N N 30  
ARG HG2    H N N 31  
ARG HG3    H N N 32  
ARG HD2    H N N 33  
ARG HD3    H N N 34  
ARG HE     H N N 35  
ARG HH11   H N N 36  
ARG HH12   H N N 37  
ARG HH21   H N N 38  
ARG HH22   H N N 39  
ARG HXT    H N N 40  
ASN N      N N N 41  
ASN CA     C N S 42  
ASN C      C N N 43  
ASN O      O N N 44  
ASN CB     C N N 45  
ASN CG     C N N 46  
ASN OD1    O N N 47  
ASN ND2    N N N 48  
ASN OXT    O N N 49  
ASN H      H N N 50  
ASN H2     H N N 51  
ASN HA     H N N 52  
ASN HB2    H N N 53  
ASN HB3    H N N 54  
ASN HD21   H N N 55  
ASN HD22   H N N 56  
ASN HXT    H N N 57  
ASP N      N N N 58  
ASP CA     C N S 59  
ASP C      C N N 60  
ASP O      O N N 61  
ASP CB     C N N 62  
ASP CG     C N N 63  
ASP OD1    O N N 64  
ASP OD2    O N N 65  
ASP OXT    O N N 66  
ASP H      H N N 67  
ASP H2     H N N 68  
ASP HA     H N N 69  
ASP HB2    H N N 70  
ASP HB3    H N N 71  
ASP HD2    H N N 72  
ASP HXT    H N N 73  
COA N1A    N Y N 74  
COA C2A    C Y N 75  
COA N3A    N Y N 76  
COA C4A    C Y N 77  
COA C5A    C Y N 78  
COA C6A    C Y N 79  
COA N6A    N N N 80  
COA N7A    N Y N 81  
COA C8A    C Y N 82  
COA N9A    N Y N 83  
COA C1B    C N R 84  
COA C2B    C N R 85  
COA O2B    O N N 86  
COA C3B    C N S 87  
COA O3B    O N N 88  
COA P3B    P N N 89  
COA O7A    O N N 90  
COA O8A    O N N 91  
COA O9A    O N N 92  
COA C4B    C N R 93  
COA O4B    O N N 94  
COA C5B    C N N 95  
COA O5B    O N N 96  
COA P1A    P N S 97  
COA O1A    O N N 98  
COA O2A    O N N 99  
COA O3A    O N N 100 
COA P2A    P N S 101 
COA O4A    O N N 102 
COA O5A    O N N 103 
COA O6A    O N N 104 
COA CBP    C N N 105 
COA CCP    C N N 106 
COA CDP    C N N 107 
COA CEP    C N N 108 
COA CAP    C N R 109 
COA OAP    O N N 110 
COA C9P    C N N 111 
COA O9P    O N N 112 
COA N8P    N N N 113 
COA C7P    C N N 114 
COA C6P    C N N 115 
COA C5P    C N N 116 
COA O5P    O N N 117 
COA N4P    N N N 118 
COA C3P    C N N 119 
COA C2P    C N N 120 
COA S1P    S N N 121 
COA H2A    H N N 122 
COA H61A   H N N 123 
COA H62A   H N N 124 
COA H8A    H N N 125 
COA H1B    H N N 126 
COA H2B    H N N 127 
COA HO2A   H N N 128 
COA H3B    H N N 129 
COA HOA8   H N N 130 
COA HOA9   H N N 131 
COA H4B    H N N 132 
COA H51A   H N N 133 
COA H52A   H N N 134 
COA HOA2   H N N 135 
COA HOA5   H N N 136 
COA H121   H N N 137 
COA H122   H N N 138 
COA H131   H N N 139 
COA H132   H N N 140 
COA H133   H N N 141 
COA H141   H N N 142 
COA H142   H N N 143 
COA H143   H N N 144 
COA H10    H N N 145 
COA HO1    H N N 146 
COA HN8    H N N 147 
COA H71    H N N 148 
COA H72    H N N 149 
COA H61    H N N 150 
COA H62    H N N 151 
COA HN4    H N N 152 
COA H31    H N N 153 
COA H32    H N N 154 
COA H21    H N N 155 
COA H22    H N N 156 
COA HS1    H N N 157 
CYS N      N N N 158 
CYS CA     C N R 159 
CYS C      C N N 160 
CYS O      O N N 161 
CYS CB     C N N 162 
CYS SG     S N N 163 
CYS OXT    O N N 164 
CYS H      H N N 165 
CYS H2     H N N 166 
CYS HA     H N N 167 
CYS HB2    H N N 168 
CYS HB3    H N N 169 
CYS HG     H N N 170 
CYS HXT    H N N 171 
EDO C1     C N N 172 
EDO O1     O N N 173 
EDO C2     C N N 174 
EDO O2     O N N 175 
EDO H11    H N N 176 
EDO H12    H N N 177 
EDO HO1    H N N 178 
EDO H21    H N N 179 
EDO H22    H N N 180 
EDO HO2    H N N 181 
GLN N      N N N 182 
GLN CA     C N S 183 
GLN C      C N N 184 
GLN O      O N N 185 
GLN CB     C N N 186 
GLN CG     C N N 187 
GLN CD     C N N 188 
GLN OE1    O N N 189 
GLN NE2    N N N 190 
GLN OXT    O N N 191 
GLN H      H N N 192 
GLN H2     H N N 193 
GLN HA     H N N 194 
GLN HB2    H N N 195 
GLN HB3    H N N 196 
GLN HG2    H N N 197 
GLN HG3    H N N 198 
GLN HE21   H N N 199 
GLN HE22   H N N 200 
GLN HXT    H N N 201 
GLU N      N N N 202 
GLU CA     C N S 203 
GLU C      C N N 204 
GLU O      O N N 205 
GLU CB     C N N 206 
GLU CG     C N N 207 
GLU CD     C N N 208 
GLU OE1    O N N 209 
GLU OE2    O N N 210 
GLU OXT    O N N 211 
GLU H      H N N 212 
GLU H2     H N N 213 
GLU HA     H N N 214 
GLU HB2    H N N 215 
GLU HB3    H N N 216 
GLU HG2    H N N 217 
GLU HG3    H N N 218 
GLU HE2    H N N 219 
GLU HXT    H N N 220 
GLY N      N N N 221 
GLY CA     C N N 222 
GLY C      C N N 223 
GLY O      O N N 224 
GLY OXT    O N N 225 
GLY H      H N N 226 
GLY H2     H N N 227 
GLY HA2    H N N 228 
GLY HA3    H N N 229 
GLY HXT    H N N 230 
HIS N      N N N 231 
HIS CA     C N S 232 
HIS C      C N N 233 
HIS O      O N N 234 
HIS CB     C N N 235 
HIS CG     C Y N 236 
HIS ND1    N Y N 237 
HIS CD2    C Y N 238 
HIS CE1    C Y N 239 
HIS NE2    N Y N 240 
HIS OXT    O N N 241 
HIS H      H N N 242 
HIS H2     H N N 243 
HIS HA     H N N 244 
HIS HB2    H N N 245 
HIS HB3    H N N 246 
HIS HD1    H N N 247 
HIS HD2    H N N 248 
HIS HE1    H N N 249 
HIS HE2    H N N 250 
HIS HXT    H N N 251 
HOH O      O N N 252 
HOH H1     H N N 253 
HOH H2     H N N 254 
ILE N      N N N 255 
ILE CA     C N S 256 
ILE C      C N N 257 
ILE O      O N N 258 
ILE CB     C N S 259 
ILE CG1    C N N 260 
ILE CG2    C N N 261 
ILE CD1    C N N 262 
ILE OXT    O N N 263 
ILE H      H N N 264 
ILE H2     H N N 265 
ILE HA     H N N 266 
ILE HB     H N N 267 
ILE HG12   H N N 268 
ILE HG13   H N N 269 
ILE HG21   H N N 270 
ILE HG22   H N N 271 
ILE HG23   H N N 272 
ILE HD11   H N N 273 
ILE HD12   H N N 274 
ILE HD13   H N N 275 
ILE HXT    H N N 276 
LEU N      N N N 277 
LEU CA     C N S 278 
LEU C      C N N 279 
LEU O      O N N 280 
LEU CB     C N N 281 
LEU CG     C N N 282 
LEU CD1    C N N 283 
LEU CD2    C N N 284 
LEU OXT    O N N 285 
LEU H      H N N 286 
LEU H2     H N N 287 
LEU HA     H N N 288 
LEU HB2    H N N 289 
LEU HB3    H N N 290 
LEU HG     H N N 291 
LEU HD11   H N N 292 
LEU HD12   H N N 293 
LEU HD13   H N N 294 
LEU HD21   H N N 295 
LEU HD22   H N N 296 
LEU HD23   H N N 297 
LEU HXT    H N N 298 
LYS N      N N N 299 
LYS CA     C N S 300 
LYS C      C N N 301 
LYS O      O N N 302 
LYS CB     C N N 303 
LYS CG     C N N 304 
LYS CD     C N N 305 
LYS CE     C N N 306 
LYS NZ     N N N 307 
LYS OXT    O N N 308 
LYS H      H N N 309 
LYS H2     H N N 310 
LYS HA     H N N 311 
LYS HB2    H N N 312 
LYS HB3    H N N 313 
LYS HG2    H N N 314 
LYS HG3    H N N 315 
LYS HD2    H N N 316 
LYS HD3    H N N 317 
LYS HE2    H N N 318 
LYS HE3    H N N 319 
LYS HZ1    H N N 320 
LYS HZ2    H N N 321 
LYS HZ3    H N N 322 
LYS HXT    H N N 323 
MET N      N N N 324 
MET CA     C N S 325 
MET C      C N N 326 
MET O      O N N 327 
MET CB     C N N 328 
MET CG     C N N 329 
MET SD     S N N 330 
MET CE     C N N 331 
MET OXT    O N N 332 
MET H      H N N 333 
MET H2     H N N 334 
MET HA     H N N 335 
MET HB2    H N N 336 
MET HB3    H N N 337 
MET HG2    H N N 338 
MET HG3    H N N 339 
MET HE1    H N N 340 
MET HE2    H N N 341 
MET HE3    H N N 342 
MET HXT    H N N 343 
PHE N      N N N 344 
PHE CA     C N S 345 
PHE C      C N N 346 
PHE O      O N N 347 
PHE CB     C N N 348 
PHE CG     C Y N 349 
PHE CD1    C Y N 350 
PHE CD2    C Y N 351 
PHE CE1    C Y N 352 
PHE CE2    C Y N 353 
PHE CZ     C Y N 354 
PHE OXT    O N N 355 
PHE H      H N N 356 
PHE H2     H N N 357 
PHE HA     H N N 358 
PHE HB2    H N N 359 
PHE HB3    H N N 360 
PHE HD1    H N N 361 
PHE HD2    H N N 362 
PHE HE1    H N N 363 
PHE HE2    H N N 364 
PHE HZ     H N N 365 
PHE HXT    H N N 366 
PRO N      N N N 367 
PRO CA     C N S 368 
PRO C      C N N 369 
PRO O      O N N 370 
PRO CB     C N N 371 
PRO CG     C N N 372 
PRO CD     C N N 373 
PRO OXT    O N N 374 
PRO H      H N N 375 
PRO HA     H N N 376 
PRO HB2    H N N 377 
PRO HB3    H N N 378 
PRO HG2    H N N 379 
PRO HG3    H N N 380 
PRO HD2    H N N 381 
PRO HD3    H N N 382 
PRO HXT    H N N 383 
SER N      N N N 384 
SER CA     C N S 385 
SER C      C N N 386 
SER O      O N N 387 
SER CB     C N N 388 
SER OG     O N N 389 
SER OXT    O N N 390 
SER H      H N N 391 
SER H2     H N N 392 
SER HA     H N N 393 
SER HB2    H N N 394 
SER HB3    H N N 395 
SER HG     H N N 396 
SER HXT    H N N 397 
T3Q O4     O N N 398 
T3Q C4     C N N 399 
T3Q N3     N N N 400 
T3Q C2     C N N 401 
T3Q O2     O N N 402 
T3Q C5     C N N 403 
T3Q C5M    C N N 404 
T3Q C6     C N N 405 
T3Q N1     N N N 406 
T3Q "C1'"  C N R 407 
T3Q "O4'"  O N N 408 
T3Q "C2'"  C N N 409 
T3Q "C3'"  C N S 410 
T3Q "O3'"  O N N 411 
T3Q "C4'"  C N R 412 
T3Q "C5'"  C N N 413 
T3Q "O5'"  O N N 414 
T3Q PA     P N S 415 
T3Q O1A    O N N 416 
T3Q O2A    O N N 417 
T3Q O3A    O N N 418 
T3Q PB     P N S 419 
T3Q O1B    O N N 420 
T3Q O2B    O N N 421 
T3Q O3B    O N N 422 
T3Q O4Q    O N N 423 
T3Q C4Q    C N S 424 
T3Q C5Q    C N R 425 
T3Q O5Q    O N N 426 
T3Q C6Q    C N N 427 
T3Q C3Q    C N S 428 
T3Q N3Q    N N N 429 
T3Q C2Q    C N R 430 
T3Q O2Q    O N N 431 
T3Q C1Q    C N R 432 
T3Q HN3    H N N 433 
T3Q H5M    H N N 434 
T3Q H5MA   H N N 435 
T3Q H5MB   H N N 436 
T3Q H6     H N N 437 
T3Q "H1'"  H N N 438 
T3Q "H2'"  H N N 439 
T3Q "H2'A" H N N 440 
T3Q "H3'"  H N N 441 
T3Q "HO3'" H N N 442 
T3Q "H4'"  H N N 443 
T3Q "H5'"  H N N 444 
T3Q "H5'A" H N N 445 
T3Q HO2A   H N N 446 
T3Q HO1B   H N N 447 
T3Q HO4Q   H N N 448 
T3Q H4Q    H N N 449 
T3Q H5Q    H N N 450 
T3Q H6Q    H N N 451 
T3Q H6QA   H N N 452 
T3Q H6QB   H N N 453 
T3Q H3Q    H N N 454 
T3Q HN3Q   H N N 455 
T3Q HN3A   H N N 456 
T3Q H2Q    H N N 457 
T3Q HO2Q   H N N 458 
T3Q H1Q    H N N 459 
THR N      N N N 460 
THR CA     C N S 461 
THR C      C N N 462 
THR O      O N N 463 
THR CB     C N R 464 
THR OG1    O N N 465 
THR CG2    C N N 466 
THR OXT    O N N 467 
THR H      H N N 468 
THR H2     H N N 469 
THR HA     H N N 470 
THR HB     H N N 471 
THR HG1    H N N 472 
THR HG21   H N N 473 
THR HG22   H N N 474 
THR HG23   H N N 475 
THR HXT    H N N 476 
TRP N      N N N 477 
TRP CA     C N S 478 
TRP C      C N N 479 
TRP O      O N N 480 
TRP CB     C N N 481 
TRP CG     C Y N 482 
TRP CD1    C Y N 483 
TRP CD2    C Y N 484 
TRP NE1    N Y N 485 
TRP CE2    C Y N 486 
TRP CE3    C Y N 487 
TRP CZ2    C Y N 488 
TRP CZ3    C Y N 489 
TRP CH2    C Y N 490 
TRP OXT    O N N 491 
TRP H      H N N 492 
TRP H2     H N N 493 
TRP HA     H N N 494 
TRP HB2    H N N 495 
TRP HB3    H N N 496 
TRP HD1    H N N 497 
TRP HE1    H N N 498 
TRP HE3    H N N 499 
TRP HZ2    H N N 500 
TRP HZ3    H N N 501 
TRP HH2    H N N 502 
TRP HXT    H N N 503 
TYR N      N N N 504 
TYR CA     C N S 505 
TYR C      C N N 506 
TYR O      O N N 507 
TYR CB     C N N 508 
TYR CG     C Y N 509 
TYR CD1    C Y N 510 
TYR CD2    C Y N 511 
TYR CE1    C Y N 512 
TYR CE2    C Y N 513 
TYR CZ     C Y N 514 
TYR OH     O N N 515 
TYR OXT    O N N 516 
TYR H      H N N 517 
TYR H2     H N N 518 
TYR HA     H N N 519 
TYR HB2    H N N 520 
TYR HB3    H N N 521 
TYR HD1    H N N 522 
TYR HD2    H N N 523 
TYR HE1    H N N 524 
TYR HE2    H N N 525 
TYR HH     H N N 526 
TYR HXT    H N N 527 
VAL N      N N N 528 
VAL CA     C N S 529 
VAL C      C N N 530 
VAL O      O N N 531 
VAL CB     C N N 532 
VAL CG1    C N N 533 
VAL CG2    C N N 534 
VAL OXT    O N N 535 
VAL H      H N N 536 
VAL H2     H N N 537 
VAL HA     H N N 538 
VAL HB     H N N 539 
VAL HG11   H N N 540 
VAL HG12   H N N 541 
VAL HG13   H N N 542 
VAL HG21   H N N 543 
VAL HG22   H N N 544 
VAL HG23   H N N 545 
VAL HXT    H N N 546 
# 
loop_
_chem_comp_bond.comp_id 
_chem_comp_bond.atom_id_1 
_chem_comp_bond.atom_id_2 
_chem_comp_bond.value_order 
_chem_comp_bond.pdbx_aromatic_flag 
_chem_comp_bond.pdbx_stereo_config 
_chem_comp_bond.pdbx_ordinal 
ALA N     CA     sing N N 1   
ALA N     H      sing N N 2   
ALA N     H2     sing N N 3   
ALA CA    C      sing N N 4   
ALA CA    CB     sing N N 5   
ALA CA    HA     sing N N 6   
ALA C     O      doub N N 7   
ALA C     OXT    sing N N 8   
ALA CB    HB1    sing N N 9   
ALA CB    HB2    sing N N 10  
ALA CB    HB3    sing N N 11  
ALA OXT   HXT    sing N N 12  
ARG N     CA     sing N N 13  
ARG N     H      sing N N 14  
ARG N     H2     sing N N 15  
ARG CA    C      sing N N 16  
ARG CA    CB     sing N N 17  
ARG CA    HA     sing N N 18  
ARG C     O      doub N N 19  
ARG C     OXT    sing N N 20  
ARG CB    CG     sing N N 21  
ARG CB    HB2    sing N N 22  
ARG CB    HB3    sing N N 23  
ARG CG    CD     sing N N 24  
ARG CG    HG2    sing N N 25  
ARG CG    HG3    sing N N 26  
ARG CD    NE     sing N N 27  
ARG CD    HD2    sing N N 28  
ARG CD    HD3    sing N N 29  
ARG NE    CZ     sing N N 30  
ARG NE    HE     sing N N 31  
ARG CZ    NH1    sing N N 32  
ARG CZ    NH2    doub N N 33  
ARG NH1   HH11   sing N N 34  
ARG NH1   HH12   sing N N 35  
ARG NH2   HH21   sing N N 36  
ARG NH2   HH22   sing N N 37  
ARG OXT   HXT    sing N N 38  
ASN N     CA     sing N N 39  
ASN N     H      sing N N 40  
ASN N     H2     sing N N 41  
ASN CA    C      sing N N 42  
ASN CA    CB     sing N N 43  
ASN CA    HA     sing N N 44  
ASN C     O      doub N N 45  
ASN C     OXT    sing N N 46  
ASN CB    CG     sing N N 47  
ASN CB    HB2    sing N N 48  
ASN CB    HB3    sing N N 49  
ASN CG    OD1    doub N N 50  
ASN CG    ND2    sing N N 51  
ASN ND2   HD21   sing N N 52  
ASN ND2   HD22   sing N N 53  
ASN OXT   HXT    sing N N 54  
ASP N     CA     sing N N 55  
ASP N     H      sing N N 56  
ASP N     H2     sing N N 57  
ASP CA    C      sing N N 58  
ASP CA    CB     sing N N 59  
ASP CA    HA     sing N N 60  
ASP C     O      doub N N 61  
ASP C     OXT    sing N N 62  
ASP CB    CG     sing N N 63  
ASP CB    HB2    sing N N 64  
ASP CB    HB3    sing N N 65  
ASP CG    OD1    doub N N 66  
ASP CG    OD2    sing N N 67  
ASP OD2   HD2    sing N N 68  
ASP OXT   HXT    sing N N 69  
COA N1A   C2A    sing Y N 70  
COA N1A   C6A    doub Y N 71  
COA C2A   N3A    doub Y N 72  
COA C2A   H2A    sing N N 73  
COA N3A   C4A    sing Y N 74  
COA C4A   C5A    doub Y N 75  
COA C4A   N9A    sing Y N 76  
COA C5A   C6A    sing Y N 77  
COA C5A   N7A    sing Y N 78  
COA C6A   N6A    sing N N 79  
COA N6A   H61A   sing N N 80  
COA N6A   H62A   sing N N 81  
COA N7A   C8A    doub Y N 82  
COA C8A   N9A    sing Y N 83  
COA C8A   H8A    sing N N 84  
COA N9A   C1B    sing N N 85  
COA C1B   C2B    sing N N 86  
COA C1B   O4B    sing N N 87  
COA C1B   H1B    sing N N 88  
COA C2B   O2B    sing N N 89  
COA C2B   C3B    sing N N 90  
COA C2B   H2B    sing N N 91  
COA O2B   HO2A   sing N N 92  
COA C3B   O3B    sing N N 93  
COA C3B   C4B    sing N N 94  
COA C3B   H3B    sing N N 95  
COA O3B   P3B    sing N N 96  
COA P3B   O7A    doub N N 97  
COA P3B   O8A    sing N N 98  
COA P3B   O9A    sing N N 99  
COA O8A   HOA8   sing N N 100 
COA O9A   HOA9   sing N N 101 
COA C4B   O4B    sing N N 102 
COA C4B   C5B    sing N N 103 
COA C4B   H4B    sing N N 104 
COA C5B   O5B    sing N N 105 
COA C5B   H51A   sing N N 106 
COA C5B   H52A   sing N N 107 
COA O5B   P1A    sing N N 108 
COA P1A   O1A    doub N N 109 
COA P1A   O2A    sing N N 110 
COA P1A   O3A    sing N N 111 
COA O2A   HOA2   sing N N 112 
COA O3A   P2A    sing N N 113 
COA P2A   O4A    doub N N 114 
COA P2A   O5A    sing N N 115 
COA P2A   O6A    sing N N 116 
COA O5A   HOA5   sing N N 117 
COA O6A   CCP    sing N N 118 
COA CBP   CCP    sing N N 119 
COA CBP   CDP    sing N N 120 
COA CBP   CEP    sing N N 121 
COA CBP   CAP    sing N N 122 
COA CCP   H121   sing N N 123 
COA CCP   H122   sing N N 124 
COA CDP   H131   sing N N 125 
COA CDP   H132   sing N N 126 
COA CDP   H133   sing N N 127 
COA CEP   H141   sing N N 128 
COA CEP   H142   sing N N 129 
COA CEP   H143   sing N N 130 
COA CAP   OAP    sing N N 131 
COA CAP   C9P    sing N N 132 
COA CAP   H10    sing N N 133 
COA OAP   HO1    sing N N 134 
COA C9P   O9P    doub N N 135 
COA C9P   N8P    sing N N 136 
COA N8P   C7P    sing N N 137 
COA N8P   HN8    sing N N 138 
COA C7P   C6P    sing N N 139 
COA C7P   H71    sing N N 140 
COA C7P   H72    sing N N 141 
COA C6P   C5P    sing N N 142 
COA C6P   H61    sing N N 143 
COA C6P   H62    sing N N 144 
COA C5P   O5P    doub N N 145 
COA C5P   N4P    sing N N 146 
COA N4P   C3P    sing N N 147 
COA N4P   HN4    sing N N 148 
COA C3P   C2P    sing N N 149 
COA C3P   H31    sing N N 150 
COA C3P   H32    sing N N 151 
COA C2P   S1P    sing N N 152 
COA C2P   H21    sing N N 153 
COA C2P   H22    sing N N 154 
COA S1P   HS1    sing N N 155 
CYS N     CA     sing N N 156 
CYS N     H      sing N N 157 
CYS N     H2     sing N N 158 
CYS CA    C      sing N N 159 
CYS CA    CB     sing N N 160 
CYS CA    HA     sing N N 161 
CYS C     O      doub N N 162 
CYS C     OXT    sing N N 163 
CYS CB    SG     sing N N 164 
CYS CB    HB2    sing N N 165 
CYS CB    HB3    sing N N 166 
CYS SG    HG     sing N N 167 
CYS OXT   HXT    sing N N 168 
EDO C1    O1     sing N N 169 
EDO C1    C2     sing N N 170 
EDO C1    H11    sing N N 171 
EDO C1    H12    sing N N 172 
EDO O1    HO1    sing N N 173 
EDO C2    O2     sing N N 174 
EDO C2    H21    sing N N 175 
EDO C2    H22    sing N N 176 
EDO O2    HO2    sing N N 177 
GLN N     CA     sing N N 178 
GLN N     H      sing N N 179 
GLN N     H2     sing N N 180 
GLN CA    C      sing N N 181 
GLN CA    CB     sing N N 182 
GLN CA    HA     sing N N 183 
GLN C     O      doub N N 184 
GLN C     OXT    sing N N 185 
GLN CB    CG     sing N N 186 
GLN CB    HB2    sing N N 187 
GLN CB    HB3    sing N N 188 
GLN CG    CD     sing N N 189 
GLN CG    HG2    sing N N 190 
GLN CG    HG3    sing N N 191 
GLN CD    OE1    doub N N 192 
GLN CD    NE2    sing N N 193 
GLN NE2   HE21   sing N N 194 
GLN NE2   HE22   sing N N 195 
GLN OXT   HXT    sing N N 196 
GLU N     CA     sing N N 197 
GLU N     H      sing N N 198 
GLU N     H2     sing N N 199 
GLU CA    C      sing N N 200 
GLU CA    CB     sing N N 201 
GLU CA    HA     sing N N 202 
GLU C     O      doub N N 203 
GLU C     OXT    sing N N 204 
GLU CB    CG     sing N N 205 
GLU CB    HB2    sing N N 206 
GLU CB    HB3    sing N N 207 
GLU CG    CD     sing N N 208 
GLU CG    HG2    sing N N 209 
GLU CG    HG3    sing N N 210 
GLU CD    OE1    doub N N 211 
GLU CD    OE2    sing N N 212 
GLU OE2   HE2    sing N N 213 
GLU OXT   HXT    sing N N 214 
GLY N     CA     sing N N 215 
GLY N     H      sing N N 216 
GLY N     H2     sing N N 217 
GLY CA    C      sing N N 218 
GLY CA    HA2    sing N N 219 
GLY CA    HA3    sing N N 220 
GLY C     O      doub N N 221 
GLY C     OXT    sing N N 222 
GLY OXT   HXT    sing N N 223 
HIS N     CA     sing N N 224 
HIS N     H      sing N N 225 
HIS N     H2     sing N N 226 
HIS CA    C      sing N N 227 
HIS CA    CB     sing N N 228 
HIS CA    HA     sing N N 229 
HIS C     O      doub N N 230 
HIS C     OXT    sing N N 231 
HIS CB    CG     sing N N 232 
HIS CB    HB2    sing N N 233 
HIS CB    HB3    sing N N 234 
HIS CG    ND1    sing Y N 235 
HIS CG    CD2    doub Y N 236 
HIS ND1   CE1    doub Y N 237 
HIS ND1   HD1    sing N N 238 
HIS CD2   NE2    sing Y N 239 
HIS CD2   HD2    sing N N 240 
HIS CE1   NE2    sing Y N 241 
HIS CE1   HE1    sing N N 242 
HIS NE2   HE2    sing N N 243 
HIS OXT   HXT    sing N N 244 
HOH O     H1     sing N N 245 
HOH O     H2     sing N N 246 
ILE N     CA     sing N N 247 
ILE N     H      sing N N 248 
ILE N     H2     sing N N 249 
ILE CA    C      sing N N 250 
ILE CA    CB     sing N N 251 
ILE CA    HA     sing N N 252 
ILE C     O      doub N N 253 
ILE C     OXT    sing N N 254 
ILE CB    CG1    sing N N 255 
ILE CB    CG2    sing N N 256 
ILE CB    HB     sing N N 257 
ILE CG1   CD1    sing N N 258 
ILE CG1   HG12   sing N N 259 
ILE CG1   HG13   sing N N 260 
ILE CG2   HG21   sing N N 261 
ILE CG2   HG22   sing N N 262 
ILE CG2   HG23   sing N N 263 
ILE CD1   HD11   sing N N 264 
ILE CD1   HD12   sing N N 265 
ILE CD1   HD13   sing N N 266 
ILE OXT   HXT    sing N N 267 
LEU N     CA     sing N N 268 
LEU N     H      sing N N 269 
LEU N     H2     sing N N 270 
LEU CA    C      sing N N 271 
LEU CA    CB     sing N N 272 
LEU CA    HA     sing N N 273 
LEU C     O      doub N N 274 
LEU C     OXT    sing N N 275 
LEU CB    CG     sing N N 276 
LEU CB    HB2    sing N N 277 
LEU CB    HB3    sing N N 278 
LEU CG    CD1    sing N N 279 
LEU CG    CD2    sing N N 280 
LEU CG    HG     sing N N 281 
LEU CD1   HD11   sing N N 282 
LEU CD1   HD12   sing N N 283 
LEU CD1   HD13   sing N N 284 
LEU CD2   HD21   sing N N 285 
LEU CD2   HD22   sing N N 286 
LEU CD2   HD23   sing N N 287 
LEU OXT   HXT    sing N N 288 
LYS N     CA     sing N N 289 
LYS N     H      sing N N 290 
LYS N     H2     sing N N 291 
LYS CA    C      sing N N 292 
LYS CA    CB     sing N N 293 
LYS CA    HA     sing N N 294 
LYS C     O      doub N N 295 
LYS C     OXT    sing N N 296 
LYS CB    CG     sing N N 297 
LYS CB    HB2    sing N N 298 
LYS CB    HB3    sing N N 299 
LYS CG    CD     sing N N 300 
LYS CG    HG2    sing N N 301 
LYS CG    HG3    sing N N 302 
LYS CD    CE     sing N N 303 
LYS CD    HD2    sing N N 304 
LYS CD    HD3    sing N N 305 
LYS CE    NZ     sing N N 306 
LYS CE    HE2    sing N N 307 
LYS CE    HE3    sing N N 308 
LYS NZ    HZ1    sing N N 309 
LYS NZ    HZ2    sing N N 310 
LYS NZ    HZ3    sing N N 311 
LYS OXT   HXT    sing N N 312 
MET N     CA     sing N N 313 
MET N     H      sing N N 314 
MET N     H2     sing N N 315 
MET CA    C      sing N N 316 
MET CA    CB     sing N N 317 
MET CA    HA     sing N N 318 
MET C     O      doub N N 319 
MET C     OXT    sing N N 320 
MET CB    CG     sing N N 321 
MET CB    HB2    sing N N 322 
MET CB    HB3    sing N N 323 
MET CG    SD     sing N N 324 
MET CG    HG2    sing N N 325 
MET CG    HG3    sing N N 326 
MET SD    CE     sing N N 327 
MET CE    HE1    sing N N 328 
MET CE    HE2    sing N N 329 
MET CE    HE3    sing N N 330 
MET OXT   HXT    sing N N 331 
PHE N     CA     sing N N 332 
PHE N     H      sing N N 333 
PHE N     H2     sing N N 334 
PHE CA    C      sing N N 335 
PHE CA    CB     sing N N 336 
PHE CA    HA     sing N N 337 
PHE C     O      doub N N 338 
PHE C     OXT    sing N N 339 
PHE CB    CG     sing N N 340 
PHE CB    HB2    sing N N 341 
PHE CB    HB3    sing N N 342 
PHE CG    CD1    doub Y N 343 
PHE CG    CD2    sing Y N 344 
PHE CD1   CE1    sing Y N 345 
PHE CD1   HD1    sing N N 346 
PHE CD2   CE2    doub Y N 347 
PHE CD2   HD2    sing N N 348 
PHE CE1   CZ     doub Y N 349 
PHE CE1   HE1    sing N N 350 
PHE CE2   CZ     sing Y N 351 
PHE CE2   HE2    sing N N 352 
PHE CZ    HZ     sing N N 353 
PHE OXT   HXT    sing N N 354 
PRO N     CA     sing N N 355 
PRO N     CD     sing N N 356 
PRO N     H      sing N N 357 
PRO CA    C      sing N N 358 
PRO CA    CB     sing N N 359 
PRO CA    HA     sing N N 360 
PRO C     O      doub N N 361 
PRO C     OXT    sing N N 362 
PRO CB    CG     sing N N 363 
PRO CB    HB2    sing N N 364 
PRO CB    HB3    sing N N 365 
PRO CG    CD     sing N N 366 
PRO CG    HG2    sing N N 367 
PRO CG    HG3    sing N N 368 
PRO CD    HD2    sing N N 369 
PRO CD    HD3    sing N N 370 
PRO OXT   HXT    sing N N 371 
SER N     CA     sing N N 372 
SER N     H      sing N N 373 
SER N     H2     sing N N 374 
SER CA    C      sing N N 375 
SER CA    CB     sing N N 376 
SER CA    HA     sing N N 377 
SER C     O      doub N N 378 
SER C     OXT    sing N N 379 
SER CB    OG     sing N N 380 
SER CB    HB2    sing N N 381 
SER CB    HB3    sing N N 382 
SER OG    HG     sing N N 383 
SER OXT   HXT    sing N N 384 
T3Q O4    C4     doub N N 385 
T3Q N3    C4     sing N N 386 
T3Q C4    C5     sing N N 387 
T3Q N3    C2     sing N N 388 
T3Q N3    HN3    sing N N 389 
T3Q O2    C2     doub N N 390 
T3Q C2    N1     sing N N 391 
T3Q C5    C5M    sing N N 392 
T3Q C5    C6     doub N N 393 
T3Q C5M   H5M    sing N N 394 
T3Q C5M   H5MA   sing N N 395 
T3Q C5M   H5MB   sing N N 396 
T3Q N1    C6     sing N N 397 
T3Q C6    H6     sing N N 398 
T3Q N1    "C1'"  sing N N 399 
T3Q "C1'" "O4'"  sing N N 400 
T3Q "C1'" "C2'"  sing N N 401 
T3Q "C1'" "H1'"  sing N N 402 
T3Q "O4'" "C4'"  sing N N 403 
T3Q "C2'" "C3'"  sing N N 404 
T3Q "C2'" "H2'"  sing N N 405 
T3Q "C2'" "H2'A" sing N N 406 
T3Q "C4'" "C3'"  sing N N 407 
T3Q "C3'" "O3'"  sing N N 408 
T3Q "C3'" "H3'"  sing N N 409 
T3Q "O3'" "HO3'" sing N N 410 
T3Q "C4'" "C5'"  sing N N 411 
T3Q "C4'" "H4'"  sing N N 412 
T3Q "O5'" "C5'"  sing N N 413 
T3Q "C5'" "H5'"  sing N N 414 
T3Q "C5'" "H5'A" sing N N 415 
T3Q "O5'" PA     sing N N 416 
T3Q O1A   PA     doub N N 417 
T3Q O2A   PA     sing N N 418 
T3Q PA    O3A    sing N N 419 
T3Q O2A   HO2A   sing N N 420 
T3Q O3A   PB     sing N N 421 
T3Q O2B   PB     doub N N 422 
T3Q O1B   PB     sing N N 423 
T3Q PB    O3B    sing N N 424 
T3Q O1B   HO1B   sing N N 425 
T3Q O3B   C1Q    sing N N 426 
T3Q C4Q   O4Q    sing N N 427 
T3Q O4Q   HO4Q   sing N N 428 
T3Q C5Q   C4Q    sing N N 429 
T3Q C3Q   C4Q    sing N N 430 
T3Q C4Q   H4Q    sing N N 431 
T3Q O5Q   C5Q    sing N N 432 
T3Q C5Q   C6Q    sing N N 433 
T3Q C5Q   H5Q    sing N N 434 
T3Q C1Q   O5Q    sing N N 435 
T3Q C6Q   H6Q    sing N N 436 
T3Q C6Q   H6QA   sing N N 437 
T3Q C6Q   H6QB   sing N N 438 
T3Q C2Q   C3Q    sing N N 439 
T3Q C3Q   N3Q    sing N N 440 
T3Q C3Q   H3Q    sing N N 441 
T3Q N3Q   HN3Q   sing N N 442 
T3Q N3Q   HN3A   sing N N 443 
T3Q O2Q   C2Q    sing N N 444 
T3Q C1Q   C2Q    sing N N 445 
T3Q C2Q   H2Q    sing N N 446 
T3Q O2Q   HO2Q   sing N N 447 
T3Q C1Q   H1Q    sing N N 448 
THR N     CA     sing N N 449 
THR N     H      sing N N 450 
THR N     H2     sing N N 451 
THR CA    C      sing N N 452 
THR CA    CB     sing N N 453 
THR CA    HA     sing N N 454 
THR C     O      doub N N 455 
THR C     OXT    sing N N 456 
THR CB    OG1    sing N N 457 
THR CB    CG2    sing N N 458 
THR CB    HB     sing N N 459 
THR OG1   HG1    sing N N 460 
THR CG2   HG21   sing N N 461 
THR CG2   HG22   sing N N 462 
THR CG2   HG23   sing N N 463 
THR OXT   HXT    sing N N 464 
TRP N     CA     sing N N 465 
TRP N     H      sing N N 466 
TRP N     H2     sing N N 467 
TRP CA    C      sing N N 468 
TRP CA    CB     sing N N 469 
TRP CA    HA     sing N N 470 
TRP C     O      doub N N 471 
TRP C     OXT    sing N N 472 
TRP CB    CG     sing N N 473 
TRP CB    HB2    sing N N 474 
TRP CB    HB3    sing N N 475 
TRP CG    CD1    doub Y N 476 
TRP CG    CD2    sing Y N 477 
TRP CD1   NE1    sing Y N 478 
TRP CD1   HD1    sing N N 479 
TRP CD2   CE2    doub Y N 480 
TRP CD2   CE3    sing Y N 481 
TRP NE1   CE2    sing Y N 482 
TRP NE1   HE1    sing N N 483 
TRP CE2   CZ2    sing Y N 484 
TRP CE3   CZ3    doub Y N 485 
TRP CE3   HE3    sing N N 486 
TRP CZ2   CH2    doub Y N 487 
TRP CZ2   HZ2    sing N N 488 
TRP CZ3   CH2    sing Y N 489 
TRP CZ3   HZ3    sing N N 490 
TRP CH2   HH2    sing N N 491 
TRP OXT   HXT    sing N N 492 
TYR N     CA     sing N N 493 
TYR N     H      sing N N 494 
TYR N     H2     sing N N 495 
TYR CA    C      sing N N 496 
TYR CA    CB     sing N N 497 
TYR CA    HA     sing N N 498 
TYR C     O      doub N N 499 
TYR C     OXT    sing N N 500 
TYR CB    CG     sing N N 501 
TYR CB    HB2    sing N N 502 
TYR CB    HB3    sing N N 503 
TYR CG    CD1    doub Y N 504 
TYR CG    CD2    sing Y N 505 
TYR CD1   CE1    sing Y N 506 
TYR CD1   HD1    sing N N 507 
TYR CD2   CE2    doub Y N 508 
TYR CD2   HD2    sing N N 509 
TYR CE1   CZ     doub Y N 510 
TYR CE1   HE1    sing N N 511 
TYR CE2   CZ     sing Y N 512 
TYR CE2   HE2    sing N N 513 
TYR CZ    OH     sing N N 514 
TYR OH    HH     sing N N 515 
TYR OXT   HXT    sing N N 516 
VAL N     CA     sing N N 517 
VAL N     H      sing N N 518 
VAL N     H2     sing N N 519 
VAL CA    C      sing N N 520 
VAL CA    CB     sing N N 521 
VAL CA    HA     sing N N 522 
VAL C     O      doub N N 523 
VAL C     OXT    sing N N 524 
VAL CB    CG1    sing N N 525 
VAL CB    CG2    sing N N 526 
VAL CB    HB     sing N N 527 
VAL CG1   HG11   sing N N 528 
VAL CG1   HG12   sing N N 529 
VAL CG1   HG13   sing N N 530 
VAL CG2   HG21   sing N N 531 
VAL CG2   HG22   sing N N 532 
VAL CG2   HG23   sing N N 533 
VAL OXT   HXT    sing N N 534 
# 
_pdbx_audit_support.funding_organization   
'National Institutes of Health/National Institute of General Medical Sciences (NIH/NIGMS)' 
_pdbx_audit_support.country                'United States' 
_pdbx_audit_support.grant_number           'R35 GM134643' 
_pdbx_audit_support.ordinal                1 
# 
loop_
_pdbx_entity_instance_feature.ordinal 
_pdbx_entity_instance_feature.comp_id 
_pdbx_entity_instance_feature.asym_id 
_pdbx_entity_instance_feature.seq_num 
_pdbx_entity_instance_feature.auth_comp_id 
_pdbx_entity_instance_feature.auth_asym_id 
_pdbx_entity_instance_feature.auth_seq_num 
_pdbx_entity_instance_feature.feature_type 
_pdbx_entity_instance_feature.details 
1 T3Q ? ? T3Q ? ? 'SUBJECT OF INVESTIGATION' ? 
2 COA ? ? COA ? ? 'SUBJECT OF INVESTIGATION' ? 
# 
loop_
_pdbx_entity_nonpoly.entity_id 
_pdbx_entity_nonpoly.name 
_pdbx_entity_nonpoly.comp_id 
2 'COENZYME A' COA 
3 
;[(3R,4S,5S,6R)-4-amino-3,5-dihydroxy-6-methyloxan-2-yl][hydroxy-[[(2R,3S,5R)-3-hydroxy-5-(5-methyl-2,4-dioxopyrimidin-1-yl)oxolan-2-yl]methoxy]phosphoryl] hydrogen phosphate
;
T3Q 
4 1,2-ETHANEDIOL EDO 
5 water HOH 
# 
_pdbx_initial_refinement_model.id               1 
_pdbx_initial_refinement_model.entity_id_list   ? 
_pdbx_initial_refinement_model.type             'experimental model' 
_pdbx_initial_refinement_model.source_name      PDB 
_pdbx_initial_refinement_model.accession_code   4MZU 
_pdbx_initial_refinement_model.details          ? 
# 
_pdbx_struct_assembly_auth_evidence.id                     1 
_pdbx_struct_assembly_auth_evidence.assembly_id            1 
_pdbx_struct_assembly_auth_evidence.experimental_support   homology 
_pdbx_struct_assembly_auth_evidence.details                ? 
# 
